data_2DFE
# 
_entry.id   2DFE 
# 
_audit_conform.dict_name       mmcif_pdbx.dic 
_audit_conform.dict_version    5.380 
_audit_conform.dict_location   http://mmcif.pdb.org/dictionaries/ascii/mmcif_pdbx.dic 
# 
loop_
_database_2.database_id 
_database_2.database_code 
_database_2.pdbx_database_accession 
_database_2.pdbx_DOI 
PDB   2DFE         pdb_00002dfe 10.2210/pdb2dfe/pdb 
RCSB  RCSB025353   ?            ?                   
WWPDB D_1000025353 ?            ?                   
# 
loop_
_pdbx_database_related.db_name 
_pdbx_database_related.db_id 
_pdbx_database_related.details 
_pdbx_database_related.content_type 
PDB 1IO2 'The wild form of the same protein'      unspecified 
PDB 2DFF 'The longer variant of the same protein' unspecified 
PDB 2DFG 'The longer variant of the same protein' unspecified 
PDB 2DFH 'The longer variant of the same protein' unspecified 
# 
_pdbx_database_status.status_code                     REL 
_pdbx_database_status.entry_id                        2DFE 
_pdbx_database_status.recvd_initial_deposition_date   2006-03-01 
_pdbx_database_status.deposit_site                    PDBJ 
_pdbx_database_status.process_site                    PDBJ 
_pdbx_database_status.status_code_sf                  REL 
_pdbx_database_status.status_code_mr                  ? 
_pdbx_database_status.SG_entry                        ? 
_pdbx_database_status.pdb_format_compatible           Y 
_pdbx_database_status.status_code_cs                  ? 
_pdbx_database_status.status_code_nmr_data            ? 
_pdbx_database_status.methods_development_category    ? 
# 
loop_
_audit_author.name 
_audit_author.pdbx_ordinal 
'Katagiri, Y.'  1 
'Takano, K.'    2 
'Chon, H.'      3 
'Matsumura, H.' 4 
'Koga, Y.'      5 
'Kanaya, S.'    6 
# 
_citation.id                        primary 
_citation.title                     'Conformational contagion in a protein: Structural properties of a chameleon sequence' 
_citation.journal_abbrev            Proteins 
_citation.journal_volume            68 
_citation.page_first                617 
_citation.page_last                 625 
_citation.year                      2007 
_citation.journal_id_ASTM           PSFGEY 
_citation.country                   US 
_citation.journal_id_ISSN           0887-3585 
_citation.journal_id_CSD            0867 
_citation.book_publisher            ? 
_citation.pdbx_database_id_PubMed   17510955 
_citation.pdbx_database_id_DOI      10.1002/prot.21451 
# 
loop_
_citation_author.citation_id 
_citation_author.name 
_citation_author.ordinal 
_citation_author.identifier_ORCID 
primary 'Takano, K.'    1 ? 
primary 'Katagiri, Y.'  2 ? 
primary 'Mukaiyama, A.' 3 ? 
primary 'Chon, H.'      4 ? 
primary 'Matsumura, H.' 5 ? 
primary 'Koga, Y.'      6 ? 
primary 'Kanaya, S.'    7 ? 
# 
_cell.entry_id           2DFE 
_cell.length_a           61.570 
_cell.length_b           67.990 
_cell.length_c           44.580 
_cell.angle_alpha        90.00 
_cell.angle_beta         90.00 
_cell.angle_gamma        90.00 
_cell.Z_PDB              4 
_cell.pdbx_unique_axis   ? 
_cell.length_a_esd       ? 
_cell.length_b_esd       ? 
_cell.length_c_esd       ? 
_cell.angle_alpha_esd    ? 
_cell.angle_beta_esd     ? 
_cell.angle_gamma_esd    ? 
# 
_symmetry.entry_id                         2DFE 
_symmetry.space_group_name_H-M             'P 21 21 21' 
_symmetry.pdbx_full_space_group_name_H-M   ? 
_symmetry.cell_setting                     ? 
_symmetry.Int_Tables_number                19 
_symmetry.space_group_name_Hall            ? 
# 
loop_
_entity.id 
_entity.type 
_entity.src_method 
_entity.pdbx_description 
_entity.formula_weight 
_entity.pdbx_number_of_molecules 
_entity.pdbx_ec 
_entity.pdbx_mutation 
_entity.pdbx_fragment 
_entity.details 
1 polymer man 'Ribonuclease HII' 23477.742 1   3.1.26.4 'chameleon sequence' ? ? 
2 water   nat water              18.015    110 ?        ?                    ? ? 
# 
_entity_name_com.entity_id   1 
_entity_name_com.name        'RNase HII' 
# 
_entity_poly.entity_id                      1 
_entity_poly.type                           'polypeptide(L)' 
_entity_poly.nstd_linkage                   no 
_entity_poly.nstd_monomer                   no 
_entity_poly.pdbx_seq_one_letter_code       
;MKIAGIDEAGRGPVIGPMVIAAVVVDENSLPKLEELKVRDSKKLTPKRREKLFNEILGVLDDYVILELPPDVIGSREGTL
NEFEVENFAKALNSLKVKPDVIYADAADVDEERFARELGERLNFEAEVVAKHKADDIFPVVSAASILAKVTRDRAVEKLK
EEYGEIGSGYPSDPRTRAFLENYYREHGEFPPIVRKGWKTTQDMINKST
;
_entity_poly.pdbx_seq_one_letter_code_can   
;MKIAGIDEAGRGPVIGPMVIAAVVVDENSLPKLEELKVRDSKKLTPKRREKLFNEILGVLDDYVILELPPDVIGSREGTL
NEFEVENFAKALNSLKVKPDVIYADAADVDEERFARELGERLNFEAEVVAKHKADDIFPVVSAASILAKVTRDRAVEKLK
EEYGEIGSGYPSDPRTRAFLENYYREHGEFPPIVRKGWKTTQDMINKST
;
_entity_poly.pdbx_strand_id                 A 
_entity_poly.pdbx_target_identifier         ? 
# 
loop_
_entity_poly_seq.entity_id 
_entity_poly_seq.num 
_entity_poly_seq.mon_id 
_entity_poly_seq.hetero 
1 1   MET n 
1 2   LYS n 
1 3   ILE n 
1 4   ALA n 
1 5   GLY n 
1 6   ILE n 
1 7   ASP n 
1 8   GLU n 
1 9   ALA n 
1 10  GLY n 
1 11  ARG n 
1 12  GLY n 
1 13  PRO n 
1 14  VAL n 
1 15  ILE n 
1 16  GLY n 
1 17  PRO n 
1 18  MET n 
1 19  VAL n 
1 20  ILE n 
1 21  ALA n 
1 22  ALA n 
1 23  VAL n 
1 24  VAL n 
1 25  VAL n 
1 26  ASP n 
1 27  GLU n 
1 28  ASN n 
1 29  SER n 
1 30  LEU n 
1 31  PRO n 
1 32  LYS n 
1 33  LEU n 
1 34  GLU n 
1 35  GLU n 
1 36  LEU n 
1 37  LYS n 
1 38  VAL n 
1 39  ARG n 
1 40  ASP n 
1 41  SER n 
1 42  LYS n 
1 43  LYS n 
1 44  LEU n 
1 45  THR n 
1 46  PRO n 
1 47  LYS n 
1 48  ARG n 
1 49  ARG n 
1 50  GLU n 
1 51  LYS n 
1 52  LEU n 
1 53  PHE n 
1 54  ASN n 
1 55  GLU n 
1 56  ILE n 
1 57  LEU n 
1 58  GLY n 
1 59  VAL n 
1 60  LEU n 
1 61  ASP n 
1 62  ASP n 
1 63  TYR n 
1 64  VAL n 
1 65  ILE n 
1 66  LEU n 
1 67  GLU n 
1 68  LEU n 
1 69  PRO n 
1 70  PRO n 
1 71  ASP n 
1 72  VAL n 
1 73  ILE n 
1 74  GLY n 
1 75  SER n 
1 76  ARG n 
1 77  GLU n 
1 78  GLY n 
1 79  THR n 
1 80  LEU n 
1 81  ASN n 
1 82  GLU n 
1 83  PHE n 
1 84  GLU n 
1 85  VAL n 
1 86  GLU n 
1 87  ASN n 
1 88  PHE n 
1 89  ALA n 
1 90  LYS n 
1 91  ALA n 
1 92  LEU n 
1 93  ASN n 
1 94  SER n 
1 95  LEU n 
1 96  LYS n 
1 97  VAL n 
1 98  LYS n 
1 99  PRO n 
1 100 ASP n 
1 101 VAL n 
1 102 ILE n 
1 103 TYR n 
1 104 ALA n 
1 105 ASP n 
1 106 ALA n 
1 107 ALA n 
1 108 ASP n 
1 109 VAL n 
1 110 ASP n 
1 111 GLU n 
1 112 GLU n 
1 113 ARG n 
1 114 PHE n 
1 115 ALA n 
1 116 ARG n 
1 117 GLU n 
1 118 LEU n 
1 119 GLY n 
1 120 GLU n 
1 121 ARG n 
1 122 LEU n 
1 123 ASN n 
1 124 PHE n 
1 125 GLU n 
1 126 ALA n 
1 127 GLU n 
1 128 VAL n 
1 129 VAL n 
1 130 ALA n 
1 131 LYS n 
1 132 HIS n 
1 133 LYS n 
1 134 ALA n 
1 135 ASP n 
1 136 ASP n 
1 137 ILE n 
1 138 PHE n 
1 139 PRO n 
1 140 VAL n 
1 141 VAL n 
1 142 SER n 
1 143 ALA n 
1 144 ALA n 
1 145 SER n 
1 146 ILE n 
1 147 LEU n 
1 148 ALA n 
1 149 LYS n 
1 150 VAL n 
1 151 THR n 
1 152 ARG n 
1 153 ASP n 
1 154 ARG n 
1 155 ALA n 
1 156 VAL n 
1 157 GLU n 
1 158 LYS n 
1 159 LEU n 
1 160 LYS n 
1 161 GLU n 
1 162 GLU n 
1 163 TYR n 
1 164 GLY n 
1 165 GLU n 
1 166 ILE n 
1 167 GLY n 
1 168 SER n 
1 169 GLY n 
1 170 TYR n 
1 171 PRO n 
1 172 SER n 
1 173 ASP n 
1 174 PRO n 
1 175 ARG n 
1 176 THR n 
1 177 ARG n 
1 178 ALA n 
1 179 PHE n 
1 180 LEU n 
1 181 GLU n 
1 182 ASN n 
1 183 TYR n 
1 184 TYR n 
1 185 ARG n 
1 186 GLU n 
1 187 HIS n 
1 188 GLY n 
1 189 GLU n 
1 190 PHE n 
1 191 PRO n 
1 192 PRO n 
1 193 ILE n 
1 194 VAL n 
1 195 ARG n 
1 196 LYS n 
1 197 GLY n 
1 198 TRP n 
1 199 LYS n 
1 200 THR n 
1 201 THR n 
1 202 GLN n 
1 203 ASP n 
1 204 MET n 
1 205 ILE n 
1 206 ASN n 
1 207 LYS n 
1 208 SER n 
1 209 THR n 
# 
_entity_src_gen.entity_id                          1 
_entity_src_gen.pdbx_src_id                        1 
_entity_src_gen.pdbx_alt_source_flag               sample 
_entity_src_gen.pdbx_seq_type                      ? 
_entity_src_gen.pdbx_beg_seq_num                   ? 
_entity_src_gen.pdbx_end_seq_num                   ? 
_entity_src_gen.gene_src_common_name               ? 
_entity_src_gen.gene_src_genus                     Thermococcus 
_entity_src_gen.pdbx_gene_src_gene                 ? 
_entity_src_gen.gene_src_species                   'Thermococcus kodakarensis' 
_entity_src_gen.gene_src_strain                    KOD1 
_entity_src_gen.gene_src_tissue                    ? 
_entity_src_gen.gene_src_tissue_fraction           ? 
_entity_src_gen.gene_src_details                   ? 
_entity_src_gen.pdbx_gene_src_fragment             ? 
_entity_src_gen.pdbx_gene_src_scientific_name      'Thermococcus kodakarensis' 
_entity_src_gen.pdbx_gene_src_ncbi_taxonomy_id     69014 
_entity_src_gen.pdbx_gene_src_variant              ? 
_entity_src_gen.pdbx_gene_src_cell_line            ? 
_entity_src_gen.pdbx_gene_src_atcc                 ? 
_entity_src_gen.pdbx_gene_src_organ                ? 
_entity_src_gen.pdbx_gene_src_organelle            ? 
_entity_src_gen.pdbx_gene_src_cell                 ? 
_entity_src_gen.pdbx_gene_src_cellular_location    ? 
_entity_src_gen.host_org_common_name               ? 
_entity_src_gen.pdbx_host_org_scientific_name      'Escherichia coli' 
_entity_src_gen.pdbx_host_org_ncbi_taxonomy_id     562 
_entity_src_gen.host_org_genus                     Escherichia 
_entity_src_gen.pdbx_host_org_gene                 ? 
_entity_src_gen.pdbx_host_org_organ                ? 
_entity_src_gen.host_org_species                   ? 
_entity_src_gen.pdbx_host_org_tissue               ? 
_entity_src_gen.pdbx_host_org_tissue_fraction      ? 
_entity_src_gen.pdbx_host_org_strain               HB101 
_entity_src_gen.pdbx_host_org_variant              ? 
_entity_src_gen.pdbx_host_org_cell_line            ? 
_entity_src_gen.pdbx_host_org_atcc                 ? 
_entity_src_gen.pdbx_host_org_culture_collection   ? 
_entity_src_gen.pdbx_host_org_cell                 ? 
_entity_src_gen.pdbx_host_org_organelle            ? 
_entity_src_gen.pdbx_host_org_cellular_location    ? 
_entity_src_gen.pdbx_host_org_vector_type          Plasmid 
_entity_src_gen.pdbx_host_org_vector               ? 
_entity_src_gen.host_org_details                   ? 
_entity_src_gen.expression_system_id               ? 
_entity_src_gen.plasmid_name                       pJAL700K-C01 
_entity_src_gen.plasmid_details                    ? 
_entity_src_gen.pdbx_description                   ? 
# 
_struct_ref.id                         1 
_struct_ref.db_name                    UNP 
_struct_ref.db_code                    RNH2_PYRKO 
_struct_ref.pdbx_db_accession          O74035 
_struct_ref.entity_id                  1 
_struct_ref.pdbx_seq_one_letter_code   
;MKIAGIDEAGRGPVIGPMVIAAVVVDENSLPKLEELKVRDSKKLTPKRREKLFNEILGVLDDYVILELPPDVIGSREGTL
NEFEVENFAKALNSLKVKPDVIYADAADVDEERFARELGERLNFEAEVVAKHKADDIFPVVSAASILAKVTRDRAVEKLK
EEYGEIGSGYPSDPRTRAFLENYYREHGEFPPIVRKGWKT
;
_struct_ref.pdbx_align_begin           1 
_struct_ref.pdbx_db_isoform            ? 
# 
_struct_ref_seq.align_id                      1 
_struct_ref_seq.ref_id                        1 
_struct_ref_seq.pdbx_PDB_id_code              2DFE 
_struct_ref_seq.pdbx_strand_id                A 
_struct_ref_seq.seq_align_beg                 1 
_struct_ref_seq.pdbx_seq_align_beg_ins_code   ? 
_struct_ref_seq.seq_align_end                 200 
_struct_ref_seq.pdbx_seq_align_end_ins_code   ? 
_struct_ref_seq.pdbx_db_accession             O74035 
_struct_ref_seq.db_align_beg                  1 
_struct_ref_seq.pdbx_db_align_beg_ins_code    ? 
_struct_ref_seq.db_align_end                  200 
_struct_ref_seq.pdbx_db_align_end_ins_code    ? 
_struct_ref_seq.pdbx_auth_seq_align_beg       1 
_struct_ref_seq.pdbx_auth_seq_align_end       200 
# 
loop_
_struct_ref_seq_dif.align_id 
_struct_ref_seq_dif.pdbx_pdb_id_code 
_struct_ref_seq_dif.mon_id 
_struct_ref_seq_dif.pdbx_pdb_strand_id 
_struct_ref_seq_dif.seq_num 
_struct_ref_seq_dif.pdbx_pdb_ins_code 
_struct_ref_seq_dif.pdbx_seq_db_name 
_struct_ref_seq_dif.pdbx_seq_db_accession_code 
_struct_ref_seq_dif.db_mon_id 
_struct_ref_seq_dif.pdbx_seq_db_seq_num 
_struct_ref_seq_dif.details 
_struct_ref_seq_dif.pdbx_auth_seq_num 
_struct_ref_seq_dif.pdbx_ordinal 
1 2DFE THR A 201 ? UNP O74035 ? ? 'SEE REMARK 999' 201 1 
1 2DFE GLN A 202 ? UNP O74035 ? ? 'SEE REMARK 999' 202 2 
1 2DFE ASP A 203 ? UNP O74035 ? ? 'SEE REMARK 999' 203 3 
1 2DFE MET A 204 ? UNP O74035 ? ? 'SEE REMARK 999' 204 4 
1 2DFE ILE A 205 ? UNP O74035 ? ? 'SEE REMARK 999' 205 5 
1 2DFE ASN A 206 ? UNP O74035 ? ? 'SEE REMARK 999' 206 6 
1 2DFE LYS A 207 ? UNP O74035 ? ? 'SEE REMARK 999' 207 7 
1 2DFE SER A 208 ? UNP O74035 ? ? 'SEE REMARK 999' 208 8 
1 2DFE THR A 209 ? UNP O74035 ? ? 'SEE REMARK 999' 209 9 
# 
loop_
_chem_comp.id 
_chem_comp.type 
_chem_comp.mon_nstd_flag 
_chem_comp.name 
_chem_comp.pdbx_synonyms 
_chem_comp.formula 
_chem_comp.formula_weight 
ALA 'L-peptide linking' y ALANINE         ? 'C3 H7 N O2'     89.093  
ARG 'L-peptide linking' y ARGININE        ? 'C6 H15 N4 O2 1' 175.209 
ASN 'L-peptide linking' y ASPARAGINE      ? 'C4 H8 N2 O3'    132.118 
ASP 'L-peptide linking' y 'ASPARTIC ACID' ? 'C4 H7 N O4'     133.103 
GLN 'L-peptide linking' y GLUTAMINE       ? 'C5 H10 N2 O3'   146.144 
GLU 'L-peptide linking' y 'GLUTAMIC ACID' ? 'C5 H9 N O4'     147.129 
GLY 'peptide linking'   y GLYCINE         ? 'C2 H5 N O2'     75.067  
HIS 'L-peptide linking' y HISTIDINE       ? 'C6 H10 N3 O2 1' 156.162 
HOH non-polymer         . WATER           ? 'H2 O'           18.015  
ILE 'L-peptide linking' y ISOLEUCINE      ? 'C6 H13 N O2'    131.173 
LEU 'L-peptide linking' y LEUCINE         ? 'C6 H13 N O2'    131.173 
LYS 'L-peptide linking' y LYSINE          ? 'C6 H15 N2 O2 1' 147.195 
MET 'L-peptide linking' y METHIONINE      ? 'C5 H11 N O2 S'  149.211 
PHE 'L-peptide linking' y PHENYLALANINE   ? 'C9 H11 N O2'    165.189 
PRO 'L-peptide linking' y PROLINE         ? 'C5 H9 N O2'     115.130 
SER 'L-peptide linking' y SERINE          ? 'C3 H7 N O3'     105.093 
THR 'L-peptide linking' y THREONINE       ? 'C4 H9 N O3'     119.119 
TRP 'L-peptide linking' y TRYPTOPHAN      ? 'C11 H12 N2 O2'  204.225 
TYR 'L-peptide linking' y TYROSINE        ? 'C9 H11 N O3'    181.189 
VAL 'L-peptide linking' y VALINE          ? 'C5 H11 N O2'    117.146 
# 
_exptl.entry_id          2DFE 
_exptl.method            'X-RAY DIFFRACTION' 
_exptl.crystals_number   1 
# 
_exptl_crystal.id                    1 
_exptl_crystal.density_meas          ? 
_exptl_crystal.density_Matthews      1.99 
_exptl_crystal.density_percent_sol   38.07 
_exptl_crystal.description           ? 
_exptl_crystal.F_000                 ? 
_exptl_crystal.preparation           ? 
# 
_exptl_crystal_grow.crystal_id      1 
_exptl_crystal_grow.method          'VAPOR DIFFUSION, SITTING DROP' 
_exptl_crystal_grow.temp            293 
_exptl_crystal_grow.temp_details    ? 
_exptl_crystal_grow.pH              8.5 
_exptl_crystal_grow.pdbx_details    
;Crystal screen I solution No. 6 (0.1M tris-HCl pH 8.5, 0.2M MgCl2, 
30% PEG 4000), 100% Glycerol in a 9:1 ratio, VAPOR DIFFUSION, SITTING DROP, temperature 293K
;
_exptl_crystal_grow.pdbx_pH_range   . 
# 
_diffrn.id                     1 
_diffrn.ambient_temp           100 
_diffrn.ambient_temp_details   ? 
_diffrn.crystal_id             1 
# 
_diffrn_detector.diffrn_id              1 
_diffrn_detector.detector               CCD 
_diffrn_detector.type                   'ADSC QUANTUM 315' 
_diffrn_detector.pdbx_collection_date   2005-11-28 
_diffrn_detector.details                ? 
# 
_diffrn_radiation.diffrn_id                        1 
_diffrn_radiation.wavelength_id                    1 
_diffrn_radiation.pdbx_monochromatic_or_laue_m_l   M 
_diffrn_radiation.monochromator                    ? 
_diffrn_radiation.pdbx_diffrn_protocol             'SINGLE WAVELENGTH' 
_diffrn_radiation.pdbx_scattering_type             x-ray 
# 
_diffrn_radiation_wavelength.id           1 
_diffrn_radiation_wavelength.wavelength   1.00 
_diffrn_radiation_wavelength.wt           1.0 
# 
_diffrn_source.diffrn_id                   1 
_diffrn_source.source                      SYNCHROTRON 
_diffrn_source.type                        'SPRING-8 BEAMLINE BL41XU' 
_diffrn_source.pdbx_synchrotron_site       SPring-8 
_diffrn_source.pdbx_synchrotron_beamline   BL41XU 
_diffrn_source.pdbx_wavelength             ? 
_diffrn_source.pdbx_wavelength_list        1.00 
# 
_reflns.entry_id                     2DFE 
_reflns.observed_criterion_sigma_I   ? 
_reflns.observed_criterion_sigma_F   ? 
_reflns.d_resolution_low             50 
_reflns.d_resolution_high            2.30 
_reflns.number_obs                   8628 
_reflns.number_all                   ? 
_reflns.percent_possible_obs         98.9 
_reflns.pdbx_Rmerge_I_obs            ? 
_reflns.pdbx_Rsym_value              ? 
_reflns.pdbx_netI_over_sigmaI        ? 
_reflns.B_iso_Wilson_estimate        14.9 
_reflns.pdbx_redundancy              ? 
_reflns.R_free_details               ? 
_reflns.limit_h_max                  ? 
_reflns.limit_h_min                  ? 
_reflns.limit_k_max                  ? 
_reflns.limit_k_min                  ? 
_reflns.limit_l_max                  ? 
_reflns.limit_l_min                  ? 
_reflns.observed_criterion_F_max     ? 
_reflns.observed_criterion_F_min     ? 
_reflns.pdbx_chi_squared             ? 
_reflns.pdbx_scaling_rejects         ? 
_reflns.pdbx_ordinal                 1 
_reflns.pdbx_diffrn_id               1 
# 
_reflns_shell.d_res_high             2.30 
_reflns_shell.d_res_low              2.38 
_reflns_shell.percent_possible_all   92.4 
_reflns_shell.Rmerge_I_obs           ? 
_reflns_shell.pdbx_Rsym_value        ? 
_reflns_shell.meanI_over_sigI_obs    ? 
_reflns_shell.pdbx_redundancy        ? 
_reflns_shell.percent_possible_obs   ? 
_reflns_shell.number_unique_all      ? 
_reflns_shell.number_measured_all    ? 
_reflns_shell.number_measured_obs    ? 
_reflns_shell.number_unique_obs      ? 
_reflns_shell.pdbx_chi_squared       ? 
_reflns_shell.pdbx_ordinal           1 
_reflns_shell.pdbx_diffrn_id         1 
# 
_refine.entry_id                                 2DFE 
_refine.ls_number_reflns_obs                     7709 
_refine.ls_number_reflns_all                     ? 
_refine.pdbx_ls_sigma_I                          ? 
_refine.pdbx_ls_sigma_F                          0.0 
_refine.pdbx_data_cutoff_high_absF               1313909.48 
_refine.pdbx_data_cutoff_low_absF                0.000000 
_refine.pdbx_data_cutoff_high_rms_absF           ? 
_refine.ls_d_res_low                             37.28 
_refine.ls_d_res_high                            2.40 
_refine.ls_percent_reflns_obs                    99.7 
_refine.ls_R_factor_obs                          0.227 
_refine.ls_R_factor_all                          ? 
_refine.ls_R_factor_R_work                       0.227 
_refine.ls_R_factor_R_free                       0.287 
_refine.ls_R_factor_R_free_error                 0.015 
_refine.ls_R_factor_R_free_error_details         ? 
_refine.ls_percent_reflns_R_free                 5.0 
_refine.ls_number_reflns_R_free                  383 
_refine.ls_number_parameters                     ? 
_refine.ls_number_restraints                     ? 
_refine.occupancy_min                            ? 
_refine.occupancy_max                            ? 
_refine.correlation_coeff_Fo_to_Fc               ? 
_refine.correlation_coeff_Fo_to_Fc_free          ? 
_refine.B_iso_mean                               27.7 
_refine.aniso_B[1][1]                            1.74 
_refine.aniso_B[2][2]                            -1.09 
_refine.aniso_B[3][3]                            -0.65 
_refine.aniso_B[1][2]                            0.00 
_refine.aniso_B[1][3]                            0.00 
_refine.aniso_B[2][3]                            0.00 
_refine.solvent_model_details                    'FLAT MODEL' 
_refine.solvent_model_param_ksol                 0.390562 
_refine.solvent_model_param_bsol                 40.7472 
_refine.pdbx_solvent_vdw_probe_radii             ? 
_refine.pdbx_solvent_ion_probe_radii             ? 
_refine.pdbx_solvent_shrinkage_radii             ? 
_refine.pdbx_ls_cross_valid_method               THROUGHOUT 
_refine.details                                  ? 
_refine.pdbx_starting_model                      'PDB ENTRY 1IO2' 
_refine.pdbx_method_to_determine_struct          'MOLECULAR REPLACEMENT' 
_refine.pdbx_isotropic_thermal_model             RESTRAINED 
_refine.pdbx_stereochemistry_target_values       ? 
_refine.pdbx_stereochem_target_val_spec_case     ? 
_refine.pdbx_R_Free_selection_details            RANDOM 
_refine.pdbx_overall_ESU_R                       ? 
_refine.pdbx_overall_ESU_R_Free                  ? 
_refine.overall_SU_ML                            ? 
_refine.overall_SU_B                             ? 
_refine.ls_redundancy_reflns_obs                 ? 
_refine.B_iso_min                                ? 
_refine.B_iso_max                                ? 
_refine.overall_SU_R_Cruickshank_DPI             ? 
_refine.overall_SU_R_free                        ? 
_refine.ls_wR_factor_R_free                      ? 
_refine.ls_wR_factor_R_work                      ? 
_refine.overall_FOM_free_R_set                   ? 
_refine.overall_FOM_work_R_set                   ? 
_refine.pdbx_refine_id                           'X-RAY DIFFRACTION' 
_refine.pdbx_diffrn_id                           1 
_refine.pdbx_TLS_residual_ADP_flag               ? 
_refine.pdbx_overall_phase_error                 ? 
_refine.pdbx_overall_SU_R_free_Cruickshank_DPI   ? 
_refine.pdbx_overall_SU_R_Blow_DPI               ? 
_refine.pdbx_overall_SU_R_free_Blow_DPI          ? 
# 
_refine_analyze.entry_id                        2DFE 
_refine_analyze.Luzzati_coordinate_error_obs    0.29 
_refine_analyze.Luzzati_sigma_a_obs             0.24 
_refine_analyze.Luzzati_d_res_low_obs           5.00 
_refine_analyze.Luzzati_coordinate_error_free   0.40 
_refine_analyze.Luzzati_sigma_a_free            0.34 
_refine_analyze.Luzzati_d_res_low_free          ? 
_refine_analyze.number_disordered_residues      ? 
_refine_analyze.occupancy_sum_hydrogen          ? 
_refine_analyze.occupancy_sum_non_hydrogen      ? 
_refine_analyze.pdbx_Luzzati_d_res_high_obs     ? 
_refine_analyze.pdbx_refine_id                  'X-RAY DIFFRACTION' 
# 
_refine_hist.pdbx_refine_id                   'X-RAY DIFFRACTION' 
_refine_hist.cycle_id                         LAST 
_refine_hist.pdbx_number_atoms_protein        1649 
_refine_hist.pdbx_number_atoms_nucleic_acid   0 
_refine_hist.pdbx_number_atoms_ligand         0 
_refine_hist.number_atoms_solvent             110 
_refine_hist.number_atoms_total               1759 
_refine_hist.d_res_high                       2.40 
_refine_hist.d_res_low                        37.28 
# 
loop_
_refine_ls_restr.type 
_refine_ls_restr.dev_ideal 
_refine_ls_restr.dev_ideal_target 
_refine_ls_restr.weight 
_refine_ls_restr.number 
_refine_ls_restr.pdbx_refine_id 
_refine_ls_restr.pdbx_restraint_function 
c_bond_d                0.007 ? ? ? 'X-RAY DIFFRACTION' ? 
c_bond_d_na             ?     ? ? ? 'X-RAY DIFFRACTION' ? 
c_bond_d_prot           ?     ? ? ? 'X-RAY DIFFRACTION' ? 
c_angle_d               ?     ? ? ? 'X-RAY DIFFRACTION' ? 
c_angle_d_na            ?     ? ? ? 'X-RAY DIFFRACTION' ? 
c_angle_d_prot          ?     ? ? ? 'X-RAY DIFFRACTION' ? 
c_angle_deg             1.1   ? ? ? 'X-RAY DIFFRACTION' ? 
c_angle_deg_na          ?     ? ? ? 'X-RAY DIFFRACTION' ? 
c_angle_deg_prot        ?     ? ? ? 'X-RAY DIFFRACTION' ? 
c_dihedral_angle_d      22.0  ? ? ? 'X-RAY DIFFRACTION' ? 
c_dihedral_angle_d_na   ?     ? ? ? 'X-RAY DIFFRACTION' ? 
c_dihedral_angle_d_prot ?     ? ? ? 'X-RAY DIFFRACTION' ? 
c_improper_angle_d      0.74  ? ? ? 'X-RAY DIFFRACTION' ? 
c_improper_angle_d_na   ?     ? ? ? 'X-RAY DIFFRACTION' ? 
c_improper_angle_d_prot ?     ? ? ? 'X-RAY DIFFRACTION' ? 
c_mcbond_it             ?     ? ? ? 'X-RAY DIFFRACTION' ? 
c_mcangle_it            ?     ? ? ? 'X-RAY DIFFRACTION' ? 
c_scbond_it             ?     ? ? ? 'X-RAY DIFFRACTION' ? 
c_scangle_it            ?     ? ? ? 'X-RAY DIFFRACTION' ? 
# 
_refine_ls_shell.pdbx_total_number_of_bins_used   6 
_refine_ls_shell.d_res_high                       2.40 
_refine_ls_shell.d_res_low                        2.55 
_refine_ls_shell.number_reflns_R_work             1232 
_refine_ls_shell.R_factor_R_work                  0.273 
_refine_ls_shell.percent_reflns_obs               98.4 
_refine_ls_shell.R_factor_R_free                  0.309 
_refine_ls_shell.R_factor_R_free_error            0.073 
_refine_ls_shell.percent_reflns_R_free            1.4 
_refine_ls_shell.number_reflns_R_free             18 
_refine_ls_shell.number_reflns_all                ? 
_refine_ls_shell.R_factor_all                     ? 
_refine_ls_shell.number_reflns_obs                ? 
_refine_ls_shell.redundancy_reflns_obs            ? 
_refine_ls_shell.pdbx_refine_id                   'X-RAY DIFFRACTION' 
# 
loop_
_pdbx_xplor_file.serial_no 
_pdbx_xplor_file.param_file 
_pdbx_xplor_file.topol_file 
_pdbx_xplor_file.pdbx_refine_id 
1 protein_rep.param protein.top 'X-RAY DIFFRACTION' 
2 water_rep.param   water.top   'X-RAY DIFFRACTION' 
# 
_struct.entry_id                  2DFE 
_struct.title                     'Crystal structure of Tk-RNase HII(1-200)-C' 
_struct.pdbx_model_details        ? 
_struct.pdbx_CASP_flag            ? 
_struct.pdbx_model_type_details   ? 
# 
_struct_keywords.entry_id        2DFE 
_struct_keywords.pdbx_keywords   HYDROLASE 
_struct_keywords.text            'chameleon sequence, ribonuclease HII, Thermococcus Kodakaraensis, fusion protein, Hydrolase' 
# 
loop_
_struct_asym.id 
_struct_asym.pdbx_blank_PDB_chainid_flag 
_struct_asym.pdbx_modified 
_struct_asym.entity_id 
_struct_asym.details 
A N N 1 ? 
B N N 2 ? 
# 
_struct_biol.id        1 
_struct_biol.details   
;The biological assembly is a monomer generated from the monomer  
in the asymmetric unit.
;
# 
loop_
_struct_conf.conf_type_id 
_struct_conf.id 
_struct_conf.pdbx_PDB_helix_id 
_struct_conf.beg_label_comp_id 
_struct_conf.beg_label_asym_id 
_struct_conf.beg_label_seq_id 
_struct_conf.pdbx_beg_PDB_ins_code 
_struct_conf.end_label_comp_id 
_struct_conf.end_label_asym_id 
_struct_conf.end_label_seq_id 
_struct_conf.pdbx_end_PDB_ins_code 
_struct_conf.beg_auth_comp_id 
_struct_conf.beg_auth_asym_id 
_struct_conf.beg_auth_seq_id 
_struct_conf.end_auth_comp_id 
_struct_conf.end_auth_asym_id 
_struct_conf.end_auth_seq_id 
_struct_conf.pdbx_PDB_helix_class 
_struct_conf.details 
_struct_conf.pdbx_PDB_helix_length 
HELX_P HELX_P1 1 SER A 29  ? LEU A 36  ? SER A 29  LEU A 36  1 ? 8  
HELX_P HELX_P2 2 LYS A 37  ? SER A 41  ? LYS A 37  SER A 41  5 ? 5  
HELX_P HELX_P3 3 THR A 45  ? GLY A 58  ? THR A 45  GLY A 58  1 ? 14 
HELX_P HELX_P4 4 PRO A 69  ? ILE A 73  ? PRO A 69  ILE A 73  5 ? 5  
HELX_P HELX_P5 5 LEU A 80  ? SER A 94  ? LEU A 80  SER A 94  1 ? 15 
HELX_P HELX_P6 6 ASP A 110 ? ARG A 121 ? ASP A 110 ARG A 121 1 ? 12 
HELX_P HELX_P7 7 PHE A 138 ? GLY A 164 ? PHE A 138 GLY A 164 1 ? 27 
HELX_P HELX_P8 8 ASP A 173 ? GLU A 186 ? ASP A 173 GLU A 186 1 ? 14 
HELX_P HELX_P9 9 ARG A 195 ? THR A 200 ? ARG A 195 THR A 200 1 ? 6  
# 
_struct_conf_type.id          HELX_P 
_struct_conf_type.criteria    ? 
_struct_conf_type.reference   ? 
# 
_struct_sheet.id               A 
_struct_sheet.type             ? 
_struct_sheet.number_strands   5 
_struct_sheet.details          ? 
# 
loop_
_struct_sheet_order.sheet_id 
_struct_sheet_order.range_id_1 
_struct_sheet_order.range_id_2 
_struct_sheet_order.offset 
_struct_sheet_order.sense 
A 1 2 ? anti-parallel 
A 2 3 ? anti-parallel 
A 3 4 ? parallel      
A 4 5 ? parallel      
# 
loop_
_struct_sheet_range.sheet_id 
_struct_sheet_range.id 
_struct_sheet_range.beg_label_comp_id 
_struct_sheet_range.beg_label_asym_id 
_struct_sheet_range.beg_label_seq_id 
_struct_sheet_range.pdbx_beg_PDB_ins_code 
_struct_sheet_range.end_label_comp_id 
_struct_sheet_range.end_label_asym_id 
_struct_sheet_range.end_label_seq_id 
_struct_sheet_range.pdbx_end_PDB_ins_code 
_struct_sheet_range.beg_auth_comp_id 
_struct_sheet_range.beg_auth_asym_id 
_struct_sheet_range.beg_auth_seq_id 
_struct_sheet_range.end_auth_comp_id 
_struct_sheet_range.end_auth_asym_id 
_struct_sheet_range.end_auth_seq_id 
A 1 ASP A 62  ? LEU A 68  ? ASP A 62  LEU A 68  
A 2 MET A 18  ? ASP A 26  ? MET A 18  ASP A 26  
A 3 LYS A 2   ? ALA A 9   ? LYS A 2   ALA A 9   
A 4 VAL A 101 ? ASP A 105 ? VAL A 101 ASP A 105 
A 5 GLU A 127 ? LYS A 131 ? GLU A 127 LYS A 131 
# 
loop_
_pdbx_struct_sheet_hbond.sheet_id 
_pdbx_struct_sheet_hbond.range_id_1 
_pdbx_struct_sheet_hbond.range_id_2 
_pdbx_struct_sheet_hbond.range_1_label_atom_id 
_pdbx_struct_sheet_hbond.range_1_label_comp_id 
_pdbx_struct_sheet_hbond.range_1_label_asym_id 
_pdbx_struct_sheet_hbond.range_1_label_seq_id 
_pdbx_struct_sheet_hbond.range_1_PDB_ins_code 
_pdbx_struct_sheet_hbond.range_1_auth_atom_id 
_pdbx_struct_sheet_hbond.range_1_auth_comp_id 
_pdbx_struct_sheet_hbond.range_1_auth_asym_id 
_pdbx_struct_sheet_hbond.range_1_auth_seq_id 
_pdbx_struct_sheet_hbond.range_2_label_atom_id 
_pdbx_struct_sheet_hbond.range_2_label_comp_id 
_pdbx_struct_sheet_hbond.range_2_label_asym_id 
_pdbx_struct_sheet_hbond.range_2_label_seq_id 
_pdbx_struct_sheet_hbond.range_2_PDB_ins_code 
_pdbx_struct_sheet_hbond.range_2_auth_atom_id 
_pdbx_struct_sheet_hbond.range_2_auth_comp_id 
_pdbx_struct_sheet_hbond.range_2_auth_asym_id 
_pdbx_struct_sheet_hbond.range_2_auth_seq_id 
A 1 2 O LEU A 68  ? O LEU A 68  N MET A 18  ? N MET A 18  
A 2 3 O VAL A 25  ? O VAL A 25  N ILE A 3   ? N ILE A 3   
A 3 4 N ALA A 4   ? N ALA A 4   O TYR A 103 ? O TYR A 103 
A 4 5 N ALA A 104 ? N ALA A 104 O VAL A 129 ? O VAL A 129 
# 
_atom_sites.entry_id                    2DFE 
_atom_sites.fract_transf_matrix[1][1]   0.00401875 
_atom_sites.fract_transf_matrix[1][2]   0.00194598 
_atom_sites.fract_transf_matrix[1][3]   0.01561619 
_atom_sites.fract_transf_matrix[2][1]   0.00359880 
_atom_sites.fract_transf_matrix[2][2]   0.01400841 
_atom_sites.fract_transf_matrix[2][3]   -0.00267176 
_atom_sites.fract_transf_matrix[3][1]   -0.02103003 
_atom_sites.fract_transf_matrix[3][2]   0.00628549 
_atom_sites.fract_transf_matrix[3][3]   0.00462872 
_atom_sites.fract_transf_vector[1]      0.407883 
_atom_sites.fract_transf_vector[2]      0.366034 
_atom_sites.fract_transf_vector[3]      0.082257 
# 
loop_
_atom_type.symbol 
C 
N 
O 
S 
# 
loop_
_atom_site.group_PDB 
_atom_site.id 
_atom_site.type_symbol 
_atom_site.label_atom_id 
_atom_site.label_alt_id 
_atom_site.label_comp_id 
_atom_site.label_asym_id 
_atom_site.label_entity_id 
_atom_site.label_seq_id 
_atom_site.pdbx_PDB_ins_code 
_atom_site.Cartn_x 
_atom_site.Cartn_y 
_atom_site.Cartn_z 
_atom_site.occupancy 
_atom_site.B_iso_or_equiv 
_atom_site.pdbx_formal_charge 
_atom_site.auth_seq_id 
_atom_site.auth_comp_id 
_atom_site.auth_asym_id 
_atom_site.auth_atom_id 
_atom_site.pdbx_PDB_model_num 
ATOM   1    N N   . MET A 1 1   ? 9.593   -9.171  -22.985 1.00 22.59 ? 1   MET A N   1 
ATOM   2    C CA  . MET A 1 1   ? 8.326   -8.747  -22.308 1.00 23.56 ? 1   MET A CA  1 
ATOM   3    C C   . MET A 1 1   ? 8.528   -7.731  -21.191 1.00 21.59 ? 1   MET A C   1 
ATOM   4    O O   . MET A 1 1   ? 9.631   -7.578  -20.666 1.00 23.18 ? 1   MET A O   1 
ATOM   5    C CB  . MET A 1 1   ? 7.610   -9.961  -21.710 1.00 27.99 ? 1   MET A CB  1 
ATOM   6    C CG  . MET A 1 1   ? 6.636   -10.667 -22.641 1.00 32.41 ? 1   MET A CG  1 
ATOM   7    S SD  . MET A 1 1   ? 5.704   -11.913 -21.723 1.00 39.69 ? 1   MET A SD  1 
ATOM   8    C CE  . MET A 1 1   ? 6.757   -13.404 -21.937 1.00 39.59 ? 1   MET A CE  1 
ATOM   9    N N   . LYS A 1 2   ? 7.447   -7.041  -20.835 1.00 19.41 ? 2   LYS A N   1 
ATOM   10   C CA  . LYS A 1 2   ? 7.472   -6.063  -19.747 1.00 18.60 ? 2   LYS A CA  1 
ATOM   11   C C   . LYS A 1 2   ? 6.702   -6.642  -18.556 1.00 17.27 ? 2   LYS A C   1 
ATOM   12   O O   . LYS A 1 2   ? 5.494   -6.868  -18.634 1.00 14.12 ? 2   LYS A O   1 
ATOM   13   C CB  . LYS A 1 2   ? 6.828   -4.741  -20.177 1.00 17.60 ? 2   LYS A CB  1 
ATOM   14   C CG  . LYS A 1 2   ? 7.500   -4.064  -21.353 1.00 18.57 ? 2   LYS A CG  1 
ATOM   15   C CD  . LYS A 1 2   ? 8.968   -3.840  -21.101 1.00 16.40 ? 2   LYS A CD  1 
ATOM   16   C CE  . LYS A 1 2   ? 9.617   -3.059  -22.235 1.00 16.62 ? 2   LYS A CE  1 
ATOM   17   N NZ  . LYS A 1 2   ? 11.104  -2.926  -22.013 1.00 16.96 ? 2   LYS A NZ  1 
ATOM   18   N N   . ILE A 1 3   ? 7.423   -6.895  -17.469 1.00 16.74 ? 3   ILE A N   1 
ATOM   19   C CA  . ILE A 1 3   ? 6.853   -7.452  -16.252 1.00 13.04 ? 3   ILE A CA  1 
ATOM   20   C C   . ILE A 1 3   ? 6.658   -6.332  -15.236 1.00 13.68 ? 3   ILE A C   1 
ATOM   21   O O   . ILE A 1 3   ? 7.517   -5.460  -15.079 1.00 15.60 ? 3   ILE A O   1 
ATOM   22   C CB  . ILE A 1 3   ? 7.785   -8.549  -15.639 1.00 12.54 ? 3   ILE A CB  1 
ATOM   23   C CG1 . ILE A 1 3   ? 7.838   -9.781  -16.555 1.00 9.99  ? 3   ILE A CG1 1 
ATOM   24   C CG2 . ILE A 1 3   ? 7.245   -9.001  -14.276 1.00 6.82  ? 3   ILE A CG2 1 
ATOM   25   C CD1 . ILE A 1 3   ? 8.207   -9.524  -17.980 1.00 6.27  ? 3   ILE A CD1 1 
ATOM   26   N N   . ALA A 1 4   ? 5.516   -6.340  -14.561 1.00 11.32 ? 4   ALA A N   1 
ATOM   27   C CA  . ALA A 1 4   ? 5.236   -5.322  -13.563 1.00 9.58  ? 4   ALA A CA  1 
ATOM   28   C C   . ALA A 1 4   ? 4.906   -5.950  -12.224 1.00 8.58  ? 4   ALA A C   1 
ATOM   29   O O   . ALA A 1 4   ? 4.407   -7.075  -12.156 1.00 9.26  ? 4   ALA A O   1 
ATOM   30   C CB  . ALA A 1 4   ? 4.070   -4.432  -14.023 1.00 8.50  ? 4   ALA A CB  1 
ATOM   31   N N   . GLY A 1 5   ? 5.187   -5.199  -11.162 1.00 9.40  ? 5   GLY A N   1 
ATOM   32   C CA  . GLY A 1 5   ? 4.902   -5.644  -9.813  1.00 7.38  ? 5   GLY A CA  1 
ATOM   33   C C   . GLY A 1 5   ? 4.173   -4.519  -9.094  1.00 7.85  ? 5   GLY A C   1 
ATOM   34   O O   . GLY A 1 5   ? 4.533   -3.352  -9.253  1.00 6.74  ? 5   GLY A O   1 
ATOM   35   N N   . ILE A 1 6   ? 3.153   -4.864  -8.310  1.00 5.77  ? 6   ILE A N   1 
ATOM   36   C CA  . ILE A 1 6   ? 2.357   -3.887  -7.571  1.00 5.69  ? 6   ILE A CA  1 
ATOM   37   C C   . ILE A 1 6   ? 2.017   -4.363  -6.142  1.00 5.68  ? 6   ILE A C   1 
ATOM   38   O O   . ILE A 1 6   ? 1.616   -5.511  -5.936  1.00 5.80  ? 6   ILE A O   1 
ATOM   39   C CB  . ILE A 1 6   ? 1.033   -3.592  -8.330  1.00 7.36  ? 6   ILE A CB  1 
ATOM   40   C CG1 . ILE A 1 6   ? 0.224   -2.522  -7.582  1.00 7.48  ? 6   ILE A CG1 1 
ATOM   41   C CG2 . ILE A 1 6   ? 0.206   -4.889  -8.472  1.00 2.04  ? 6   ILE A CG2 1 
ATOM   42   C CD1 . ILE A 1 6   ? -0.967  -1.976  -8.373  1.00 7.31  ? 6   ILE A CD1 1 
ATOM   43   N N   . ASP A 1 7   ? 2.168   -3.486  -5.158  1.00 4.76  ? 7   ASP A N   1 
ATOM   44   C CA  . ASP A 1 7   ? 1.867   -3.853  -3.776  1.00 8.78  ? 7   ASP A CA  1 
ATOM   45   C C   . ASP A 1 7   ? 1.391   -2.606  -3.036  1.00 11.32 ? 7   ASP A C   1 
ATOM   46   O O   . ASP A 1 7   ? 1.285   -1.522  -3.629  1.00 12.49 ? 7   ASP A O   1 
ATOM   47   C CB  . ASP A 1 7   ? 3.106   -4.431  -3.078  1.00 7.32  ? 7   ASP A CB  1 
ATOM   48   C CG  . ASP A 1 7   ? 2.764   -5.276  -1.839  1.00 13.61 ? 7   ASP A CG  1 
ATOM   49   O OD1 . ASP A 1 7   ? 1.642   -5.169  -1.300  1.00 18.04 ? 7   ASP A OD1 1 
ATOM   50   O OD2 . ASP A 1 7   ? 3.635   -6.047  -1.390  1.00 13.78 ? 7   ASP A OD2 1 
ATOM   51   N N   . GLU A 1 8   ? 1.107   -2.765  -1.746  1.00 11.91 ? 8   GLU A N   1 
ATOM   52   C CA  . GLU A 1 8   ? 0.617   -1.672  -0.922  1.00 14.03 ? 8   GLU A CA  1 
ATOM   53   C C   . GLU A 1 8   ? 1.398   -1.570  0.370   1.00 16.96 ? 8   GLU A C   1 
ATOM   54   O O   . GLU A 1 8   ? 2.248   -2.407  0.668   1.00 18.38 ? 8   GLU A O   1 
ATOM   55   C CB  . GLU A 1 8   ? -0.862  -1.879  -0.578  1.00 10.70 ? 8   GLU A CB  1 
ATOM   56   C CG  . GLU A 1 8   ? -1.174  -3.101  0.292   1.00 12.32 ? 8   GLU A CG  1 
ATOM   57   C CD  . GLU A 1 8   ? -0.794  -2.915  1.770   1.00 12.81 ? 8   GLU A CD  1 
ATOM   58   O OE1 . GLU A 1 8   ? -1.044  -1.828  2.314   1.00 15.34 ? 8   GLU A OE1 1 
ATOM   59   O OE2 . GLU A 1 8   ? -0.269  -3.858  2.400   1.00 13.85 ? 8   GLU A OE2 1 
ATOM   60   N N   . ALA A 1 9   ? 1.117   -0.514  1.121   1.00 18.88 ? 9   ALA A N   1 
ATOM   61   C CA  . ALA A 1 9   ? 1.737   -0.293  2.417   1.00 18.57 ? 9   ALA A CA  1 
ATOM   62   C C   . ALA A 1 9   ? 0.730   0.485   3.244   1.00 17.32 ? 9   ALA A C   1 
ATOM   63   O O   . ALA A 1 9   ? 0.118   1.435   2.747   1.00 15.64 ? 9   ALA A O   1 
ATOM   64   C CB  . ALA A 1 9   ? 3.038   0.498   2.269   1.00 17.22 ? 9   ALA A CB  1 
ATOM   65   N N   . GLY A 1 10  ? 0.535   0.057   4.489   1.00 15.29 ? 10  GLY A N   1 
ATOM   66   C CA  . GLY A 1 10  ? -0.394  0.743   5.374   1.00 19.14 ? 10  GLY A CA  1 
ATOM   67   C C   . GLY A 1 10  ? -1.838  0.279   5.315   1.00 19.01 ? 10  GLY A C   1 
ATOM   68   O O   . GLY A 1 10  ? -2.757  1.076   5.446   1.00 22.42 ? 10  GLY A O   1 
ATOM   69   N N   . ARG A 1 11  ? -2.035  -1.016  5.126   1.00 19.50 ? 11  ARG A N   1 
ATOM   70   C CA  . ARG A 1 11  ? -3.367  -1.596  5.047   1.00 21.34 ? 11  ARG A CA  1 
ATOM   71   C C   . ARG A 1 11  ? -3.946  -1.908  6.438   1.00 21.26 ? 11  ARG A C   1 
ATOM   72   O O   . ARG A 1 11  ? -5.150  -1.757  6.672   1.00 19.74 ? 11  ARG A O   1 
ATOM   73   C CB  . ARG A 1 11  ? -3.293  -2.866  4.202   1.00 21.12 ? 11  ARG A CB  1 
ATOM   74   C CG  . ARG A 1 11  ? -4.572  -3.648  4.047   1.00 23.19 ? 11  ARG A CG  1 
ATOM   75   C CD  . ARG A 1 11  ? -4.496  -4.505  2.784   1.00 21.40 ? 11  ARG A CD  1 
ATOM   76   N NE  . ARG A 1 11  ? -3.375  -5.431  2.819   1.00 16.90 ? 11  ARG A NE  1 
ATOM   77   C CZ  . ARG A 1 11  ? -2.833  -6.003  1.747   1.00 15.13 ? 11  ARG A CZ  1 
ATOM   78   N NH1 . ARG A 1 11  ? -3.301  -5.745  0.536   1.00 14.21 ? 11  ARG A NH1 1 
ATOM   79   N NH2 . ARG A 1 11  ? -1.822  -6.851  1.884   1.00 12.98 ? 11  ARG A NH2 1 
ATOM   80   N N   . GLY A 1 12  ? -3.085  -2.330  7.359   1.00 19.80 ? 12  GLY A N   1 
ATOM   81   C CA  . GLY A 1 12  ? -3.541  -2.665  8.694   1.00 20.86 ? 12  GLY A CA  1 
ATOM   82   C C   . GLY A 1 12  ? -4.033  -1.502  9.531   1.00 21.67 ? 12  GLY A C   1 
ATOM   83   O O   . GLY A 1 12  ? -5.191  -1.487  9.940   1.00 21.86 ? 12  GLY A O   1 
ATOM   84   N N   . PRO A 1 13  ? -3.174  -0.509  9.813   1.00 23.53 ? 13  PRO A N   1 
ATOM   85   C CA  . PRO A 1 13  ? -3.561  0.654   10.620  1.00 26.00 ? 13  PRO A CA  1 
ATOM   86   C C   . PRO A 1 13  ? -4.737  1.453   10.086  1.00 27.29 ? 13  PRO A C   1 
ATOM   87   O O   . PRO A 1 13  ? -5.040  1.443   8.891   1.00 28.64 ? 13  PRO A O   1 
ATOM   88   C CB  . PRO A 1 13  ? -2.278  1.487   10.684  1.00 25.78 ? 13  PRO A CB  1 
ATOM   89   C CG  . PRO A 1 13  ? -1.527  1.066   9.454   1.00 26.37 ? 13  PRO A CG  1 
ATOM   90   C CD  . PRO A 1 13  ? -1.761  -0.413  9.411   1.00 24.10 ? 13  PRO A CD  1 
ATOM   91   N N   . VAL A 1 14  ? -5.407  2.150   10.987  1.00 27.14 ? 14  VAL A N   1 
ATOM   92   C CA  . VAL A 1 14  ? -6.542  2.940   10.578  1.00 27.41 ? 14  VAL A CA  1 
ATOM   93   C C   . VAL A 1 14  ? -6.205  4.430   10.578  1.00 26.16 ? 14  VAL A C   1 
ATOM   94   O O   . VAL A 1 14  ? -7.074  5.284   10.388  1.00 24.63 ? 14  VAL A O   1 
ATOM   95   C CB  . VAL A 1 14  ? -7.742  2.658   11.489  1.00 28.30 ? 14  VAL A CB  1 
ATOM   96   C CG1 . VAL A 1 14  ? -7.594  3.388   12.824  1.00 27.05 ? 14  VAL A CG1 1 
ATOM   97   C CG2 . VAL A 1 14  ? -9.006  3.051   10.770  1.00 34.73 ? 14  VAL A CG2 1 
ATOM   98   N N   . ILE A 1 15  ? -4.924  4.726   10.774  1.00 24.74 ? 15  ILE A N   1 
ATOM   99   C CA  . ILE A 1 15  ? -4.438  6.097   10.795  1.00 25.38 ? 15  ILE A CA  1 
ATOM   100  C C   . ILE A 1 15  ? -3.460  6.359   9.645   1.00 22.98 ? 15  ILE A C   1 
ATOM   101  O O   . ILE A 1 15  ? -2.622  5.518   9.325   1.00 23.16 ? 15  ILE A O   1 
ATOM   102  C CB  . ILE A 1 15  ? -3.728  6.414   12.139  1.00 27.99 ? 15  ILE A CB  1 
ATOM   103  C CG1 . ILE A 1 15  ? -4.763  6.496   13.259  1.00 31.24 ? 15  ILE A CG1 1 
ATOM   104  C CG2 . ILE A 1 15  ? -2.957  7.720   12.035  1.00 28.12 ? 15  ILE A CG2 1 
ATOM   105  C CD1 . ILE A 1 15  ? -4.198  7.013   14.574  1.00 32.63 ? 15  ILE A CD1 1 
ATOM   106  N N   . GLY A 1 16  ? -3.573  7.534   9.033   1.00 20.21 ? 16  GLY A N   1 
ATOM   107  C CA  . GLY A 1 16  ? -2.680  7.884   7.948   1.00 18.26 ? 16  GLY A CA  1 
ATOM   108  C C   . GLY A 1 16  ? -3.100  7.341   6.596   1.00 18.05 ? 16  GLY A C   1 
ATOM   109  O O   . GLY A 1 16  ? -4.070  6.589   6.491   1.00 16.74 ? 16  GLY A O   1 
ATOM   110  N N   . PRO A 1 17  ? -2.353  7.687   5.533   1.00 16.25 ? 17  PRO A N   1 
ATOM   111  C CA  . PRO A 1 17  ? -2.663  7.232   4.180   1.00 15.62 ? 17  PRO A CA  1 
ATOM   112  C C   . PRO A 1 17  ? -2.214  5.822   3.888   1.00 14.40 ? 17  PRO A C   1 
ATOM   113  O O   . PRO A 1 17  ? -1.461  5.223   4.650   1.00 14.73 ? 17  PRO A O   1 
ATOM   114  C CB  . PRO A 1 17  ? -1.915  8.236   3.318   1.00 15.06 ? 17  PRO A CB  1 
ATOM   115  C CG  . PRO A 1 17  ? -0.652  8.415   4.108   1.00 8.57  ? 17  PRO A CG  1 
ATOM   116  C CD  . PRO A 1 17  ? -1.151  8.545   5.522   1.00 13.31 ? 17  PRO A CD  1 
ATOM   117  N N   . MET A 1 18  ? -2.705  5.300   2.775   1.00 13.55 ? 18  MET A N   1 
ATOM   118  C CA  . MET A 1 18  ? -2.321  3.984   2.331   1.00 13.88 ? 18  MET A CA  1 
ATOM   119  C C   . MET A 1 18  ? -1.590  4.270   1.027   1.00 14.82 ? 18  MET A C   1 
ATOM   120  O O   . MET A 1 18  ? -1.965  5.196   0.300   1.00 16.20 ? 18  MET A O   1 
ATOM   121  C CB  . MET A 1 18  ? -3.543  3.107   2.072   1.00 15.23 ? 18  MET A CB  1 
ATOM   122  C CG  . MET A 1 18  ? -3.276  1.645   2.361   1.00 15.87 ? 18  MET A CG  1 
ATOM   123  S SD  . MET A 1 18  ? -4.436  0.537   1.588   1.00 22.48 ? 18  MET A SD  1 
ATOM   124  C CE  . MET A 1 18  ? -5.832  0.762   2.652   1.00 21.45 ? 18  MET A CE  1 
ATOM   125  N N   . VAL A 1 19  ? -0.538  3.508   0.739   1.00 12.24 ? 19  VAL A N   1 
ATOM   126  C CA  . VAL A 1 19  ? 0.225   3.714   -0.488  1.00 11.06 ? 19  VAL A CA  1 
ATOM   127  C C   . VAL A 1 19  ? 0.279   2.475   -1.370  1.00 9.08  ? 19  VAL A C   1 
ATOM   128  O O   . VAL A 1 19  ? 0.534   1.376   -0.892  1.00 9.21  ? 19  VAL A O   1 
ATOM   129  C CB  . VAL A 1 19  ? 1.685   4.129   -0.200  1.00 10.50 ? 19  VAL A CB  1 
ATOM   130  C CG1 . VAL A 1 19  ? 2.387   4.470   -1.501  1.00 7.30  ? 19  VAL A CG1 1 
ATOM   131  C CG2 . VAL A 1 19  ? 1.724   5.303   0.754   1.00 10.92 ? 19  VAL A CG2 1 
ATOM   132  N N   . ILE A 1 20  ? 0.042   2.674   -2.663  1.00 9.09  ? 20  ILE A N   1 
ATOM   133  C CA  . ILE A 1 20  ? 0.086   1.598   -3.644  1.00 9.36  ? 20  ILE A CA  1 
ATOM   134  C C   . ILE A 1 20  ? 1.131   1.958   -4.689  1.00 10.76 ? 20  ILE A C   1 
ATOM   135  O O   . ILE A 1 20  ? 1.000   2.964   -5.380  1.00 12.03 ? 20  ILE A O   1 
ATOM   136  C CB  . ILE A 1 20  ? -1.271  1.418   -4.359  1.00 9.81  ? 20  ILE A CB  1 
ATOM   137  C CG1 . ILE A 1 20  ? -2.320  0.940   -3.360  1.00 7.48  ? 20  ILE A CG1 1 
ATOM   138  C CG2 . ILE A 1 20  ? -1.130  0.433   -5.519  1.00 7.38  ? 20  ILE A CG2 1 
ATOM   139  C CD1 . ILE A 1 20  ? -3.693  0.780   -3.942  1.00 8.81  ? 20  ILE A CD1 1 
ATOM   140  N N   . ALA A 1 21  ? 2.166   1.134   -4.809  1.00 10.96 ? 21  ALA A N   1 
ATOM   141  C CA  . ALA A 1 21  ? 3.225   1.387   -5.778  1.00 7.77  ? 21  ALA A CA  1 
ATOM   142  C C   . ALA A 1 21  ? 3.214   0.338   -6.880  1.00 6.13  ? 21  ALA A C   1 
ATOM   143  O O   . ALA A 1 21  ? 3.000   -0.839  -6.618  1.00 4.92  ? 21  ALA A O   1 
ATOM   144  C CB  . ALA A 1 21  ? 4.568   1.378   -5.072  1.00 4.55  ? 21  ALA A CB  1 
ATOM   145  N N   . ALA A 1 22  ? 3.435   0.762   -8.119  1.00 7.05  ? 22  ALA A N   1 
ATOM   146  C CA  . ALA A 1 22  ? 3.485   -0.179  -9.233  1.00 5.76  ? 22  ALA A CA  1 
ATOM   147  C C   . ALA A 1 22  ? 4.737   0.128   -10.046 1.00 6.96  ? 22  ALA A C   1 
ATOM   148  O O   . ALA A 1 22  ? 4.972   1.275   -10.432 1.00 11.58 ? 22  ALA A O   1 
ATOM   149  C CB  . ALA A 1 22  ? 2.231   -0.060  -10.099 1.00 3.06  ? 22  ALA A CB  1 
ATOM   150  N N   . VAL A 1 23  ? 5.547   -0.895  -10.284 1.00 7.84  ? 23  VAL A N   1 
ATOM   151  C CA  . VAL A 1 23  ? 6.775   -0.736  -11.049 1.00 8.08  ? 23  VAL A CA  1 
ATOM   152  C C   . VAL A 1 23  ? 6.740   -1.650  -12.278 1.00 11.90 ? 23  VAL A C   1 
ATOM   153  O O   . VAL A 1 23  ? 6.028   -2.656  -12.308 1.00 11.09 ? 23  VAL A O   1 
ATOM   154  C CB  . VAL A 1 23  ? 8.028   -1.073  -10.194 1.00 6.80  ? 23  VAL A CB  1 
ATOM   155  C CG1 . VAL A 1 23  ? 8.054   -0.193  -8.953  1.00 10.80 ? 23  VAL A CG1 1 
ATOM   156  C CG2 . VAL A 1 23  ? 8.049   -2.549  -9.804  1.00 4.66  ? 23  VAL A CG2 1 
ATOM   157  N N   . VAL A 1 24  ? 7.508   -1.278  -13.293 1.00 13.15 ? 24  VAL A N   1 
ATOM   158  C CA  . VAL A 1 24  ? 7.578   -2.027  -14.535 1.00 14.79 ? 24  VAL A CA  1 
ATOM   159  C C   . VAL A 1 24  ? 9.042   -2.211  -14.893 1.00 18.46 ? 24  VAL A C   1 
ATOM   160  O O   . VAL A 1 24  ? 9.826   -1.253  -14.879 1.00 20.47 ? 24  VAL A O   1 
ATOM   161  C CB  . VAL A 1 24  ? 6.890   -1.268  -15.687 1.00 14.62 ? 24  VAL A CB  1 
ATOM   162  C CG1 . VAL A 1 24  ? 7.056   -2.033  -16.994 1.00 13.62 ? 24  VAL A CG1 1 
ATOM   163  C CG2 . VAL A 1 24  ? 5.427   -1.061  -15.362 1.00 12.10 ? 24  VAL A CG2 1 
ATOM   164  N N   . VAL A 1 25  ? 9.414   -3.444  -15.215 1.00 19.71 ? 25  VAL A N   1 
ATOM   165  C CA  . VAL A 1 25  ? 10.791  -3.744  -15.567 1.00 20.97 ? 25  VAL A CA  1 
ATOM   166  C C   . VAL A 1 25  ? 10.840  -4.691  -16.754 1.00 21.64 ? 25  VAL A C   1 
ATOM   167  O O   . VAL A 1 25  ? 10.031  -5.612  -16.851 1.00 23.23 ? 25  VAL A O   1 
ATOM   168  C CB  . VAL A 1 25  ? 11.534  -4.367  -14.368 1.00 18.84 ? 25  VAL A CB  1 
ATOM   169  C CG1 . VAL A 1 25  ? 10.836  -5.623  -13.920 1.00 22.05 ? 25  VAL A CG1 1 
ATOM   170  C CG2 . VAL A 1 25  ? 12.981  -4.662  -14.743 1.00 24.11 ? 25  VAL A CG2 1 
ATOM   171  N N   . ASP A 1 26  ? 11.768  -4.444  -17.672 1.00 23.50 ? 26  ASP A N   1 
ATOM   172  C CA  . ASP A 1 26  ? 11.922  -5.312  -18.836 1.00 25.04 ? 26  ASP A CA  1 
ATOM   173  C C   . ASP A 1 26  ? 12.385  -6.659  -18.289 1.00 23.67 ? 26  ASP A C   1 
ATOM   174  O O   . ASP A 1 26  ? 13.184  -6.698  -17.359 1.00 22.94 ? 26  ASP A O   1 
ATOM   175  C CB  . ASP A 1 26  ? 12.965  -4.733  -19.794 1.00 26.69 ? 26  ASP A CB  1 
ATOM   176  C CG  . ASP A 1 26  ? 13.173  -5.598  -21.025 1.00 28.55 ? 26  ASP A CG  1 
ATOM   177  O OD1 . ASP A 1 26  ? 13.830  -6.657  -20.908 1.00 28.00 ? 26  ASP A OD1 1 
ATOM   178  O OD2 . ASP A 1 26  ? 12.662  -5.221  -22.100 1.00 29.22 ? 26  ASP A OD2 1 
ATOM   179  N N   . GLU A 1 27  ? 11.865  -7.748  -18.849 1.00 24.90 ? 27  GLU A N   1 
ATOM   180  C CA  . GLU A 1 27  ? 12.205  -9.097  -18.392 1.00 29.55 ? 27  GLU A CA  1 
ATOM   181  C C   . GLU A 1 27  ? 13.703  -9.338  -18.318 1.00 31.61 ? 27  GLU A C   1 
ATOM   182  O O   . GLU A 1 27  ? 14.177  -10.096 -17.471 1.00 34.43 ? 27  GLU A O   1 
ATOM   183  C CB  . GLU A 1 27  ? 11.560  -10.150 -19.306 1.00 31.20 ? 27  GLU A CB  1 
ATOM   184  C CG  . GLU A 1 27  ? 11.956  -11.593 -18.986 1.00 34.15 ? 27  GLU A CG  1 
ATOM   185  C CD  . GLU A 1 27  ? 11.041  -12.636 -19.630 1.00 33.79 ? 27  GLU A CD  1 
ATOM   186  O OE1 . GLU A 1 27  ? 10.896  -12.633 -20.866 1.00 33.47 ? 27  GLU A OE1 1 
ATOM   187  O OE2 . GLU A 1 27  ? 10.467  -13.460 -18.889 1.00 35.75 ? 27  GLU A OE2 1 
ATOM   188  N N   . ASN A 1 28  ? 14.441  -8.687  -19.206 1.00 32.03 ? 28  ASN A N   1 
ATOM   189  C CA  . ASN A 1 28  ? 15.884  -8.832  -19.243 1.00 35.07 ? 28  ASN A CA  1 
ATOM   190  C C   . ASN A 1 28  ? 16.561  -8.108  -18.077 1.00 35.75 ? 28  ASN A C   1 
ATOM   191  O O   . ASN A 1 28  ? 17.735  -8.355  -17.790 1.00 36.92 ? 28  ASN A O   1 
ATOM   192  C CB  . ASN A 1 28  ? 16.418  -8.316  -20.582 1.00 38.65 ? 28  ASN A CB  1 
ATOM   193  C CG  . ASN A 1 28  ? 16.017  -9.208  -21.752 1.00 42.59 ? 28  ASN A CG  1 
ATOM   194  O OD1 . ASN A 1 28  ? 15.982  -8.767  -22.899 1.00 45.01 ? 28  ASN A OD1 1 
ATOM   195  N ND2 . ASN A 1 28  ? 15.723  -10.476 -21.462 1.00 43.72 ? 28  ASN A ND2 1 
ATOM   196  N N   . SER A 1 29  ? 15.827  -7.226  -17.398 1.00 32.43 ? 29  SER A N   1 
ATOM   197  C CA  . SER A 1 29  ? 16.390  -6.501  -16.259 1.00 31.08 ? 29  SER A CA  1 
ATOM   198  C C   . SER A 1 29  ? 15.941  -7.090  -14.928 1.00 30.74 ? 29  SER A C   1 
ATOM   199  O O   . SER A 1 29  ? 16.407  -6.666  -13.874 1.00 30.04 ? 29  SER A O   1 
ATOM   200  C CB  . SER A 1 29  ? 16.000  -5.020  -16.303 1.00 31.09 ? 29  SER A CB  1 
ATOM   201  O OG  . SER A 1 29  ? 16.621  -4.348  -17.383 1.00 30.23 ? 29  SER A OG  1 
ATOM   202  N N   . LEU A 1 30  ? 15.043  -8.069  -14.982 1.00 29.95 ? 30  LEU A N   1 
ATOM   203  C CA  . LEU A 1 30  ? 14.537  -8.710  -13.778 1.00 30.25 ? 30  LEU A CA  1 
ATOM   204  C C   . LEU A 1 30  ? 15.615  -9.129  -12.789 1.00 30.58 ? 30  LEU A C   1 
ATOM   205  O O   . LEU A 1 30  ? 15.502  -8.865  -11.591 1.00 31.07 ? 30  LEU A O   1 
ATOM   206  C CB  . LEU A 1 30  ? 13.703  -9.935  -14.139 1.00 32.17 ? 30  LEU A CB  1 
ATOM   207  C CG  . LEU A 1 30  ? 12.187  -9.769  -14.146 1.00 31.32 ? 30  LEU A CG  1 
ATOM   208  C CD1 . LEU A 1 30  ? 11.534  -11.091 -14.524 1.00 29.31 ? 30  LEU A CD1 1 
ATOM   209  C CD2 . LEU A 1 30  ? 11.725  -9.323  -12.771 1.00 33.20 ? 30  LEU A CD2 1 
ATOM   210  N N   . PRO A 1 31  ? 16.673  -9.797  -13.274 1.00 31.32 ? 31  PRO A N   1 
ATOM   211  C CA  . PRO A 1 31  ? 17.762  -10.247 -12.403 1.00 30.91 ? 31  PRO A CA  1 
ATOM   212  C C   . PRO A 1 31  ? 18.327  -9.169  -11.484 1.00 31.10 ? 31  PRO A C   1 
ATOM   213  O O   . PRO A 1 31  ? 18.645  -9.441  -10.323 1.00 32.52 ? 31  PRO A O   1 
ATOM   214  C CB  . PRO A 1 31  ? 18.793  -10.767 -13.396 1.00 31.06 ? 31  PRO A CB  1 
ATOM   215  C CG  . PRO A 1 31  ? 17.923  -11.343 -14.474 1.00 31.89 ? 31  PRO A CG  1 
ATOM   216  C CD  . PRO A 1 31  ? 16.901  -10.244 -14.659 1.00 31.89 ? 31  PRO A CD  1 
ATOM   217  N N   . LYS A 1 32  ? 18.449  -7.951  -12.006 1.00 29.97 ? 32  LYS A N   1 
ATOM   218  C CA  . LYS A 1 32  ? 18.970  -6.831  -11.224 1.00 28.82 ? 32  LYS A CA  1 
ATOM   219  C C   . LYS A 1 32  ? 18.234  -6.676  -9.894  1.00 29.43 ? 32  LYS A C   1 
ATOM   220  O O   . LYS A 1 32  ? 18.821  -6.267  -8.894  1.00 28.58 ? 32  LYS A O   1 
ATOM   221  C CB  . LYS A 1 32  ? 18.862  -5.526  -12.017 1.00 28.64 ? 32  LYS A CB  1 
ATOM   222  C CG  . LYS A 1 32  ? 19.703  -5.486  -13.284 1.00 29.63 ? 32  LYS A CG  1 
ATOM   223  C CD  . LYS A 1 32  ? 19.594  -4.144  -13.983 1.00 32.36 ? 32  LYS A CD  1 
ATOM   224  C CE  . LYS A 1 32  ? 20.524  -4.056  -15.186 1.00 31.50 ? 32  LYS A CE  1 
ATOM   225  N NZ  . LYS A 1 32  ? 21.954  -4.266  -14.800 1.00 34.33 ? 32  LYS A NZ  1 
ATOM   226  N N   . LEU A 1 33  ? 16.949  -7.008  -9.876  1.00 29.35 ? 33  LEU A N   1 
ATOM   227  C CA  . LEU A 1 33  ? 16.180  -6.876  -8.651  1.00 30.63 ? 33  LEU A CA  1 
ATOM   228  C C   . LEU A 1 33  ? 16.632  -7.864  -7.603  1.00 31.23 ? 33  LEU A C   1 
ATOM   229  O O   . LEU A 1 33  ? 16.773  -7.514  -6.428  1.00 31.63 ? 33  LEU A O   1 
ATOM   230  C CB  . LEU A 1 33  ? 14.687  -7.055  -8.921  1.00 26.78 ? 33  LEU A CB  1 
ATOM   231  C CG  . LEU A 1 33  ? 14.044  -5.960  -9.775  1.00 24.25 ? 33  LEU A CG  1 
ATOM   232  C CD1 . LEU A 1 33  ? 12.574  -6.272  -9.921  1.00 21.66 ? 33  LEU A CD1 1 
ATOM   233  C CD2 . LEU A 1 33  ? 14.252  -4.584  -9.152  1.00 19.51 ? 33  LEU A CD2 1 
ATOM   234  N N   . GLU A 1 34  ? 16.858  -9.105  -8.011  1.00 33.59 ? 34  GLU A N   1 
ATOM   235  C CA  . GLU A 1 34  ? 17.305  -10.110 -7.050  1.00 37.37 ? 34  GLU A CA  1 
ATOM   236  C C   . GLU A 1 34  ? 18.737  -9.863  -6.603  1.00 36.76 ? 34  GLU A C   1 
ATOM   237  O O   . GLU A 1 34  ? 19.104  -10.202 -5.479  1.00 39.33 ? 34  GLU A O   1 
ATOM   238  C CB  . GLU A 1 34  ? 17.172  -11.520 -7.629  1.00 39.37 ? 34  GLU A CB  1 
ATOM   239  C CG  . GLU A 1 34  ? 15.774  -12.077 -7.498  1.00 42.55 ? 34  GLU A CG  1 
ATOM   240  C CD  . GLU A 1 34  ? 15.761  -13.509 -6.984  1.00 45.23 ? 34  GLU A CD  1 
ATOM   241  O OE1 . GLU A 1 34  ? 16.411  -13.776 -5.942  1.00 45.58 ? 34  GLU A OE1 1 
ATOM   242  O OE2 . GLU A 1 34  ? 15.092  -14.361 -7.618  1.00 46.02 ? 34  GLU A OE2 1 
ATOM   243  N N   . GLU A 1 35  ? 19.543  -9.262  -7.475  1.00 36.14 ? 35  GLU A N   1 
ATOM   244  C CA  . GLU A 1 35  ? 20.926  -8.970  -7.117  1.00 35.96 ? 35  GLU A CA  1 
ATOM   245  C C   . GLU A 1 35  ? 20.942  -7.956  -5.979  1.00 33.19 ? 35  GLU A C   1 
ATOM   246  O O   . GLU A 1 35  ? 21.893  -7.891  -5.196  1.00 32.33 ? 35  GLU A O   1 
ATOM   247  C CB  . GLU A 1 35  ? 21.689  -8.409  -8.313  1.00 38.58 ? 35  GLU A CB  1 
ATOM   248  C CG  . GLU A 1 35  ? 21.763  -9.342  -9.500  1.00 45.04 ? 35  GLU A CG  1 
ATOM   249  C CD  . GLU A 1 35  ? 22.738  -8.852  -10.545 1.00 49.45 ? 35  GLU A CD  1 
ATOM   250  O OE1 . GLU A 1 35  ? 23.933  -8.704  -10.206 1.00 52.97 ? 35  GLU A OE1 1 
ATOM   251  O OE2 . GLU A 1 35  ? 22.318  -8.611  -11.702 1.00 52.59 ? 35  GLU A OE2 1 
ATOM   252  N N   . LEU A 1 36  ? 19.880  -7.161  -5.899  1.00 29.50 ? 36  LEU A N   1 
ATOM   253  C CA  . LEU A 1 36  ? 19.751  -6.158  -4.850  1.00 25.91 ? 36  LEU A CA  1 
ATOM   254  C C   . LEU A 1 36  ? 19.126  -6.801  -3.618  1.00 27.01 ? 36  LEU A C   1 
ATOM   255  O O   . LEU A 1 36  ? 19.021  -6.172  -2.565  1.00 26.82 ? 36  LEU A O   1 
ATOM   256  C CB  . LEU A 1 36  ? 18.881  -4.996  -5.336  1.00 20.77 ? 36  LEU A CB  1 
ATOM   257  C CG  . LEU A 1 36  ? 19.516  -4.118  -6.419  1.00 17.90 ? 36  LEU A CG  1 
ATOM   258  C CD1 . LEU A 1 36  ? 18.497  -3.140  -6.974  1.00 15.07 ? 36  LEU A CD1 1 
ATOM   259  C CD2 . LEU A 1 36  ? 20.711  -3.374  -5.812  1.00 14.31 ? 36  LEU A CD2 1 
ATOM   260  N N   . LYS A 1 37  ? 18.724  -8.065  -3.760  1.00 27.03 ? 37  LYS A N   1 
ATOM   261  C CA  . LYS A 1 37  ? 18.108  -8.819  -2.673  1.00 26.86 ? 37  LYS A CA  1 
ATOM   262  C C   . LYS A 1 37  ? 16.907  -8.086  -2.084  1.00 25.90 ? 37  LYS A C   1 
ATOM   263  O O   . LYS A 1 37  ? 16.720  -8.056  -0.863  1.00 25.26 ? 37  LYS A O   1 
ATOM   264  C CB  . LYS A 1 37  ? 19.134  -9.097  -1.573  1.00 27.57 ? 37  LYS A CB  1 
ATOM   265  C CG  . LYS A 1 37  ? 20.232  -10.078 -1.969  1.00 33.15 ? 37  LYS A CG  1 
ATOM   266  C CD  . LYS A 1 37  ? 19.667  -11.473 -2.205  1.00 36.39 ? 37  LYS A CD  1 
ATOM   267  C CE  . LYS A 1 37  ? 20.744  -12.454 -2.634  1.00 38.06 ? 37  LYS A CE  1 
ATOM   268  N NZ  . LYS A 1 37  ? 20.157  -13.812 -2.841  1.00 37.80 ? 37  LYS A NZ  1 
ATOM   269  N N   . VAL A 1 38  ? 16.094  -7.497  -2.954  1.00 24.97 ? 38  VAL A N   1 
ATOM   270  C CA  . VAL A 1 38  ? 14.906  -6.768  -2.516  1.00 23.93 ? 38  VAL A CA  1 
ATOM   271  C C   . VAL A 1 38  ? 13.984  -7.600  -1.616  1.00 24.12 ? 38  VAL A C   1 
ATOM   272  O O   . VAL A 1 38  ? 13.442  -7.083  -0.643  1.00 23.02 ? 38  VAL A O   1 
ATOM   273  C CB  . VAL A 1 38  ? 14.088  -6.260  -3.731  1.00 21.93 ? 38  VAL A CB  1 
ATOM   274  C CG1 . VAL A 1 38  ? 14.946  -5.334  -4.591  1.00 19.63 ? 38  VAL A CG1 1 
ATOM   275  C CG2 . VAL A 1 38  ? 13.578  -7.434  -4.547  1.00 19.04 ? 38  VAL A CG2 1 
ATOM   276  N N   . ARG A 1 39  ? 13.818  -8.883  -1.926  1.00 25.92 ? 39  ARG A N   1 
ATOM   277  C CA  . ARG A 1 39  ? 12.939  -9.744  -1.125  1.00 31.28 ? 39  ARG A CA  1 
ATOM   278  C C   . ARG A 1 39  ? 13.352  -9.916  0.335   1.00 33.59 ? 39  ARG A C   1 
ATOM   279  O O   . ARG A 1 39  ? 12.613  -10.486 1.131   1.00 33.55 ? 39  ARG A O   1 
ATOM   280  C CB  . ARG A 1 39  ? 12.814  -11.123 -1.771  1.00 29.37 ? 39  ARG A CB  1 
ATOM   281  C CG  . ARG A 1 39  ? 11.557  -11.320 -2.592  1.00 31.93 ? 39  ARG A CG  1 
ATOM   282  C CD  . ARG A 1 39  ? 11.787  -12.387 -3.641  1.00 35.01 ? 39  ARG A CD  1 
ATOM   283  N NE  . ARG A 1 39  ? 12.417  -13.569 -3.067  1.00 38.37 ? 39  ARG A NE  1 
ATOM   284  C CZ  . ARG A 1 39  ? 13.203  -14.403 -3.740  1.00 40.03 ? 39  ARG A CZ  1 
ATOM   285  N NH1 . ARG A 1 39  ? 13.459  -14.186 -5.021  1.00 41.14 ? 39  ARG A NH1 1 
ATOM   286  N NH2 . ARG A 1 39  ? 13.741  -15.448 -3.125  1.00 42.43 ? 39  ARG A NH2 1 
ATOM   287  N N   . ASP A 1 40  ? 14.527  -9.410  0.686   1.00 36.59 ? 40  ASP A N   1 
ATOM   288  C CA  . ASP A 1 40  ? 15.032  -9.530  2.044   1.00 40.00 ? 40  ASP A CA  1 
ATOM   289  C C   . ASP A 1 40  ? 15.461  -8.164  2.550   1.00 40.25 ? 40  ASP A C   1 
ATOM   290  O O   . ASP A 1 40  ? 16.584  -7.979  3.015   1.00 42.07 ? 40  ASP A O   1 
ATOM   291  C CB  . ASP A 1 40  ? 16.209  -10.508 2.058   1.00 43.73 ? 40  ASP A CB  1 
ATOM   292  C CG  . ASP A 1 40  ? 16.850  -10.631 3.415   1.00 45.84 ? 40  ASP A CG  1 
ATOM   293  O OD1 . ASP A 1 40  ? 16.115  -10.702 4.420   1.00 50.15 ? 40  ASP A OD1 1 
ATOM   294  O OD2 . ASP A 1 40  ? 18.095  -10.668 3.469   1.00 48.00 ? 40  ASP A OD2 1 
ATOM   295  N N   . SER A 1 41  ? 14.546  -7.208  2.461   1.00 39.32 ? 41  SER A N   1 
ATOM   296  C CA  . SER A 1 41  ? 14.831  -5.842  2.873   1.00 37.77 ? 41  SER A CA  1 
ATOM   297  C C   . SER A 1 41  ? 14.019  -5.371  4.077   1.00 36.26 ? 41  SER A C   1 
ATOM   298  O O   . SER A 1 41  ? 14.259  -4.281  4.599   1.00 36.37 ? 41  SER A O   1 
ATOM   299  C CB  . SER A 1 41  ? 14.579  -4.908  1.690   1.00 38.99 ? 41  SER A CB  1 
ATOM   300  O OG  . SER A 1 41  ? 13.251  -5.043  1.206   1.00 38.33 ? 41  SER A OG  1 
ATOM   301  N N   . LYS A 1 42  ? 13.060  -6.182  4.515   1.00 33.79 ? 42  LYS A N   1 
ATOM   302  C CA  . LYS A 1 42  ? 12.222  -5.823  5.660   1.00 31.75 ? 42  LYS A CA  1 
ATOM   303  C C   . LYS A 1 42  ? 13.025  -5.665  6.944   1.00 28.79 ? 42  LYS A C   1 
ATOM   304  O O   . LYS A 1 42  ? 12.566  -5.044  7.898   1.00 28.92 ? 42  LYS A O   1 
ATOM   305  C CB  . LYS A 1 42  ? 11.131  -6.878  5.855   1.00 33.09 ? 42  LYS A CB  1 
ATOM   306  C CG  . LYS A 1 42  ? 10.084  -6.880  4.763   1.00 33.09 ? 42  LYS A CG  1 
ATOM   307  C CD  . LYS A 1 42  ? 9.089   -8.014  4.931   1.00 34.79 ? 42  LYS A CD  1 
ATOM   308  C CE  . LYS A 1 42  ? 7.990   -7.927  3.869   1.00 34.76 ? 42  LYS A CE  1 
ATOM   309  N NZ  . LYS A 1 42  ? 6.994   -9.028  3.978   1.00 34.32 ? 42  LYS A NZ  1 
ATOM   310  N N   . LYS A 1 43  ? 14.230  -6.219  6.950   1.00 26.88 ? 43  LYS A N   1 
ATOM   311  C CA  . LYS A 1 43  ? 15.104  -6.153  8.114   1.00 26.77 ? 43  LYS A CA  1 
ATOM   312  C C   . LYS A 1 43  ? 15.970  -4.906  8.119   1.00 23.62 ? 43  LYS A C   1 
ATOM   313  O O   . LYS A 1 43  ? 16.531  -4.538  9.146   1.00 20.92 ? 43  LYS A O   1 
ATOM   314  C CB  . LYS A 1 43  ? 16.012  -7.381  8.153   1.00 27.16 ? 43  LYS A CB  1 
ATOM   315  C CG  . LYS A 1 43  ? 16.891  -7.502  6.929   1.00 30.97 ? 43  LYS A CG  1 
ATOM   316  C CD  . LYS A 1 43  ? 17.796  -8.722  7.034   1.00 35.69 ? 43  LYS A CD  1 
ATOM   317  C CE  . LYS A 1 43  ? 18.623  -8.891  5.776   1.00 36.39 ? 43  LYS A CE  1 
ATOM   318  N NZ  . LYS A 1 43  ? 19.335  -7.638  5.429   1.00 39.28 ? 43  LYS A NZ  1 
ATOM   319  N N   . LEU A 1 44  ? 16.075  -4.253  6.968   1.00 23.13 ? 44  LEU A N   1 
ATOM   320  C CA  . LEU A 1 44  ? 16.909  -3.062  6.844   1.00 20.94 ? 44  LEU A CA  1 
ATOM   321  C C   . LEU A 1 44  ? 16.409  -1.871  7.651   1.00 19.00 ? 44  LEU A C   1 
ATOM   322  O O   . LEU A 1 44  ? 15.222  -1.759  7.936   1.00 18.06 ? 44  LEU A O   1 
ATOM   323  C CB  . LEU A 1 44  ? 17.030  -2.660  5.369   1.00 17.43 ? 44  LEU A CB  1 
ATOM   324  C CG  . LEU A 1 44  ? 17.526  -3.740  4.403   1.00 20.36 ? 44  LEU A CG  1 
ATOM   325  C CD1 . LEU A 1 44  ? 17.527  -3.203  2.972   1.00 15.43 ? 44  LEU A CD1 1 
ATOM   326  C CD2 . LEU A 1 44  ? 18.930  -4.190  4.803   1.00 17.59 ? 44  LEU A CD2 1 
ATOM   327  N N   . THR A 1 45  ? 17.333  -0.993  8.030   1.00 18.40 ? 45  THR A N   1 
ATOM   328  C CA  . THR A 1 45  ? 16.976  0.207   8.764   1.00 21.54 ? 45  THR A CA  1 
ATOM   329  C C   . THR A 1 45  ? 16.395  1.144   7.706   1.00 21.63 ? 45  THR A C   1 
ATOM   330  O O   . THR A 1 45  ? 16.639  0.977   6.503   1.00 17.44 ? 45  THR A O   1 
ATOM   331  C CB  . THR A 1 45  ? 18.213  0.914   9.407   1.00 23.03 ? 45  THR A CB  1 
ATOM   332  O OG1 . THR A 1 45  ? 19.022  1.498   8.378   1.00 23.83 ? 45  THR A OG1 1 
ATOM   333  C CG2 . THR A 1 45  ? 19.057  -0.075  10.198  1.00 23.75 ? 45  THR A CG2 1 
ATOM   334  N N   . PRO A 1 46  ? 15.619  2.142   8.145   1.00 23.19 ? 46  PRO A N   1 
ATOM   335  C CA  . PRO A 1 46  ? 15.000  3.113   7.238   1.00 25.07 ? 46  PRO A CA  1 
ATOM   336  C C   . PRO A 1 46  ? 15.984  3.736   6.243   1.00 27.82 ? 46  PRO A C   1 
ATOM   337  O O   . PRO A 1 46  ? 15.695  3.825   5.045   1.00 26.33 ? 46  PRO A O   1 
ATOM   338  C CB  . PRO A 1 46  ? 14.392  4.128   8.201   1.00 24.48 ? 46  PRO A CB  1 
ATOM   339  C CG  . PRO A 1 46  ? 13.935  3.240   9.327   1.00 24.43 ? 46  PRO A CG  1 
ATOM   340  C CD  . PRO A 1 46  ? 15.117  2.311   9.523   1.00 22.19 ? 46  PRO A CD  1 
ATOM   341  N N   . LYS A 1 47  ? 17.148  4.156   6.733   1.00 30.63 ? 47  LYS A N   1 
ATOM   342  C CA  . LYS A 1 47  ? 18.150  4.767   5.861   1.00 33.60 ? 47  LYS A CA  1 
ATOM   343  C C   . LYS A 1 47  ? 18.684  3.780   4.827   1.00 32.33 ? 47  LYS A C   1 
ATOM   344  O O   . LYS A 1 47  ? 18.916  4.141   3.673   1.00 30.72 ? 47  LYS A O   1 
ATOM   345  C CB  . LYS A 1 47  ? 19.328  5.314   6.673   1.00 35.16 ? 47  LYS A CB  1 
ATOM   346  C CG  . LYS A 1 47  ? 19.159  6.747   7.130   1.00 41.33 ? 47  LYS A CG  1 
ATOM   347  C CD  . LYS A 1 47  ? 20.481  7.291   7.664   1.00 46.28 ? 47  LYS A CD  1 
ATOM   348  C CE  . LYS A 1 47  ? 20.374  8.752   8.101   1.00 48.00 ? 47  LYS A CE  1 
ATOM   349  N NZ  . LYS A 1 47  ? 21.695  9.284   8.552   1.00 48.18 ? 47  LYS A NZ  1 
ATOM   350  N N   . ARG A 1 48  ? 18.885  2.539   5.251   1.00 31.51 ? 48  ARG A N   1 
ATOM   351  C CA  . ARG A 1 48  ? 19.394  1.519   4.353   1.00 32.19 ? 48  ARG A CA  1 
ATOM   352  C C   . ARG A 1 48  ? 18.317  1.160   3.323   1.00 30.13 ? 48  ARG A C   1 
ATOM   353  O O   . ARG A 1 48  ? 18.634  0.769   2.198   1.00 27.05 ? 48  ARG A O   1 
ATOM   354  C CB  . ARG A 1 48  ? 19.820  0.280   5.146   1.00 35.70 ? 48  ARG A CB  1 
ATOM   355  C CG  . ARG A 1 48  ? 20.882  -0.546  4.447   1.00 44.56 ? 48  ARG A CG  1 
ATOM   356  C CD  . ARG A 1 48  ? 21.361  -1.725  5.293   1.00 51.70 ? 48  ARG A CD  1 
ATOM   357  N NE  . ARG A 1 48  ? 21.994  -1.316  6.548   1.00 55.18 ? 48  ARG A NE  1 
ATOM   358  C CZ  . ARG A 1 48  ? 22.454  -2.174  7.454   1.00 56.95 ? 48  ARG A CZ  1 
ATOM   359  N NH1 . ARG A 1 48  ? 22.352  -3.482  7.238   1.00 57.38 ? 48  ARG A NH1 1 
ATOM   360  N NH2 . ARG A 1 48  ? 23.001  -1.730  8.579   1.00 57.53 ? 48  ARG A NH2 1 
ATOM   361  N N   . ARG A 1 49  ? 17.050  1.312   3.703   1.00 27.59 ? 49  ARG A N   1 
ATOM   362  C CA  . ARG A 1 49  ? 15.949  1.016   2.793   1.00 27.07 ? 49  ARG A CA  1 
ATOM   363  C C   . ARG A 1 49  ? 15.861  2.163   1.787   1.00 25.33 ? 49  ARG A C   1 
ATOM   364  O O   . ARG A 1 49  ? 15.521  1.961   0.620   1.00 22.95 ? 49  ARG A O   1 
ATOM   365  C CB  . ARG A 1 49  ? 14.631  0.902   3.561   1.00 26.09 ? 49  ARG A CB  1 
ATOM   366  C CG  . ARG A 1 49  ? 13.609  -0.007  2.900   1.00 28.30 ? 49  ARG A CG  1 
ATOM   367  C CD  . ARG A 1 49  ? 12.278  0.012   3.642   1.00 29.58 ? 49  ARG A CD  1 
ATOM   368  N NE  . ARG A 1 49  ? 12.449  0.106   5.096   1.00 31.65 ? 49  ARG A NE  1 
ATOM   369  C CZ  . ARG A 1 49  ? 12.742  -0.915  5.896   1.00 31.24 ? 49  ARG A CZ  1 
ATOM   370  N NH1 . ARG A 1 49  ? 12.899  -2.139  5.410   1.00 31.41 ? 49  ARG A NH1 1 
ATOM   371  N NH2 . ARG A 1 49  ? 12.881  -0.701  7.190   1.00 34.22 ? 49  ARG A NH2 1 
ATOM   372  N N   . GLU A 1 50  ? 16.183  3.361   2.273   1.00 25.31 ? 50  GLU A N   1 
ATOM   373  C CA  . GLU A 1 50  ? 16.186  4.592   1.485   1.00 24.66 ? 50  GLU A CA  1 
ATOM   374  C C   . GLU A 1 50  ? 17.167  4.397   0.330   1.00 23.10 ? 50  GLU A C   1 
ATOM   375  O O   . GLU A 1 50  ? 16.872  4.738   -0.824  1.00 20.84 ? 50  GLU A O   1 
ATOM   376  C CB  . GLU A 1 50  ? 16.645  5.763   2.361   1.00 29.59 ? 50  GLU A CB  1 
ATOM   377  C CG  . GLU A 1 50  ? 16.005  7.117   2.057   1.00 37.42 ? 50  GLU A CG  1 
ATOM   378  C CD  . GLU A 1 50  ? 14.670  7.315   2.765   1.00 42.61 ? 50  GLU A CD  1 
ATOM   379  O OE1 . GLU A 1 50  ? 14.044  8.385   2.586   1.00 45.07 ? 50  GLU A OE1 1 
ATOM   380  O OE2 . GLU A 1 50  ? 14.245  6.402   3.505   1.00 44.74 ? 50  GLU A OE2 1 
ATOM   381  N N   . LYS A 1 51  ? 18.343  3.855   0.646   1.00 19.03 ? 51  LYS A N   1 
ATOM   382  C CA  . LYS A 1 51  ? 19.342  3.589   -0.386  1.00 20.69 ? 51  LYS A CA  1 
ATOM   383  C C   . LYS A 1 51  ? 18.797  2.582   -1.388  1.00 19.20 ? 51  LYS A C   1 
ATOM   384  O O   . LYS A 1 51  ? 18.832  2.818   -2.594  1.00 20.73 ? 51  LYS A O   1 
ATOM   385  C CB  . LYS A 1 51  ? 20.633  3.025   0.219   1.00 22.02 ? 51  LYS A CB  1 
ATOM   386  C CG  . LYS A 1 51  ? 21.805  4.002   0.264   1.00 27.30 ? 51  LYS A CG  1 
ATOM   387  C CD  . LYS A 1 51  ? 22.190  4.547   -1.125  1.00 30.98 ? 51  LYS A CD  1 
ATOM   388  C CE  . LYS A 1 51  ? 21.469  5.857   -1.476  1.00 31.83 ? 51  LYS A CE  1 
ATOM   389  N NZ  . LYS A 1 51  ? 21.981  6.484   -2.736  1.00 24.29 ? 51  LYS A NZ  1 
ATOM   390  N N   . LEU A 1 52  ? 18.292  1.457   -0.884  1.00 15.82 ? 52  LEU A N   1 
ATOM   391  C CA  . LEU A 1 52  ? 17.752  0.407   -1.746  1.00 15.44 ? 52  LEU A CA  1 
ATOM   392  C C   . LEU A 1 52  ? 16.690  0.967   -2.701  1.00 12.69 ? 52  LEU A C   1 
ATOM   393  O O   . LEU A 1 52  ? 16.637  0.579   -3.867  1.00 7.20  ? 52  LEU A O   1 
ATOM   394  C CB  . LEU A 1 52  ? 17.138  -0.704  -0.893  1.00 13.23 ? 52  LEU A CB  1 
ATOM   395  C CG  . LEU A 1 52  ? 17.203  -2.131  -1.439  1.00 18.07 ? 52  LEU A CG  1 
ATOM   396  C CD1 . LEU A 1 52  ? 16.244  -2.992  -0.635  1.00 13.57 ? 52  LEU A CD1 1 
ATOM   397  C CD2 . LEU A 1 52  ? 16.855  -2.199  -2.913  1.00 18.01 ? 52  LEU A CD2 1 
ATOM   398  N N   . PHE A 1 53  ? 15.858  1.870   -2.179  1.00 11.79 ? 53  PHE A N   1 
ATOM   399  C CA  . PHE A 1 53  ? 14.775  2.524   -2.923  1.00 13.11 ? 53  PHE A CA  1 
ATOM   400  C C   . PHE A 1 53  ? 15.367  3.202   -4.161  1.00 14.04 ? 53  PHE A C   1 
ATOM   401  O O   . PHE A 1 53  ? 14.928  2.968   -5.290  1.00 14.23 ? 53  PHE A O   1 
ATOM   402  C CB  . PHE A 1 53  ? 14.092  3.558   -1.997  1.00 10.22 ? 53  PHE A CB  1 
ATOM   403  C CG  . PHE A 1 53  ? 12.969  4.378   -2.641  1.00 9.36  ? 53  PHE A CG  1 
ATOM   404  C CD1 . PHE A 1 53  ? 11.645  4.204   -2.234  1.00 10.70 ? 53  PHE A CD1 1 
ATOM   405  C CD2 . PHE A 1 53  ? 13.249  5.412   -3.539  1.00 9.50  ? 53  PHE A CD2 1 
ATOM   406  C CE1 . PHE A 1 53  ? 10.615  5.050   -2.697  1.00 10.94 ? 53  PHE A CE1 1 
ATOM   407  C CE2 . PHE A 1 53  ? 12.222  6.268   -4.013  1.00 7.86  ? 53  PHE A CE2 1 
ATOM   408  C CZ  . PHE A 1 53  ? 10.904  6.084   -3.586  1.00 7.27  ? 53  PHE A CZ  1 
ATOM   409  N N   . ASN A 1 54  ? 16.380  4.026   -3.936  1.00 14.36 ? 54  ASN A N   1 
ATOM   410  C CA  . ASN A 1 54  ? 17.029  4.742   -5.012  1.00 16.64 ? 54  ASN A CA  1 
ATOM   411  C C   . ASN A 1 54  ? 17.711  3.843   -6.009  1.00 15.98 ? 54  ASN A C   1 
ATOM   412  O O   . ASN A 1 54  ? 17.803  4.176   -7.190  1.00 16.51 ? 54  ASN A O   1 
ATOM   413  C CB  . ASN A 1 54  ? 18.024  5.740   -4.443  1.00 17.64 ? 54  ASN A CB  1 
ATOM   414  C CG  . ASN A 1 54  ? 17.334  6.915   -3.808  1.00 20.42 ? 54  ASN A CG  1 
ATOM   415  O OD1 . ASN A 1 54  ? 16.431  7.494   -4.407  1.00 23.89 ? 54  ASN A OD1 1 
ATOM   416  N ND2 . ASN A 1 54  ? 17.746  7.280   -2.601  1.00 22.07 ? 54  ASN A ND2 1 
ATOM   417  N N   . GLU A 1 55  ? 18.193  2.706   -5.537  1.00 15.17 ? 55  GLU A N   1 
ATOM   418  C CA  . GLU A 1 55  ? 18.867  1.761   -6.413  1.00 17.87 ? 55  GLU A CA  1 
ATOM   419  C C   . GLU A 1 55  ? 17.854  1.119   -7.352  1.00 17.02 ? 55  GLU A C   1 
ATOM   420  O O   . GLU A 1 55  ? 18.124  0.944   -8.549  1.00 15.74 ? 55  GLU A O   1 
ATOM   421  C CB  . GLU A 1 55  ? 19.560  0.680   -5.583  1.00 22.08 ? 55  GLU A CB  1 
ATOM   422  C CG  . GLU A 1 55  ? 20.637  1.233   -4.680  1.00 31.56 ? 55  GLU A CG  1 
ATOM   423  C CD  . GLU A 1 55  ? 21.263  0.174   -3.797  1.00 36.69 ? 55  GLU A CD  1 
ATOM   424  O OE1 . GLU A 1 55  ? 22.161  0.521   -2.999  1.00 38.75 ? 55  GLU A OE1 1 
ATOM   425  O OE2 . GLU A 1 55  ? 20.858  -1.007  -3.899  1.00 41.55 ? 55  GLU A OE2 1 
ATOM   426  N N   . ILE A 1 56  ? 16.687  0.789   -6.796  1.00 13.27 ? 56  ILE A N   1 
ATOM   427  C CA  . ILE A 1 56  ? 15.599  0.154   -7.545  1.00 11.61 ? 56  ILE A CA  1 
ATOM   428  C C   . ILE A 1 56  ? 15.113  1.016   -8.711  1.00 13.21 ? 56  ILE A C   1 
ATOM   429  O O   . ILE A 1 56  ? 14.833  0.492   -9.790  1.00 10.20 ? 56  ILE A O   1 
ATOM   430  C CB  . ILE A 1 56  ? 14.393  -0.157  -6.623  1.00 9.60  ? 56  ILE A CB  1 
ATOM   431  C CG1 . ILE A 1 56  ? 14.803  -1.170  -5.540  1.00 8.98  ? 56  ILE A CG1 1 
ATOM   432  C CG2 . ILE A 1 56  ? 13.245  -0.713  -7.434  1.00 8.57  ? 56  ILE A CG2 1 
ATOM   433  C CD1 . ILE A 1 56  ? 13.770  -1.324  -4.452  1.00 5.58  ? 56  ILE A CD1 1 
ATOM   434  N N   . LEU A 1 57  ? 15.016  2.328   -8.505  1.00 12.49 ? 57  LEU A N   1 
ATOM   435  C CA  . LEU A 1 57  ? 14.547  3.185   -9.582  1.00 16.42 ? 57  LEU A CA  1 
ATOM   436  C C   . LEU A 1 57  ? 15.462  3.056   -10.803 1.00 17.46 ? 57  LEU A C   1 
ATOM   437  O O   . LEU A 1 57  ? 15.013  3.163   -11.950 1.00 17.78 ? 57  LEU A O   1 
ATOM   438  C CB  . LEU A 1 57  ? 14.453  4.654   -9.130  1.00 13.52 ? 57  LEU A CB  1 
ATOM   439  C CG  . LEU A 1 57  ? 13.502  4.984   -7.969  1.00 12.83 ? 57  LEU A CG  1 
ATOM   440  C CD1 . LEU A 1 57  ? 13.408  6.499   -7.802  1.00 8.97  ? 57  LEU A CD1 1 
ATOM   441  C CD2 . LEU A 1 57  ? 12.131  4.406   -8.232  1.00 11.51 ? 57  LEU A CD2 1 
ATOM   442  N N   . GLY A 1 58  ? 16.742  2.789   -10.557 1.00 20.69 ? 58  GLY A N   1 
ATOM   443  C CA  . GLY A 1 58  ? 17.699  2.656   -11.648 1.00 19.71 ? 58  GLY A CA  1 
ATOM   444  C C   . GLY A 1 58  ? 17.458  1.514   -12.619 1.00 19.27 ? 58  GLY A C   1 
ATOM   445  O O   . GLY A 1 58  ? 17.907  1.572   -13.766 1.00 21.29 ? 58  GLY A O   1 
ATOM   446  N N   . VAL A 1 59  ? 16.747  0.481   -12.180 1.00 18.63 ? 59  VAL A N   1 
ATOM   447  C CA  . VAL A 1 59  ? 16.489  -0.659  -13.049 1.00 18.84 ? 59  VAL A CA  1 
ATOM   448  C C   . VAL A 1 59  ? 15.101  -0.708  -13.679 1.00 18.09 ? 59  VAL A C   1 
ATOM   449  O O   . VAL A 1 59  ? 14.845  -1.521  -14.568 1.00 18.52 ? 59  VAL A O   1 
ATOM   450  C CB  . VAL A 1 59  ? 16.755  -1.986  -12.289 1.00 20.04 ? 59  VAL A CB  1 
ATOM   451  C CG1 . VAL A 1 59  ? 18.160  -1.963  -11.703 1.00 22.56 ? 59  VAL A CG1 1 
ATOM   452  C CG2 . VAL A 1 59  ? 15.733  -2.184  -11.190 1.00 18.97 ? 59  VAL A CG2 1 
ATOM   453  N N   . LEU A 1 60  ? 14.213  0.177   -13.246 1.00 17.27 ? 60  LEU A N   1 
ATOM   454  C CA  . LEU A 1 60  ? 12.845  0.184   -13.763 1.00 18.04 ? 60  LEU A CA  1 
ATOM   455  C C   . LEU A 1 60  ? 12.646  0.965   -15.063 1.00 18.09 ? 60  LEU A C   1 
ATOM   456  O O   . LEU A 1 60  ? 13.274  2.000   -15.281 1.00 18.25 ? 60  LEU A O   1 
ATOM   457  C CB  . LEU A 1 60  ? 11.894  0.771   -12.717 1.00 13.75 ? 60  LEU A CB  1 
ATOM   458  C CG  . LEU A 1 60  ? 12.014  0.347   -11.260 1.00 11.92 ? 60  LEU A CG  1 
ATOM   459  C CD1 . LEU A 1 60  ? 11.150  1.270   -10.455 1.00 8.68  ? 60  LEU A CD1 1 
ATOM   460  C CD2 . LEU A 1 60  ? 11.594  -1.119  -11.060 1.00 16.09 ? 60  LEU A CD2 1 
ATOM   461  N N   . ASP A 1 61  ? 11.760  0.456   -15.917 1.00 18.46 ? 61  ASP A N   1 
ATOM   462  C CA  . ASP A 1 61  ? 11.422  1.125   -17.165 1.00 15.96 ? 61  ASP A CA  1 
ATOM   463  C C   . ASP A 1 61  ? 10.417  2.213   -16.808 1.00 16.82 ? 61  ASP A C   1 
ATOM   464  O O   . ASP A 1 61  ? 10.324  3.235   -17.480 1.00 16.48 ? 61  ASP A O   1 
ATOM   465  C CB  . ASP A 1 61  ? 10.746  0.171   -18.153 1.00 15.58 ? 61  ASP A CB  1 
ATOM   466  C CG  . ASP A 1 61  ? 11.728  -0.690  -18.925 1.00 16.94 ? 61  ASP A CG  1 
ATOM   467  O OD1 . ASP A 1 61  ? 11.256  -1.519  -19.732 1.00 20.22 ? 61  ASP A OD1 1 
ATOM   468  O OD2 . ASP A 1 61  ? 12.959  -0.555  -18.746 1.00 16.10 ? 61  ASP A OD2 1 
ATOM   469  N N   . ASP A 1 62  ? 9.657   1.983   -15.743 1.00 18.81 ? 62  ASP A N   1 
ATOM   470  C CA  . ASP A 1 62  ? 8.639   2.939   -15.310 1.00 17.96 ? 62  ASP A CA  1 
ATOM   471  C C   . ASP A 1 62  ? 8.064   2.526   -13.948 1.00 17.68 ? 62  ASP A C   1 
ATOM   472  O O   . ASP A 1 62  ? 8.245   1.388   -13.497 1.00 13.56 ? 62  ASP A O   1 
ATOM   473  C CB  . ASP A 1 62  ? 7.522   3.007   -16.360 1.00 16.53 ? 62  ASP A CB  1 
ATOM   474  C CG  . ASP A 1 62  ? 6.557   4.146   -16.117 1.00 20.66 ? 62  ASP A CG  1 
ATOM   475  O OD1 . ASP A 1 62  ? 7.009   5.272   -15.790 1.00 22.86 ? 62  ASP A OD1 1 
ATOM   476  O OD2 . ASP A 1 62  ? 5.339   3.934   -16.279 1.00 23.16 ? 62  ASP A OD2 1 
ATOM   477  N N   . TYR A 1 63  ? 7.362   3.452   -13.304 1.00 16.17 ? 63  TYR A N   1 
ATOM   478  C CA  . TYR A 1 63  ? 6.752   3.179   -12.014 1.00 16.06 ? 63  TYR A CA  1 
ATOM   479  C C   . TYR A 1 63  ? 5.751   4.263   -11.645 1.00 15.27 ? 63  TYR A C   1 
ATOM   480  O O   . TYR A 1 63  ? 5.766   5.363   -12.195 1.00 13.93 ? 63  TYR A O   1 
ATOM   481  C CB  . TYR A 1 63  ? 7.818   3.086   -10.919 1.00 16.37 ? 63  TYR A CB  1 
ATOM   482  C CG  . TYR A 1 63  ? 8.371   4.424   -10.476 1.00 16.64 ? 63  TYR A CG  1 
ATOM   483  C CD1 . TYR A 1 63  ? 7.762   5.150   -9.452  1.00 18.68 ? 63  TYR A CD1 1 
ATOM   484  C CD2 . TYR A 1 63  ? 9.520   4.958   -11.065 1.00 16.42 ? 63  TYR A CD2 1 
ATOM   485  C CE1 . TYR A 1 63  ? 8.288   6.367   -9.018  1.00 16.64 ? 63  TYR A CE1 1 
ATOM   486  C CE2 . TYR A 1 63  ? 10.050  6.171   -10.643 1.00 15.02 ? 63  TYR A CE2 1 
ATOM   487  C CZ  . TYR A 1 63  ? 9.431   6.868   -9.615  1.00 17.16 ? 63  TYR A CZ  1 
ATOM   488  O OH  . TYR A 1 63  ? 9.968   8.051   -9.159  1.00 19.52 ? 63  TYR A OH  1 
ATOM   489  N N   . VAL A 1 64  ? 4.895   3.943   -10.687 1.00 15.49 ? 64  VAL A N   1 
ATOM   490  C CA  . VAL A 1 64  ? 3.882   4.867   -10.214 1.00 12.24 ? 64  VAL A CA  1 
ATOM   491  C C   . VAL A 1 64  ? 3.699   4.659   -8.711  1.00 10.72 ? 64  VAL A C   1 
ATOM   492  O O   . VAL A 1 64  ? 3.696   3.531   -8.229  1.00 8.41  ? 64  VAL A O   1 
ATOM   493  C CB  . VAL A 1 64  ? 2.545   4.604   -10.934 1.00 11.17 ? 64  VAL A CB  1 
ATOM   494  C CG1 . VAL A 1 64  ? 1.388   5.154   -10.114 1.00 13.69 ? 64  VAL A CG1 1 
ATOM   495  C CG2 . VAL A 1 64  ? 2.568   5.261   -12.306 1.00 14.72 ? 64  VAL A CG2 1 
ATOM   496  N N   . ILE A 1 65  ? 3.560   5.754   -7.980  1.00 9.09  ? 65  ILE A N   1 
ATOM   497  C CA  . ILE A 1 65  ? 3.339   5.683   -6.550  1.00 12.95 ? 65  ILE A CA  1 
ATOM   498  C C   . ILE A 1 65  ? 2.086   6.501   -6.243  1.00 16.12 ? 65  ILE A C   1 
ATOM   499  O O   . ILE A 1 65  ? 2.015   7.685   -6.560  1.00 17.43 ? 65  ILE A O   1 
ATOM   500  C CB  . ILE A 1 65  ? 4.535   6.256   -5.740  1.00 10.39 ? 65  ILE A CB  1 
ATOM   501  C CG1 . ILE A 1 65  ? 5.794   5.444   -6.006  1.00 8.48  ? 65  ILE A CG1 1 
ATOM   502  C CG2 . ILE A 1 65  ? 4.227   6.201   -4.248  1.00 5.36  ? 65  ILE A CG2 1 
ATOM   503  C CD1 . ILE A 1 65  ? 7.050   6.067   -5.429  1.00 7.59  ? 65  ILE A CD1 1 
ATOM   504  N N   . LEU A 1 66  ? 1.093   5.853   -5.648  1.00 17.81 ? 66  LEU A N   1 
ATOM   505  C CA  . LEU A 1 66  ? -0.149  6.517   -5.309  1.00 20.45 ? 66  LEU A CA  1 
ATOM   506  C C   . LEU A 1 66  ? -0.330  6.618   -3.805  1.00 22.22 ? 66  LEU A C   1 
ATOM   507  O O   . LEU A 1 66  ? -0.448  5.597   -3.117  1.00 22.42 ? 66  LEU A O   1 
ATOM   508  C CB  . LEU A 1 66  ? -1.331  5.756   -5.897  1.00 20.29 ? 66  LEU A CB  1 
ATOM   509  C CG  . LEU A 1 66  ? -1.467  5.696   -7.417  1.00 24.08 ? 66  LEU A CG  1 
ATOM   510  C CD1 . LEU A 1 66  ? -2.753  4.950   -7.762  1.00 22.82 ? 66  LEU A CD1 1 
ATOM   511  C CD2 . LEU A 1 66  ? -1.495  7.100   -8.008  1.00 22.37 ? 66  LEU A CD2 1 
ATOM   512  N N   . GLU A 1 67  ? -0.346  7.844   -3.292  1.00 21.35 ? 67  GLU A N   1 
ATOM   513  C CA  . GLU A 1 67  ? -0.547  8.046   -1.863  1.00 23.79 ? 67  GLU A CA  1 
ATOM   514  C C   . GLU A 1 67  ? -2.035  8.323   -1.624  1.00 22.02 ? 67  GLU A C   1 
ATOM   515  O O   . GLU A 1 67  ? -2.538  9.412   -1.937  1.00 20.43 ? 67  GLU A O   1 
ATOM   516  C CB  . GLU A 1 67  ? 0.305   9.211   -1.361  1.00 27.18 ? 67  GLU A CB  1 
ATOM   517  C CG  . GLU A 1 67  ? 0.322   9.320   0.156   1.00 33.86 ? 67  GLU A CG  1 
ATOM   518  C CD  . GLU A 1 67  ? 1.391   10.267  0.674   1.00 38.19 ? 67  GLU A CD  1 
ATOM   519  O OE1 . GLU A 1 67  ? 2.562   10.149  0.232   1.00 38.96 ? 67  GLU A OE1 1 
ATOM   520  O OE2 . GLU A 1 67  ? 1.063   11.109  1.544   1.00 40.29 ? 67  GLU A OE2 1 
ATOM   521  N N   . LEU A 1 68  ? -2.724  7.328   -1.063  1.00 19.12 ? 68  LEU A N   1 
ATOM   522  C CA  . LEU A 1 68  ? -4.156  7.416   -0.805  1.00 20.23 ? 68  LEU A CA  1 
ATOM   523  C C   . LEU A 1 68  ? -4.510  7.948   0.590   1.00 21.13 ? 68  LEU A C   1 
ATOM   524  O O   . LEU A 1 68  ? -4.403  7.234   1.587   1.00 22.97 ? 68  LEU A O   1 
ATOM   525  C CB  . LEU A 1 68  ? -4.806  6.036   -1.027  1.00 18.74 ? 68  LEU A CB  1 
ATOM   526  C CG  . LEU A 1 68  ? -4.474  5.291   -2.338  1.00 18.26 ? 68  LEU A CG  1 
ATOM   527  C CD1 . LEU A 1 68  ? -5.302  4.018   -2.404  1.00 20.15 ? 68  LEU A CD1 1 
ATOM   528  C CD2 . LEU A 1 68  ? -4.763  6.164   -3.560  1.00 15.35 ? 68  LEU A CD2 1 
ATOM   529  N N   . PRO A 1 69  ? -4.952  9.218   0.669   1.00 20.70 ? 69  PRO A N   1 
ATOM   530  C CA  . PRO A 1 69  ? -5.319  9.829   1.953   1.00 20.32 ? 69  PRO A CA  1 
ATOM   531  C C   . PRO A 1 69  ? -6.475  9.096   2.622   1.00 20.19 ? 69  PRO A C   1 
ATOM   532  O O   . PRO A 1 69  ? -7.321  8.503   1.954   1.00 21.27 ? 69  PRO A O   1 
ATOM   533  C CB  . PRO A 1 69  ? -5.681  11.262  1.565   1.00 19.71 ? 69  PRO A CB  1 
ATOM   534  C CG  . PRO A 1 69  ? -6.258  11.092  0.196   1.00 20.06 ? 69  PRO A CG  1 
ATOM   535  C CD  . PRO A 1 69  ? -5.294  10.110  -0.454  1.00 19.12 ? 69  PRO A CD  1 
ATOM   536  N N   . PRO A 1 70  ? -6.517  9.123   3.956   1.00 20.96 ? 70  PRO A N   1 
ATOM   537  C CA  . PRO A 1 70  ? -7.585  8.446   4.693   1.00 20.56 ? 70  PRO A CA  1 
ATOM   538  C C   . PRO A 1 70  ? -9.019  8.831   4.298   1.00 21.35 ? 70  PRO A C   1 
ATOM   539  O O   . PRO A 1 70  ? -9.913  7.983   4.337   1.00 18.71 ? 70  PRO A O   1 
ATOM   540  C CB  . PRO A 1 70  ? -7.254  8.766   6.154   1.00 21.85 ? 70  PRO A CB  1 
ATOM   541  C CG  . PRO A 1 70  ? -6.487  10.067  6.066   1.00 21.86 ? 70  PRO A CG  1 
ATOM   542  C CD  . PRO A 1 70  ? -5.607  9.841   4.869   1.00 19.62 ? 70  PRO A CD  1 
ATOM   543  N N   . ASP A 1 71  ? -9.242  10.089  3.910   1.00 21.44 ? 71  ASP A N   1 
ATOM   544  C CA  . ASP A 1 71  ? -10.588 10.528  3.517   1.00 22.67 ? 71  ASP A CA  1 
ATOM   545  C C   . ASP A 1 71  ? -11.208 9.696   2.400   1.00 22.46 ? 71  ASP A C   1 
ATOM   546  O O   . ASP A 1 71  ? -12.429 9.684   2.231   1.00 22.60 ? 71  ASP A O   1 
ATOM   547  C CB  . ASP A 1 71  ? -10.601 11.994  3.059   1.00 22.83 ? 71  ASP A CB  1 
ATOM   548  C CG  . ASP A 1 71  ? -10.588 12.984  4.218   1.00 27.12 ? 71  ASP A CG  1 
ATOM   549  O OD1 . ASP A 1 71  ? -10.996 12.628  5.352   1.00 26.51 ? 71  ASP A OD1 1 
ATOM   550  O OD2 . ASP A 1 71  ? -10.184 14.140  3.980   1.00 26.50 ? 71  ASP A OD2 1 
ATOM   551  N N   . VAL A 1 72  ? -10.379 9.000   1.634   1.00 20.60 ? 72  VAL A N   1 
ATOM   552  C CA  . VAL A 1 72  ? -10.903 8.217   0.529   1.00 21.76 ? 72  VAL A CA  1 
ATOM   553  C C   . VAL A 1 72  ? -10.797 6.717   0.782   1.00 22.70 ? 72  VAL A C   1 
ATOM   554  O O   . VAL A 1 72  ? -11.226 5.911   -0.040  1.00 21.37 ? 72  VAL A O   1 
ATOM   555  C CB  . VAL A 1 72  ? -10.170 8.589   -0.770  1.00 23.23 ? 72  VAL A CB  1 
ATOM   556  C CG1 . VAL A 1 72  ? -10.895 8.014   -1.980  1.00 23.20 ? 72  VAL A CG1 1 
ATOM   557  C CG2 . VAL A 1 72  ? -10.084 10.109  -0.879  1.00 21.52 ? 72  VAL A CG2 1 
ATOM   558  N N   . ILE A 1 73  ? -10.247 6.346   1.935   1.00 24.15 ? 73  ILE A N   1 
ATOM   559  C CA  . ILE A 1 73  ? -10.086 4.942   2.262   1.00 24.67 ? 73  ILE A CA  1 
ATOM   560  C C   . ILE A 1 73  ? -11.308 4.340   2.948   1.00 29.52 ? 73  ILE A C   1 
ATOM   561  O O   . ILE A 1 73  ? -11.607 4.646   4.100   1.00 24.14 ? 73  ILE A O   1 
ATOM   562  C CB  . ILE A 1 73  ? -8.845  4.713   3.142   1.00 20.27 ? 73  ILE A CB  1 
ATOM   563  C CG1 . ILE A 1 73  ? -7.605  5.230   2.425   1.00 15.73 ? 73  ILE A CG1 1 
ATOM   564  C CG2 . ILE A 1 73  ? -8.711  3.225   3.461   1.00 14.07 ? 73  ILE A CG2 1 
ATOM   565  C CD1 . ILE A 1 73  ? -6.311  5.091   3.224   1.00 13.76 ? 73  ILE A CD1 1 
ATOM   566  N N   . GLY A 1 74  ? -12.001 3.474   2.212   1.00 37.01 ? 74  GLY A N   1 
ATOM   567  C CA  . GLY A 1 74  ? -13.192 2.817   2.721   1.00 48.13 ? 74  GLY A CA  1 
ATOM   568  C C   . GLY A 1 74  ? -14.243 2.622   1.644   1.00 56.56 ? 74  GLY A C   1 
ATOM   569  O O   . GLY A 1 74  ? -15.430 2.459   1.950   1.00 58.35 ? 74  GLY A O   1 
ATOM   570  N N   . SER A 1 75  ? -13.811 2.629   0.382   1.00 62.84 ? 75  SER A N   1 
ATOM   571  C CA  . SER A 1 75  ? -14.710 2.470   -0.768  1.00 70.15 ? 75  SER A CA  1 
ATOM   572  C C   . SER A 1 75  ? -14.984 0.995   -1.104  1.00 74.56 ? 75  SER A C   1 
ATOM   573  O O   . SER A 1 75  ? -14.638 0.525   -2.192  1.00 75.29 ? 75  SER A O   1 
ATOM   574  C CB  . SER A 1 75  ? -14.111 3.167   -2.002  1.00 70.58 ? 75  SER A CB  1 
ATOM   575  O OG  . SER A 1 75  ? -13.752 4.514   -1.727  1.00 70.38 ? 75  SER A OG  1 
ATOM   576  N N   . ARG A 1 76  ? -15.615 0.279   -0.176  1.00 79.00 ? 76  ARG A N   1 
ATOM   577  C CA  . ARG A 1 76  ? -15.923 -1.138  -0.365  1.00 83.27 ? 76  ARG A CA  1 
ATOM   578  C C   . ARG A 1 76  ? -16.990 -1.617  0.629   1.00 85.00 ? 76  ARG A C   1 
ATOM   579  O O   . ARG A 1 76  ? -17.533 -0.824  1.403   1.00 85.07 ? 76  ARG A O   1 
ATOM   580  C CB  . ARG A 1 76  ? -14.651 -1.979  -0.186  1.00 84.79 ? 76  ARG A CB  1 
ATOM   581  C CG  . ARG A 1 76  ? -14.188 -2.114  1.267   1.00 87.11 ? 76  ARG A CG  1 
ATOM   582  C CD  . ARG A 1 76  ? -13.758 -0.784  1.882   1.00 88.70 ? 76  ARG A CD  1 
ATOM   583  N NE  . ARG A 1 76  ? -13.937 -0.770  3.333   1.00 90.41 ? 76  ARG A NE  1 
ATOM   584  C CZ  . ARG A 1 76  ? -13.363 -1.625  4.176   1.00 91.85 ? 76  ARG A CZ  1 
ATOM   585  N NH1 . ARG A 1 76  ? -12.560 -2.576  3.721   1.00 93.07 ? 76  ARG A NH1 1 
ATOM   586  N NH2 . ARG A 1 76  ? -13.600 -1.534  5.478   1.00 92.13 ? 76  ARG A NH2 1 
ATOM   587  N N   . GLU A 1 77  ? -17.278 -2.918  0.604   1.00 86.97 ? 77  GLU A N   1 
ATOM   588  C CA  . GLU A 1 77  ? -18.269 -3.515  1.502   1.00 88.28 ? 77  GLU A CA  1 
ATOM   589  C C   . GLU A 1 77  ? -17.564 -4.469  2.465   1.00 88.17 ? 77  GLU A C   1 
ATOM   590  O O   . GLU A 1 77  ? -17.392 -5.649  2.160   1.00 88.44 ? 77  GLU A O   1 
ATOM   591  C CB  . GLU A 1 77  ? -19.325 -4.298  0.708   1.00 89.30 ? 77  GLU A CB  1 
ATOM   592  C CG  . GLU A 1 77  ? -19.704 -3.685  -0.633  1.00 90.88 ? 77  GLU A CG  1 
ATOM   593  C CD  . GLU A 1 77  ? -18.705 -4.017  -1.732  1.00 91.48 ? 77  GLU A CD  1 
ATOM   594  O OE1 . GLU A 1 77  ? -18.833 -3.453  -2.841  1.00 91.71 ? 77  GLU A OE1 1 
ATOM   595  O OE2 . GLU A 1 77  ? -17.799 -4.845  -1.491  1.00 91.45 ? 77  GLU A OE2 1 
ATOM   596  N N   . GLY A 1 78  ? -17.163 -3.957  3.626   1.00 87.57 ? 78  GLY A N   1 
ATOM   597  C CA  . GLY A 1 78  ? -16.473 -4.788  4.596   1.00 86.18 ? 78  GLY A CA  1 
ATOM   598  C C   . GLY A 1 78  ? -15.112 -5.212  4.076   1.00 85.44 ? 78  GLY A C   1 
ATOM   599  O O   . GLY A 1 78  ? -14.095 -4.608  4.424   1.00 85.34 ? 78  GLY A O   1 
ATOM   600  N N   . THR A 1 79  ? -15.093 -6.249  3.241   1.00 84.19 ? 79  THR A N   1 
ATOM   601  C CA  . THR A 1 79  ? -13.850 -6.755  2.652   1.00 82.27 ? 79  THR A CA  1 
ATOM   602  C C   . THR A 1 79  ? -13.147 -5.650  1.859   1.00 79.83 ? 79  THR A C   1 
ATOM   603  O O   . THR A 1 79  ? -13.755 -5.023  0.985   1.00 80.38 ? 79  THR A O   1 
ATOM   604  C CB  . THR A 1 79  ? -14.128 -7.960  1.702   1.00 82.91 ? 79  THR A CB  1 
ATOM   605  O OG1 . THR A 1 79  ? -15.133 -7.599  0.744   1.00 82.60 ? 79  THR A OG1 1 
ATOM   606  C CG2 . THR A 1 79  ? -14.601 -9.176  2.493   1.00 83.27 ? 79  THR A CG2 1 
ATOM   607  N N   . LEU A 1 80  ? -11.871 -5.414  2.166   1.00 75.74 ? 80  LEU A N   1 
ATOM   608  C CA  . LEU A 1 80  ? -11.082 -4.375  1.492   1.00 71.10 ? 80  LEU A CA  1 
ATOM   609  C C   . LEU A 1 80  ? -10.646 -4.808  0.089   1.00 66.76 ? 80  LEU A C   1 
ATOM   610  O O   . LEU A 1 80  ? -9.580  -4.421  -0.388  1.00 65.32 ? 80  LEU A O   1 
ATOM   611  C CB  . LEU A 1 80  ? -9.835  -4.026  2.327   1.00 72.22 ? 80  LEU A CB  1 
ATOM   612  C CG  . LEU A 1 80  ? -9.066  -2.743  1.975   1.00 71.92 ? 80  LEU A CG  1 
ATOM   613  C CD1 . LEU A 1 80  ? -9.903  -1.529  2.366   1.00 71.70 ? 80  LEU A CD1 1 
ATOM   614  C CD2 . LEU A 1 80  ? -7.729  -2.709  2.703   1.00 71.12 ? 80  LEU A CD2 1 
ATOM   615  N N   . ASN A 1 81  ? -11.480 -5.613  -0.565  1.00 61.85 ? 81  ASN A N   1 
ATOM   616  C CA  . ASN A 1 81  ? -11.179 -6.088  -1.904  1.00 55.83 ? 81  ASN A CA  1 
ATOM   617  C C   . ASN A 1 81  ? -11.528 -5.047  -2.973  1.00 51.64 ? 81  ASN A C   1 
ATOM   618  O O   . ASN A 1 81  ? -10.712 -4.760  -3.848  1.00 50.50 ? 81  ASN A O   1 
ATOM   619  C CB  . ASN A 1 81  ? -11.893 -7.425  -2.187  1.00 56.71 ? 81  ASN A CB  1 
ATOM   620  C CG  . ASN A 1 81  ? -13.415 -7.356  -2.017  1.00 57.55 ? 81  ASN A CG  1 
ATOM   621  O OD1 . ASN A 1 81  ? -14.128 -8.294  -2.385  1.00 58.57 ? 81  ASN A OD1 1 
ATOM   622  N ND2 . ASN A 1 81  ? -13.910 -6.261  -1.455  1.00 58.27 ? 81  ASN A ND2 1 
ATOM   623  N N   . GLU A 1 82  ? -12.727 -4.473  -2.890  1.00 44.81 ? 82  GLU A N   1 
ATOM   624  C CA  . GLU A 1 82  ? -13.169 -3.465  -3.845  1.00 40.15 ? 82  GLU A CA  1 
ATOM   625  C C   . GLU A 1 82  ? -12.203 -2.289  -3.878  1.00 33.56 ? 82  GLU A C   1 
ATOM   626  O O   . GLU A 1 82  ? -11.721 -1.887  -4.934  1.00 30.09 ? 82  GLU A O   1 
ATOM   627  C CB  . GLU A 1 82  ? -14.563 -2.964  -3.473  1.00 43.42 ? 82  GLU A CB  1 
ATOM   628  C CG  . GLU A 1 82  ? -15.688 -3.850  -3.962  1.00 49.54 ? 82  GLU A CG  1 
ATOM   629  C CD  . GLU A 1 82  ? -16.021 -3.613  -5.429  1.00 53.03 ? 82  GLU A CD  1 
ATOM   630  O OE1 . GLU A 1 82  ? -16.924 -4.309  -5.957  1.00 53.45 ? 82  GLU A OE1 1 
ATOM   631  O OE2 . GLU A 1 82  ? -15.384 -2.726  -6.051  1.00 53.74 ? 82  GLU A OE2 1 
ATOM   632  N N   . PHE A 1 83  ? -11.918 -1.743  -2.706  1.00 26.98 ? 83  PHE A N   1 
ATOM   633  C CA  . PHE A 1 83  ? -11.010 -0.617  -2.601  1.00 21.62 ? 83  PHE A CA  1 
ATOM   634  C C   . PHE A 1 83  ? -9.648  -0.888  -3.245  1.00 18.16 ? 83  PHE A C   1 
ATOM   635  O O   . PHE A 1 83  ? -9.131  -0.047  -3.969  1.00 15.71 ? 83  PHE A O   1 
ATOM   636  C CB  . PHE A 1 83  ? -10.816 -0.256  -1.136  1.00 20.31 ? 83  PHE A CB  1 
ATOM   637  C CG  . PHE A 1 83  ? -9.817  0.822   -0.919  1.00 23.64 ? 83  PHE A CG  1 
ATOM   638  C CD1 . PHE A 1 83  ? -10.197 2.160   -0.995  1.00 22.84 ? 83  PHE A CD1 1 
ATOM   639  C CD2 . PHE A 1 83  ? -8.484  0.504   -0.658  1.00 21.19 ? 83  PHE A CD2 1 
ATOM   640  C CE1 . PHE A 1 83  ? -9.268  3.172   -0.812  1.00 23.74 ? 83  PHE A CE1 1 
ATOM   641  C CE2 . PHE A 1 83  ? -7.545  1.501   -0.474  1.00 24.45 ? 83  PHE A CE2 1 
ATOM   642  C CZ  . PHE A 1 83  ? -7.933  2.846   -0.549  1.00 25.76 ? 83  PHE A CZ  1 
ATOM   643  N N   . GLU A 1 84  ? -9.064  -2.052  -2.981  1.00 16.47 ? 84  GLU A N   1 
ATOM   644  C CA  . GLU A 1 84  ? -7.758  -2.372  -3.551  1.00 17.45 ? 84  GLU A CA  1 
ATOM   645  C C   . GLU A 1 84  ? -7.813  -2.725  -5.031  1.00 17.26 ? 84  GLU A C   1 
ATOM   646  O O   . GLU A 1 84  ? -6.910  -2.371  -5.782  1.00 19.46 ? 84  GLU A O   1 
ATOM   647  C CB  . GLU A 1 84  ? -7.076  -3.498  -2.760  1.00 20.27 ? 84  GLU A CB  1 
ATOM   648  C CG  . GLU A 1 84  ? -6.622  -3.056  -1.371  1.00 22.98 ? 84  GLU A CG  1 
ATOM   649  C CD  . GLU A 1 84  ? -5.668  -4.027  -0.704  1.00 24.03 ? 84  GLU A CD  1 
ATOM   650  O OE1 . GLU A 1 84  ? -4.664  -4.417  -1.326  1.00 24.93 ? 84  GLU A OE1 1 
ATOM   651  O OE2 . GLU A 1 84  ? -5.912  -4.387  0.458   1.00 31.98 ? 84  GLU A OE2 1 
ATOM   652  N N   . VAL A 1 85  ? -8.867  -3.415  -5.460  1.00 16.59 ? 85  VAL A N   1 
ATOM   653  C CA  . VAL A 1 85  ? -8.991  -3.767  -6.870  1.00 16.48 ? 85  VAL A CA  1 
ATOM   654  C C   . VAL A 1 85  ? -9.130  -2.466  -7.661  1.00 18.50 ? 85  VAL A C   1 
ATOM   655  O O   . VAL A 1 85  ? -8.501  -2.286  -8.710  1.00 18.99 ? 85  VAL A O   1 
ATOM   656  C CB  . VAL A 1 85  ? -10.241 -4.639  -7.148  1.00 13.85 ? 85  VAL A CB  1 
ATOM   657  C CG1 . VAL A 1 85  ? -10.458 -4.763  -8.647  1.00 15.79 ? 85  VAL A CG1 1 
ATOM   658  C CG2 . VAL A 1 85  ? -10.062 -6.017  -6.533  1.00 19.09 ? 85  VAL A CG2 1 
ATOM   659  N N   . GLU A 1 86  ? -9.952  -1.557  -7.143  1.00 17.26 ? 86  GLU A N   1 
ATOM   660  C CA  . GLU A 1 86  ? -10.195 -0.279  -7.795  1.00 19.17 ? 86  GLU A CA  1 
ATOM   661  C C   . GLU A 1 86  ? -8.911  0.537   -7.929  1.00 18.96 ? 86  GLU A C   1 
ATOM   662  O O   . GLU A 1 86  ? -8.573  0.997   -9.028  1.00 18.14 ? 86  GLU A O   1 
ATOM   663  C CB  . GLU A 1 86  ? -11.223 0.530   -7.001  1.00 19.83 ? 86  GLU A CB  1 
ATOM   664  C CG  . GLU A 1 86  ? -11.731 1.758   -7.733  1.00 27.12 ? 86  GLU A CG  1 
ATOM   665  C CD  . GLU A 1 86  ? -12.625 2.634   -6.865  1.00 31.90 ? 86  GLU A CD  1 
ATOM   666  O OE1 . GLU A 1 86  ? -13.632 2.115   -6.321  1.00 33.80 ? 86  GLU A OE1 1 
ATOM   667  O OE2 . GLU A 1 86  ? -12.319 3.843   -6.726  1.00 33.31 ? 86  GLU A OE2 1 
ATOM   668  N N   . ASN A 1 87  ? -8.188  0.692   -6.818  1.00 16.52 ? 87  ASN A N   1 
ATOM   669  C CA  . ASN A 1 87  ? -6.963  1.487   -6.807  1.00 17.28 ? 87  ASN A CA  1 
ATOM   670  C C   . ASN A 1 87  ? -5.740  0.818   -7.451  1.00 17.22 ? 87  ASN A C   1 
ATOM   671  O O   . ASN A 1 87  ? -4.895  1.500   -8.055  1.00 15.42 ? 87  ASN A O   1 
ATOM   672  C CB  . ASN A 1 87  ? -6.655  1.936   -5.377  1.00 17.34 ? 87  ASN A CB  1 
ATOM   673  C CG  . ASN A 1 87  ? -7.640  2.975   -4.878  1.00 20.63 ? 87  ASN A CG  1 
ATOM   674  O OD1 . ASN A 1 87  ? -7.770  4.046   -5.467  1.00 22.25 ? 87  ASN A OD1 1 
ATOM   675  N ND2 . ASN A 1 87  ? -8.351  2.662   -3.802  1.00 19.86 ? 87  ASN A ND2 1 
ATOM   676  N N   . PHE A 1 88  ? -5.641  -0.505  -7.324  1.00 13.65 ? 88  PHE A N   1 
ATOM   677  C CA  . PHE A 1 88  ? -4.544  -1.226  -7.945  1.00 12.85 ? 88  PHE A CA  1 
ATOM   678  C C   . PHE A 1 88  ? -4.648  -0.995  -9.447  1.00 13.52 ? 88  PHE A C   1 
ATOM   679  O O   . PHE A 1 88  ? -3.653  -0.719  -10.118 1.00 15.72 ? 88  PHE A O   1 
ATOM   680  C CB  . PHE A 1 88  ? -4.645  -2.727  -7.662  1.00 13.59 ? 88  PHE A CB  1 
ATOM   681  C CG  . PHE A 1 88  ? -3.865  -3.176  -6.462  1.00 13.28 ? 88  PHE A CG  1 
ATOM   682  C CD1 . PHE A 1 88  ? -3.996  -2.523  -5.235  1.00 13.25 ? 88  PHE A CD1 1 
ATOM   683  C CD2 . PHE A 1 88  ? -3.009  -4.266  -6.551  1.00 11.54 ? 88  PHE A CD2 1 
ATOM   684  C CE1 . PHE A 1 88  ? -3.284  -2.955  -4.112  1.00 12.49 ? 88  PHE A CE1 1 
ATOM   685  C CE2 . PHE A 1 88  ? -2.293  -4.705  -5.440  1.00 14.88 ? 88  PHE A CE2 1 
ATOM   686  C CZ  . PHE A 1 88  ? -2.429  -4.050  -4.215  1.00 12.71 ? 88  PHE A CZ  1 
ATOM   687  N N   . ALA A 1 89  ? -5.861  -1.097  -9.978  1.00 11.71 ? 89  ALA A N   1 
ATOM   688  C CA  . ALA A 1 89  ? -6.039  -0.904  -11.403 1.00 13.40 ? 89  ALA A CA  1 
ATOM   689  C C   . ALA A 1 89  ? -5.748  0.538   -11.798 1.00 13.73 ? 89  ALA A C   1 
ATOM   690  O O   . ALA A 1 89  ? -5.182  0.797   -12.858 1.00 14.39 ? 89  ALA A O   1 
ATOM   691  C CB  . ALA A 1 89  ? -7.440  -1.294  -11.816 1.00 14.81 ? 89  ALA A CB  1 
ATOM   692  N N   . LYS A 1 90  ? -6.133  1.474   -10.937 1.00 13.90 ? 90  LYS A N   1 
ATOM   693  C CA  . LYS A 1 90  ? -5.908  2.884   -11.201 1.00 14.28 ? 90  LYS A CA  1 
ATOM   694  C C   . LYS A 1 90  ? -4.414  3.125   -11.410 1.00 15.07 ? 90  LYS A C   1 
ATOM   695  O O   . LYS A 1 90  ? -3.997  3.735   -12.400 1.00 15.78 ? 90  LYS A O   1 
ATOM   696  C CB  . LYS A 1 90  ? -6.422  3.715   -10.023 1.00 13.79 ? 90  LYS A CB  1 
ATOM   697  C CG  . LYS A 1 90  ? -6.214  5.206   -10.177 1.00 14.34 ? 90  LYS A CG  1 
ATOM   698  C CD  . LYS A 1 90  ? -6.694  5.962   -8.960  1.00 14.39 ? 90  LYS A CD  1 
ATOM   699  C CE  . LYS A 1 90  ? -6.537  7.452   -9.173  1.00 16.27 ? 90  LYS A CE  1 
ATOM   700  N NZ  . LYS A 1 90  ? -6.959  8.239   -7.986  1.00 16.44 ? 90  LYS A NZ  1 
ATOM   701  N N   . ALA A 1 91  ? -3.610  2.632   -10.469 1.00 15.06 ? 91  ALA A N   1 
ATOM   702  C CA  . ALA A 1 91  ? -2.156  2.770   -10.524 1.00 13.03 ? 91  ALA A CA  1 
ATOM   703  C C   . ALA A 1 91  ? -1.595  2.128   -11.797 1.00 12.38 ? 91  ALA A C   1 
ATOM   704  O O   . ALA A 1 91  ? -0.785  2.736   -12.496 1.00 11.11 ? 91  ALA A O   1 
ATOM   705  C CB  . ALA A 1 91  ? -1.534  2.116   -9.278  1.00 12.47 ? 91  ALA A CB  1 
ATOM   706  N N   . LEU A 1 92  ? -2.027  0.900   -12.085 1.00 10.00 ? 92  LEU A N   1 
ATOM   707  C CA  . LEU A 1 92  ? -1.580  0.178   -13.270 1.00 10.59 ? 92  LEU A CA  1 
ATOM   708  C C   . LEU A 1 92  ? -1.959  0.900   -14.561 1.00 10.99 ? 92  LEU A C   1 
ATOM   709  O O   . LEU A 1 92  ? -1.163  0.960   -15.496 1.00 8.40  ? 92  LEU A O   1 
ATOM   710  C CB  . LEU A 1 92  ? -2.168  -1.224  -13.281 1.00 7.49  ? 92  LEU A CB  1 
ATOM   711  C CG  . LEU A 1 92  ? -1.629  -2.085  -12.143 1.00 8.23  ? 92  LEU A CG  1 
ATOM   712  C CD1 . LEU A 1 92  ? -2.501  -3.320  -11.963 1.00 5.54  ? 92  LEU A CD1 1 
ATOM   713  C CD2 . LEU A 1 92  ? -0.179  -2.469  -12.449 1.00 6.43  ? 92  LEU A CD2 1 
ATOM   714  N N   . ASN A 1 93  ? -3.171  1.446   -14.603 1.00 11.76 ? 93  ASN A N   1 
ATOM   715  C CA  . ASN A 1 93  ? -3.642  2.178   -15.766 1.00 13.71 ? 93  ASN A CA  1 
ATOM   716  C C   . ASN A 1 93  ? -2.905  3.511   -15.933 1.00 14.74 ? 93  ASN A C   1 
ATOM   717  O O   . ASN A 1 93  ? -2.994  4.137   -16.986 1.00 19.05 ? 93  ASN A O   1 
ATOM   718  C CB  . ASN A 1 93  ? -5.156  2.442   -15.674 1.00 14.21 ? 93  ASN A CB  1 
ATOM   719  C CG  . ASN A 1 93  ? -5.997  1.193   -15.917 1.00 15.22 ? 93  ASN A CG  1 
ATOM   720  O OD1 . ASN A 1 93  ? -5.732  0.421   -16.835 1.00 19.56 ? 93  ASN A OD1 1 
ATOM   721  N ND2 . ASN A 1 93  ? -7.035  1.010   -15.106 1.00 15.05 ? 93  ASN A ND2 1 
ATOM   722  N N   . SER A 1 94  ? -2.185  3.950   -14.904 1.00 13.86 ? 94  SER A N   1 
ATOM   723  C CA  . SER A 1 94  ? -1.442  5.217   -14.974 1.00 15.17 ? 94  SER A CA  1 
ATOM   724  C C   . SER A 1 94  ? -0.036  5.064   -15.547 1.00 13.96 ? 94  SER A C   1 
ATOM   725  O O   . SER A 1 94  ? 0.626   6.060   -15.817 1.00 13.26 ? 94  SER A O   1 
ATOM   726  C CB  . SER A 1 94  ? -1.300  5.852   -13.587 1.00 16.70 ? 94  SER A CB  1 
ATOM   727  O OG  . SER A 1 94  ? -2.555  6.225   -13.042 1.00 28.30 ? 94  SER A OG  1 
ATOM   728  N N   . LEU A 1 95  ? 0.427   3.827   -15.706 1.00 12.92 ? 95  LEU A N   1 
ATOM   729  C CA  . LEU A 1 95  ? 1.764   3.582   -16.230 1.00 12.79 ? 95  LEU A CA  1 
ATOM   730  C C   . LEU A 1 95  ? 1.898   3.947   -17.707 1.00 17.26 ? 95  LEU A C   1 
ATOM   731  O O   . LEU A 1 95  ? 0.949   3.794   -18.491 1.00 19.44 ? 95  LEU A O   1 
ATOM   732  C CB  . LEU A 1 95  ? 2.147   2.117   -16.041 1.00 8.41  ? 95  LEU A CB  1 
ATOM   733  C CG  . LEU A 1 95  ? 2.274   1.613   -14.609 1.00 6.80  ? 95  LEU A CG  1 
ATOM   734  C CD1 . LEU A 1 95  ? 2.354   0.105   -14.606 1.00 2.04  ? 95  LEU A CD1 1 
ATOM   735  C CD2 . LEU A 1 95  ? 3.472   2.232   -13.948 1.00 2.04  ? 95  LEU A CD2 1 
ATOM   736  N N   . LYS A 1 96  ? 3.079   4.430   -18.079 1.00 17.20 ? 96  LYS A N   1 
ATOM   737  C CA  . LYS A 1 96  ? 3.359   4.802   -19.463 1.00 16.91 ? 96  LYS A CA  1 
ATOM   738  C C   . LYS A 1 96  ? 3.772   3.553   -20.240 1.00 16.43 ? 96  LYS A C   1 
ATOM   739  O O   . LYS A 1 96  ? 3.461   3.408   -21.421 1.00 19.42 ? 96  LYS A O   1 
ATOM   740  C CB  . LYS A 1 96  ? 4.490   5.825   -19.515 1.00 16.29 ? 96  LYS A CB  1 
ATOM   741  C CG  . LYS A 1 96  ? 4.226   7.079   -18.711 1.00 18.71 ? 96  LYS A CG  1 
ATOM   742  C CD  . LYS A 1 96  ? 5.512   7.860   -18.498 1.00 20.85 ? 96  LYS A CD  1 
ATOM   743  C CE  . LYS A 1 96  ? 5.289   9.064   -17.598 1.00 24.19 ? 96  LYS A CE  1 
ATOM   744  N NZ  . LYS A 1 96  ? 6.550   9.829   -17.391 1.00 23.97 ? 96  LYS A NZ  1 
ATOM   745  N N   . VAL A 1 97  ? 4.488   2.664   -19.564 1.00 15.22 ? 97  VAL A N   1 
ATOM   746  C CA  . VAL A 1 97  ? 4.939   1.426   -20.169 1.00 14.88 ? 97  VAL A CA  1 
ATOM   747  C C   . VAL A 1 97  ? 4.037   0.311   -19.692 1.00 15.74 ? 97  VAL A C   1 
ATOM   748  O O   . VAL A 1 97  ? 4.111   -0.122  -18.540 1.00 17.50 ? 97  VAL A O   1 
ATOM   749  C CB  . VAL A 1 97  ? 6.386   1.100   -19.773 1.00 15.84 ? 97  VAL A CB  1 
ATOM   750  C CG1 . VAL A 1 97  ? 6.760   -0.302  -20.247 1.00 10.69 ? 97  VAL A CG1 1 
ATOM   751  C CG2 . VAL A 1 97  ? 7.320   2.128   -20.392 1.00 15.33 ? 97  VAL A CG2 1 
ATOM   752  N N   . LYS A 1 98  ? 3.178   -0.148  -20.586 1.00 14.87 ? 98  LYS A N   1 
ATOM   753  C CA  . LYS A 1 98  ? 2.240   -1.203  -20.261 1.00 15.60 ? 98  LYS A CA  1 
ATOM   754  C C   . LYS A 1 98  ? 2.892   -2.571  -20.139 1.00 12.64 ? 98  LYS A C   1 
ATOM   755  O O   . LYS A 1 98  ? 3.569   -3.027  -21.045 1.00 15.75 ? 98  LYS A O   1 
ATOM   756  C CB  . LYS A 1 98  ? 1.124   -1.235  -21.312 1.00 18.45 ? 98  LYS A CB  1 
ATOM   757  C CG  . LYS A 1 98  ? 0.315   0.059   -21.377 1.00 20.26 ? 98  LYS A CG  1 
ATOM   758  C CD  . LYS A 1 98  ? -0.219  0.452   -19.996 1.00 22.10 ? 98  LYS A CD  1 
ATOM   759  C CE  . LYS A 1 98  ? -0.986  1.768   -20.047 1.00 24.58 ? 98  LYS A CE  1 
ATOM   760  N NZ  . LYS A 1 98  ? -1.445  2.227   -18.703 1.00 27.40 ? 98  LYS A NZ  1 
ATOM   761  N N   . PRO A 1 99  ? 2.708   -3.238  -18.994 1.00 12.48 ? 99  PRO A N   1 
ATOM   762  C CA  . PRO A 1 99  ? 3.299   -4.560  -18.812 1.00 11.70 ? 99  PRO A CA  1 
ATOM   763  C C   . PRO A 1 99  ? 2.454   -5.619  -19.512 1.00 13.09 ? 99  PRO A C   1 
ATOM   764  O O   . PRO A 1 99  ? 1.276   -5.389  -19.800 1.00 11.67 ? 99  PRO A O   1 
ATOM   765  C CB  . PRO A 1 99  ? 3.292   -4.726  -17.298 1.00 12.19 ? 99  PRO A CB  1 
ATOM   766  C CG  . PRO A 1 99  ? 2.035   -4.026  -16.906 1.00 12.47 ? 99  PRO A CG  1 
ATOM   767  C CD  . PRO A 1 99  ? 2.104   -2.760  -17.737 1.00 11.89 ? 99  PRO A CD  1 
ATOM   768  N N   . ASP A 1 100 ? 3.064   -6.767  -19.792 1.00 14.10 ? 100 ASP A N   1 
ATOM   769  C CA  . ASP A 1 100 ? 2.374   -7.876  -20.448 1.00 14.74 ? 100 ASP A CA  1 
ATOM   770  C C   . ASP A 1 100 ? 1.947   -8.863  -19.369 1.00 15.79 ? 100 ASP A C   1 
ATOM   771  O O   . ASP A 1 100 ? 0.926   -9.545  -19.498 1.00 17.84 ? 100 ASP A O   1 
ATOM   772  C CB  . ASP A 1 100 ? 3.299   -8.575  -21.444 1.00 15.34 ? 100 ASP A CB  1 
ATOM   773  C CG  . ASP A 1 100 ? 3.883   -7.623  -22.466 1.00 18.70 ? 100 ASP A CG  1 
ATOM   774  O OD1 . ASP A 1 100 ? 5.064   -7.235  -22.319 1.00 18.13 ? 100 ASP A OD1 1 
ATOM   775  O OD2 . ASP A 1 100 ? 3.159   -7.258  -23.422 1.00 23.49 ? 100 ASP A OD2 1 
ATOM   776  N N   . VAL A 1 101 ? 2.752   -8.936  -18.315 1.00 13.62 ? 101 VAL A N   1 
ATOM   777  C CA  . VAL A 1 101 ? 2.489   -9.804  -17.172 1.00 15.69 ? 101 VAL A CA  1 
ATOM   778  C C   . VAL A 1 101 ? 2.629   -8.942  -15.911 1.00 13.86 ? 101 VAL A C   1 
ATOM   779  O O   . VAL A 1 101 ? 3.607   -8.206  -15.751 1.00 14.82 ? 101 VAL A O   1 
ATOM   780  C CB  . VAL A 1 101 ? 3.498   -10.982 -17.105 1.00 17.90 ? 101 VAL A CB  1 
ATOM   781  C CG1 . VAL A 1 101 ? 3.250   -11.807 -15.847 1.00 13.52 ? 101 VAL A CG1 1 
ATOM   782  C CG2 . VAL A 1 101 ? 3.364   -11.856 -18.348 1.00 16.33 ? 101 VAL A CG2 1 
ATOM   783  N N   . ILE A 1 102 ? 1.646   -9.038  -15.024 1.00 11.17 ? 102 ILE A N   1 
ATOM   784  C CA  . ILE A 1 102 ? 1.618   -8.257  -13.789 1.00 10.29 ? 102 ILE A CA  1 
ATOM   785  C C   . ILE A 1 102 ? 1.531   -9.161  -12.559 1.00 10.79 ? 102 ILE A C   1 
ATOM   786  O O   . ILE A 1 102 ? 0.601   -9.962  -12.436 1.00 11.28 ? 102 ILE A O   1 
ATOM   787  C CB  . ILE A 1 102 ? 0.372   -7.332  -13.769 1.00 12.13 ? 102 ILE A CB  1 
ATOM   788  C CG1 . ILE A 1 102 ? 0.405   -6.378  -14.961 1.00 12.32 ? 102 ILE A CG1 1 
ATOM   789  C CG2 . ILE A 1 102 ? 0.281   -6.559  -12.447 1.00 13.21 ? 102 ILE A CG2 1 
ATOM   790  C CD1 . ILE A 1 102 ? -0.919  -5.687  -15.207 1.00 10.20 ? 102 ILE A CD1 1 
ATOM   791  N N   . TYR A 1 103 ? 2.495   -9.035  -11.652 1.00 11.20 ? 103 TYR A N   1 
ATOM   792  C CA  . TYR A 1 103 ? 2.471   -9.817  -10.414 1.00 9.74  ? 103 TYR A CA  1 
ATOM   793  C C   . TYR A 1 103 ? 1.919   -8.892  -9.356  1.00 10.21 ? 103 TYR A C   1 
ATOM   794  O O   . TYR A 1 103 ? 2.354   -7.746  -9.250  1.00 10.10 ? 103 TYR A O   1 
ATOM   795  C CB  . TYR A 1 103 ? 3.866   -10.316 -10.049 1.00 8.33  ? 103 TYR A CB  1 
ATOM   796  C CG  . TYR A 1 103 ? 4.365   -11.320 -11.062 1.00 13.50 ? 103 TYR A CG  1 
ATOM   797  C CD1 . TYR A 1 103 ? 5.057   -10.899 -12.203 1.00 13.30 ? 103 TYR A CD1 1 
ATOM   798  C CD2 . TYR A 1 103 ? 4.084   -12.685 -10.922 1.00 13.97 ? 103 TYR A CD2 1 
ATOM   799  C CE1 . TYR A 1 103 ? 5.458   -11.806 -13.180 1.00 9.81  ? 103 TYR A CE1 1 
ATOM   800  C CE2 . TYR A 1 103 ? 4.479   -13.605 -11.898 1.00 15.43 ? 103 TYR A CE2 1 
ATOM   801  C CZ  . TYR A 1 103 ? 5.167   -13.149 -13.020 1.00 15.31 ? 103 TYR A CZ  1 
ATOM   802  O OH  . TYR A 1 103 ? 5.578   -14.044 -13.970 1.00 18.44 ? 103 TYR A OH  1 
ATOM   803  N N   . ALA A 1 104 ? 0.955   -9.388  -8.584  1.00 9.12  ? 104 ALA A N   1 
ATOM   804  C CA  . ALA A 1 104 ? 0.292   -8.568  -7.582  1.00 8.23  ? 104 ALA A CA  1 
ATOM   805  C C   . ALA A 1 104 ? -0.016  -9.244  -6.254  1.00 9.98  ? 104 ALA A C   1 
ATOM   806  O O   . ALA A 1 104 ? -0.347  -10.434 -6.200  1.00 7.98  ? 104 ALA A O   1 
ATOM   807  C CB  . ALA A 1 104 ? -0.995  -8.025  -8.169  1.00 5.29  ? 104 ALA A CB  1 
ATOM   808  N N   . ASP A 1 105 ? 0.092   -8.461  -5.182  1.00 11.38 ? 105 ASP A N   1 
ATOM   809  C CA  . ASP A 1 105 ? -0.206  -8.946  -3.839  1.00 14.94 ? 105 ASP A CA  1 
ATOM   810  C C   . ASP A 1 105 ? -1.721  -8.999  -3.688  1.00 17.94 ? 105 ASP A C   1 
ATOM   811  O O   . ASP A 1 105 ? -2.409  -8.026  -4.007  1.00 21.57 ? 105 ASP A O   1 
ATOM   812  C CB  . ASP A 1 105 ? 0.380   -7.992  -2.794  1.00 12.66 ? 105 ASP A CB  1 
ATOM   813  C CG  . ASP A 1 105 ? 0.044   -8.410  -1.375  1.00 12.18 ? 105 ASP A CG  1 
ATOM   814  O OD1 . ASP A 1 105 ? -1.062  -8.086  -0.880  1.00 9.48  ? 105 ASP A OD1 1 
ATOM   815  O OD2 . ASP A 1 105 ? 0.884   -9.090  -0.767  1.00 9.49  ? 105 ASP A OD2 1 
ATOM   816  N N   . ALA A 1 106 ? -2.246  -10.123 -3.211  1.00 20.13 ? 106 ALA A N   1 
ATOM   817  C CA  . ALA A 1 106 ? -3.691  -10.269 -3.039  1.00 22.90 ? 106 ALA A CA  1 
ATOM   818  C C   . ALA A 1 106 ? -4.098  -10.391 -1.572  1.00 25.05 ? 106 ALA A C   1 
ATOM   819  O O   . ALA A 1 106 ? -3.748  -11.366 -0.894  1.00 26.79 ? 106 ALA A O   1 
ATOM   820  C CB  . ALA A 1 106 ? -4.185  -11.493 -3.828  1.00 22.84 ? 106 ALA A CB  1 
ATOM   821  N N   . ALA A 1 107 ? -4.826  -9.389  -1.084  1.00 25.80 ? 107 ALA A N   1 
ATOM   822  C CA  . ALA A 1 107 ? -5.297  -9.363  0.307   1.00 27.32 ? 107 ALA A CA  1 
ATOM   823  C C   . ALA A 1 107 ? -6.506  -10.290 0.470   1.00 27.90 ? 107 ALA A C   1 
ATOM   824  O O   . ALA A 1 107 ? -6.713  -10.887 1.529   1.00 25.48 ? 107 ALA A O   1 
ATOM   825  C CB  . ALA A 1 107 ? -5.683  -7.932  0.710   1.00 23.48 ? 107 ALA A CB  1 
ATOM   826  N N   . ASP A 1 108 ? -7.296  -10.391 -0.596  1.00 29.97 ? 108 ASP A N   1 
ATOM   827  C CA  . ASP A 1 108 ? -8.479  -11.234 -0.629  1.00 34.39 ? 108 ASP A CA  1 
ATOM   828  C C   . ASP A 1 108 ? -8.048  -12.695 -0.545  1.00 35.01 ? 108 ASP A C   1 
ATOM   829  O O   . ASP A 1 108 ? -7.124  -13.116 -1.247  1.00 35.34 ? 108 ASP A O   1 
ATOM   830  C CB  . ASP A 1 108 ? -9.260  -10.971 -1.925  1.00 38.89 ? 108 ASP A CB  1 
ATOM   831  C CG  . ASP A 1 108 ? -10.435 -11.923 -2.114  1.00 46.88 ? 108 ASP A CG  1 
ATOM   832  O OD1 . ASP A 1 108 ? -11.295 -12.020 -1.202  1.00 50.65 ? 108 ASP A OD1 1 
ATOM   833  O OD2 . ASP A 1 108 ? -10.510 -12.567 -3.189  1.00 49.52 ? 108 ASP A OD2 1 
ATOM   834  N N   . VAL A 1 109 ? -8.709  -13.464 0.320   1.00 35.29 ? 109 VAL A N   1 
ATOM   835  C CA  . VAL A 1 109 ? -8.381  -14.877 0.481   1.00 37.13 ? 109 VAL A CA  1 
ATOM   836  C C   . VAL A 1 109 ? -8.435  -15.634 -0.842  1.00 36.30 ? 109 VAL A C   1 
ATOM   837  O O   . VAL A 1 109 ? -7.740  -16.635 -1.016  1.00 37.64 ? 109 VAL A O   1 
ATOM   838  C CB  . VAL A 1 109 ? -9.331  -15.578 1.489   1.00 37.99 ? 109 VAL A CB  1 
ATOM   839  C CG1 . VAL A 1 109 ? -9.211  -14.930 2.865   1.00 38.04 ? 109 VAL A CG1 1 
ATOM   840  C CG2 . VAL A 1 109 ? -10.759 -15.512 0.988   1.00 41.23 ? 109 VAL A CG2 1 
ATOM   841  N N   . ASP A 1 110 ? -9.257  -15.153 -1.772  1.00 34.50 ? 110 ASP A N   1 
ATOM   842  C CA  . ASP A 1 110 ? -9.382  -15.790 -3.082  1.00 33.69 ? 110 ASP A CA  1 
ATOM   843  C C   . ASP A 1 110 ? -8.488  -15.064 -4.089  1.00 32.18 ? 110 ASP A C   1 
ATOM   844  O O   . ASP A 1 110 ? -8.924  -14.145 -4.780  1.00 30.03 ? 110 ASP A O   1 
ATOM   845  C CB  . ASP A 1 110 ? -10.840 -15.760 -3.555  1.00 35.38 ? 110 ASP A CB  1 
ATOM   846  C CG  . ASP A 1 110 ? -11.047 -16.498 -4.865  1.00 39.25 ? 110 ASP A CG  1 
ATOM   847  O OD1 . ASP A 1 110 ? -12.193 -16.510 -5.371  1.00 43.05 ? 110 ASP A OD1 1 
ATOM   848  O OD2 . ASP A 1 110 ? -10.072 -17.070 -5.399  1.00 39.30 ? 110 ASP A OD2 1 
ATOM   849  N N   . GLU A 1 111 ? -7.236  -15.499 -4.163  1.00 31.09 ? 111 GLU A N   1 
ATOM   850  C CA  . GLU A 1 111 ? -6.252  -14.911 -5.055  1.00 30.09 ? 111 GLU A CA  1 
ATOM   851  C C   . GLU A 1 111 ? -6.744  -14.840 -6.497  1.00 29.49 ? 111 GLU A C   1 
ATOM   852  O O   . GLU A 1 111 ? -6.654  -13.794 -7.139  1.00 28.99 ? 111 GLU A O   1 
ATOM   853  C CB  . GLU A 1 111 ? -4.959  -15.725 -4.989  1.00 29.25 ? 111 GLU A CB  1 
ATOM   854  C CG  . GLU A 1 111 ? -4.504  -16.042 -3.570  1.00 29.87 ? 111 GLU A CG  1 
ATOM   855  C CD  . GLU A 1 111 ? -3.228  -16.868 -3.532  1.00 31.85 ? 111 GLU A CD  1 
ATOM   856  O OE1 . GLU A 1 111 ? -3.160  -17.898 -4.245  1.00 30.89 ? 111 GLU A OE1 1 
ATOM   857  O OE2 . GLU A 1 111 ? -2.297  -16.489 -2.785  1.00 30.69 ? 111 GLU A OE2 1 
ATOM   858  N N   . GLU A 1 112 ? -7.268  -15.956 -6.994  1.00 29.69 ? 112 GLU A N   1 
ATOM   859  C CA  . GLU A 1 112 ? -7.774  -16.062 -8.367  1.00 29.25 ? 112 GLU A CA  1 
ATOM   860  C C   . GLU A 1 112 ? -8.820  -14.991 -8.691  1.00 25.63 ? 112 GLU A C   1 
ATOM   861  O O   . GLU A 1 112 ? -8.759  -14.349 -9.734  1.00 24.94 ? 112 GLU A O   1 
ATOM   862  C CB  . GLU A 1 112 ? -8.364  -17.467 -8.577  1.00 34.27 ? 112 GLU A CB  1 
ATOM   863  C CG  . GLU A 1 112 ? -8.756  -17.823 -10.011 1.00 42.45 ? 112 GLU A CG  1 
ATOM   864  C CD  . GLU A 1 112 ? -9.347  -19.236 -10.119 1.00 47.90 ? 112 GLU A CD  1 
ATOM   865  O OE1 . GLU A 1 112 ? -8.707  -20.190 -9.621  1.00 50.90 ? 112 GLU A OE1 1 
ATOM   866  O OE2 . GLU A 1 112 ? -10.442 -19.392 -10.705 1.00 48.21 ? 112 GLU A OE2 1 
ATOM   867  N N   . ARG A 1 113 ? -9.782  -14.804 -7.797  1.00 22.15 ? 113 ARG A N   1 
ATOM   868  C CA  . ARG A 1 113 ? -10.819 -13.805 -8.009  1.00 22.15 ? 113 ARG A CA  1 
ATOM   869  C C   . ARG A 1 113 ? -10.191 -12.416 -8.122  1.00 20.49 ? 113 ARG A C   1 
ATOM   870  O O   . ARG A 1 113 ? -10.508 -11.650 -9.035  1.00 18.82 ? 113 ARG A O   1 
ATOM   871  C CB  . ARG A 1 113 ? -11.833 -13.851 -6.857  1.00 23.77 ? 113 ARG A CB  1 
ATOM   872  C CG  . ARG A 1 113 ? -13.005 -12.880 -6.971  1.00 29.28 ? 113 ARG A CG  1 
ATOM   873  C CD  . ARG A 1 113 ? -14.091 -13.192 -5.945  1.00 33.86 ? 113 ARG A CD  1 
ATOM   874  N NE  . ARG A 1 113 ? -13.631 -13.068 -4.557  1.00 40.97 ? 113 ARG A NE  1 
ATOM   875  C CZ  . ARG A 1 113 ? -13.866 -13.976 -3.607  1.00 43.50 ? 113 ARG A CZ  1 
ATOM   876  N NH1 . ARG A 1 113 ? -14.551 -15.079 -3.894  1.00 42.51 ? 113 ARG A NH1 1 
ATOM   877  N NH2 . ARG A 1 113 ? -13.425 -13.783 -2.369  1.00 43.77 ? 113 ARG A NH2 1 
ATOM   878  N N   . PHE A 1 114 ? -9.289  -12.101 -7.198  1.00 18.99 ? 114 PHE A N   1 
ATOM   879  C CA  . PHE A 1 114 ? -8.616  -10.801 -7.194  1.00 19.34 ? 114 PHE A CA  1 
ATOM   880  C C   . PHE A 1 114 ? -7.913  -10.509 -8.519  1.00 18.83 ? 114 PHE A C   1 
ATOM   881  O O   . PHE A 1 114 ? -8.036  -9.411  -9.070  1.00 17.64 ? 114 PHE A O   1 
ATOM   882  C CB  . PHE A 1 114 ? -7.578  -10.732 -6.076  1.00 19.68 ? 114 PHE A CB  1 
ATOM   883  C CG  . PHE A 1 114 ? -6.827  -9.435  -6.044  1.00 20.58 ? 114 PHE A CG  1 
ATOM   884  C CD1 . PHE A 1 114 ? -7.451  -8.269  -5.613  1.00 21.76 ? 114 PHE A CD1 1 
ATOM   885  C CD2 . PHE A 1 114 ? -5.517  -9.361  -6.502  1.00 20.39 ? 114 PHE A CD2 1 
ATOM   886  C CE1 . PHE A 1 114 ? -6.782  -7.043  -5.641  1.00 22.02 ? 114 PHE A CE1 1 
ATOM   887  C CE2 . PHE A 1 114 ? -4.840  -8.137  -6.533  1.00 22.69 ? 114 PHE A CE2 1 
ATOM   888  C CZ  . PHE A 1 114 ? -5.472  -6.980  -6.106  1.00 20.44 ? 114 PHE A CZ  1 
ATOM   889  N N   . ALA A 1 115 ? -7.161  -11.494 -9.010  1.00 17.31 ? 115 ALA A N   1 
ATOM   890  C CA  . ALA A 1 115 ? -6.436  -11.340 -10.260 1.00 18.78 ? 115 ALA A CA  1 
ATOM   891  C C   . ALA A 1 115 ? -7.403  -11.113 -11.421 1.00 19.26 ? 115 ALA A C   1 
ATOM   892  O O   . ALA A 1 115 ? -7.171  -10.272 -12.287 1.00 20.60 ? 115 ALA A O   1 
ATOM   893  C CB  . ALA A 1 115 ? -5.575  -12.563 -10.519 1.00 15.74 ? 115 ALA A CB  1 
ATOM   894  N N   . ARG A 1 116 ? -8.497  -11.863 -11.422 1.00 18.94 ? 116 ARG A N   1 
ATOM   895  C CA  . ARG A 1 116 ? -9.498  -11.751 -12.472 1.00 21.47 ? 116 ARG A CA  1 
ATOM   896  C C   . ARG A 1 116 ? -10.181 -10.383 -12.452 1.00 21.02 ? 116 ARG A C   1 
ATOM   897  O O   . ARG A 1 116 ? -10.238 -9.695  -13.478 1.00 20.22 ? 116 ARG A O   1 
ATOM   898  C CB  . ARG A 1 116 ? -10.529 -12.872 -12.311 1.00 22.30 ? 116 ARG A CB  1 
ATOM   899  C CG  . ARG A 1 116 ? -11.471 -13.043 -13.477 1.00 24.73 ? 116 ARG A CG  1 
ATOM   900  C CD  . ARG A 1 116 ? -12.156 -14.406 -13.404 1.00 28.00 ? 116 ARG A CD  1 
ATOM   901  N NE  . ARG A 1 116 ? -12.824 -14.609 -12.120 1.00 27.05 ? 116 ARG A NE  1 
ATOM   902  C CZ  . ARG A 1 116 ? -12.455 -15.509 -11.216 1.00 31.13 ? 116 ARG A CZ  1 
ATOM   903  N NH1 . ARG A 1 116 ? -11.415 -16.308 -11.442 1.00 32.25 ? 116 ARG A NH1 1 
ATOM   904  N NH2 . ARG A 1 116 ? -13.126 -15.611 -10.080 1.00 31.01 ? 116 ARG A NH2 1 
ATOM   905  N N   . GLU A 1 117 ? -10.689 -9.990  -11.284 1.00 22.43 ? 117 GLU A N   1 
ATOM   906  C CA  . GLU A 1 117 ? -11.363 -8.696  -11.126 1.00 22.06 ? 117 GLU A CA  1 
ATOM   907  C C   . GLU A 1 117 ? -10.451 -7.527  -11.473 1.00 19.48 ? 117 GLU A C   1 
ATOM   908  O O   . GLU A 1 117 ? -10.889 -6.550  -12.088 1.00 19.94 ? 117 GLU A O   1 
ATOM   909  C CB  . GLU A 1 117 ? -11.900 -8.543  -9.696  1.00 26.32 ? 117 GLU A CB  1 
ATOM   910  C CG  . GLU A 1 117 ? -13.292 -9.155  -9.496  1.00 32.95 ? 117 GLU A CG  1 
ATOM   911  C CD  . GLU A 1 117 ? -14.320 -8.545  -10.448 1.00 38.49 ? 117 GLU A CD  1 
ATOM   912  O OE1 . GLU A 1 117 ? -14.582 -7.320  -10.353 1.00 41.24 ? 117 GLU A OE1 1 
ATOM   913  O OE2 . GLU A 1 117 ? -14.859 -9.288  -11.301 1.00 39.46 ? 117 GLU A OE2 1 
ATOM   914  N N   . LEU A 1 118 ? -9.184  -7.629  -11.081 1.00 15.39 ? 118 LEU A N   1 
ATOM   915  C CA  . LEU A 1 118 ? -8.215  -6.580  -11.386 1.00 14.17 ? 118 LEU A CA  1 
ATOM   916  C C   . LEU A 1 118 ? -8.019  -6.494  -12.907 1.00 11.92 ? 118 LEU A C   1 
ATOM   917  O O   . LEU A 1 118 ? -8.057  -5.406  -13.486 1.00 9.98  ? 118 LEU A O   1 
ATOM   918  C CB  . LEU A 1 118 ? -6.870  -6.870  -10.704 1.00 9.61  ? 118 LEU A CB  1 
ATOM   919  C CG  . LEU A 1 118 ? -5.758  -5.865  -10.999 1.00 10.00 ? 118 LEU A CG  1 
ATOM   920  C CD1 . LEU A 1 118 ? -6.249  -4.468  -10.638 1.00 9.53  ? 118 LEU A CD1 1 
ATOM   921  C CD2 . LEU A 1 118 ? -4.491  -6.206  -10.214 1.00 9.93  ? 118 LEU A CD2 1 
ATOM   922  N N   . GLY A 1 119 ? -7.813  -7.645  -13.538 1.00 10.72 ? 119 GLY A N   1 
ATOM   923  C CA  . GLY A 1 119 ? -7.615  -7.687  -14.977 1.00 13.40 ? 119 GLY A CA  1 
ATOM   924  C C   . GLY A 1 119 ? -8.728  -7.054  -15.793 1.00 14.97 ? 119 GLY A C   1 
ATOM   925  O O   . GLY A 1 119 ? -8.459  -6.367  -16.783 1.00 15.65 ? 119 GLY A O   1 
ATOM   926  N N   . GLU A 1 120 ? -9.978  -7.265  -15.385 1.00 17.23 ? 120 GLU A N   1 
ATOM   927  C CA  . GLU A 1 120 ? -11.100 -6.699  -16.131 1.00 20.93 ? 120 GLU A CA  1 
ATOM   928  C C   . GLU A 1 120 ? -11.220 -5.178  -15.952 1.00 20.31 ? 120 GLU A C   1 
ATOM   929  O O   . GLU A 1 120 ? -11.966 -4.523  -16.681 1.00 18.12 ? 120 GLU A O   1 
ATOM   930  C CB  . GLU A 1 120 ? -12.421 -7.383  -15.744 1.00 27.11 ? 120 GLU A CB  1 
ATOM   931  C CG  . GLU A 1 120 ? -13.153 -6.770  -14.550 1.00 35.82 ? 120 GLU A CG  1 
ATOM   932  C CD  . GLU A 1 120 ? -14.634 -7.149  -14.533 1.00 41.94 ? 120 GLU A CD  1 
ATOM   933  O OE1 . GLU A 1 120 ? -15.284 -7.041  -15.602 1.00 44.41 ? 120 GLU A OE1 1 
ATOM   934  O OE2 . GLU A 1 120 ? -15.153 -7.540  -13.461 1.00 44.61 ? 120 GLU A OE2 1 
ATOM   935  N N   . ARG A 1 121 ? -10.474 -4.620  -15.000 1.00 17.51 ? 121 ARG A N   1 
ATOM   936  C CA  . ARG A 1 121 ? -10.507 -3.183  -14.770 1.00 17.38 ? 121 ARG A CA  1 
ATOM   937  C C   . ARG A 1 121 ? -9.344  -2.459  -15.429 1.00 15.19 ? 121 ARG A C   1 
ATOM   938  O O   . ARG A 1 121 ? -9.159  -1.268  -15.237 1.00 16.42 ? 121 ARG A O   1 
ATOM   939  C CB  . ARG A 1 121 ? -10.518 -2.873  -13.267 1.00 20.82 ? 121 ARG A CB  1 
ATOM   940  C CG  . ARG A 1 121 ? -11.763 -3.343  -12.565 1.00 24.22 ? 121 ARG A CG  1 
ATOM   941  C CD  . ARG A 1 121 ? -11.960 -2.637  -11.252 1.00 30.12 ? 121 ARG A CD  1 
ATOM   942  N NE  . ARG A 1 121 ? -13.096 -3.187  -10.517 1.00 34.43 ? 121 ARG A NE  1 
ATOM   943  C CZ  . ARG A 1 121 ? -13.736 -2.553  -9.543  1.00 35.81 ? 121 ARG A CZ  1 
ATOM   944  N NH1 . ARG A 1 121 ? -13.353 -1.333  -9.184  1.00 36.55 ? 121 ARG A NH1 1 
ATOM   945  N NH2 . ARG A 1 121 ? -14.759 -3.137  -8.930  1.00 35.00 ? 121 ARG A NH2 1 
ATOM   946  N N   . LEU A 1 122 ? -8.557  -3.179  -16.210 1.00 16.07 ? 122 LEU A N   1 
ATOM   947  C CA  . LEU A 1 122 ? -7.411  -2.582  -16.880 1.00 15.96 ? 122 LEU A CA  1 
ATOM   948  C C   . LEU A 1 122 ? -7.820  -2.014  -18.238 1.00 17.04 ? 122 LEU A C   1 
ATOM   949  O O   . LEU A 1 122 ? -8.701  -2.561  -18.898 1.00 16.08 ? 122 LEU A O   1 
ATOM   950  C CB  . LEU A 1 122 ? -6.325  -3.643  -17.064 1.00 12.50 ? 122 LEU A CB  1 
ATOM   951  C CG  . LEU A 1 122 ? -5.917  -4.389  -15.784 1.00 12.92 ? 122 LEU A CG  1 
ATOM   952  C CD1 . LEU A 1 122 ? -5.144  -5.636  -16.144 1.00 10.11 ? 122 LEU A CD1 1 
ATOM   953  C CD2 . LEU A 1 122 ? -5.098  -3.477  -14.879 1.00 9.36  ? 122 LEU A CD2 1 
ATOM   954  N N   . ASN A 1 123 ? -7.188  -0.917  -18.656 1.00 18.21 ? 123 ASN A N   1 
ATOM   955  C CA  . ASN A 1 123 ? -7.505  -0.322  -19.956 1.00 19.84 ? 123 ASN A CA  1 
ATOM   956  C C   . ASN A 1 123 ? -6.610  -0.949  -21.029 1.00 19.61 ? 123 ASN A C   1 
ATOM   957  O O   . ASN A 1 123 ? -6.552  -0.480  -22.172 1.00 17.32 ? 123 ASN A O   1 
ATOM   958  C CB  . ASN A 1 123 ? -7.281  1.194   -19.941 1.00 22.23 ? 123 ASN A CB  1 
ATOM   959  C CG  . ASN A 1 123 ? -8.041  1.892   -18.829 1.00 26.22 ? 123 ASN A CG  1 
ATOM   960  O OD1 . ASN A 1 123 ? -9.173  1.525   -18.508 1.00 25.46 ? 123 ASN A OD1 1 
ATOM   961  N ND2 . ASN A 1 123 ? -7.426  2.920   -18.246 1.00 25.04 ? 123 ASN A ND2 1 
ATOM   962  N N   . PHE A 1 124 ? -5.914  -2.012  -20.641 1.00 17.25 ? 124 PHE A N   1 
ATOM   963  C CA  . PHE A 1 124 ? -5.010  -2.723  -21.530 1.00 17.22 ? 124 PHE A CA  1 
ATOM   964  C C   . PHE A 1 124 ? -5.051  -4.200  -21.185 1.00 18.77 ? 124 PHE A C   1 
ATOM   965  O O   . PHE A 1 124 ? -5.582  -4.579  -20.140 1.00 20.37 ? 124 PHE A O   1 
ATOM   966  C CB  . PHE A 1 124 ? -3.585  -2.190  -21.371 1.00 15.24 ? 124 PHE A CB  1 
ATOM   967  C CG  . PHE A 1 124 ? -3.072  -2.219  -19.955 1.00 13.24 ? 124 PHE A CG  1 
ATOM   968  C CD1 . PHE A 1 124 ? -2.258  -3.253  -19.510 1.00 14.60 ? 124 PHE A CD1 1 
ATOM   969  C CD2 . PHE A 1 124 ? -3.387  -1.195  -19.071 1.00 14.03 ? 124 PHE A CD2 1 
ATOM   970  C CE1 . PHE A 1 124 ? -1.756  -3.262  -18.200 1.00 16.00 ? 124 PHE A CE1 1 
ATOM   971  C CE2 . PHE A 1 124 ? -2.892  -1.193  -17.756 1.00 14.04 ? 124 PHE A CE2 1 
ATOM   972  C CZ  . PHE A 1 124 ? -2.078  -2.224  -17.325 1.00 12.20 ? 124 PHE A CZ  1 
ATOM   973  N N   . GLU A 1 125 ? -4.506  -5.040  -22.063 1.00 19.76 ? 125 GLU A N   1 
ATOM   974  C CA  . GLU A 1 125 ? -4.511  -6.471  -21.796 1.00 19.91 ? 125 GLU A CA  1 
ATOM   975  C C   . GLU A 1 125 ? -3.190  -6.961  -21.236 1.00 18.45 ? 125 GLU A C   1 
ATOM   976  O O   . GLU A 1 125 ? -2.118  -6.545  -21.674 1.00 16.16 ? 125 GLU A O   1 
ATOM   977  C CB  . GLU A 1 125 ? -4.848  -7.277  -23.051 1.00 21.16 ? 125 GLU A CB  1 
ATOM   978  C CG  . GLU A 1 125 ? -5.087  -8.746  -22.740 1.00 23.91 ? 125 GLU A CG  1 
ATOM   979  C CD  . GLU A 1 125 ? -5.599  -9.527  -23.931 1.00 27.20 ? 125 GLU A CD  1 
ATOM   980  O OE1 . GLU A 1 125 ? -4.789  -10.217 -24.577 1.00 28.26 ? 125 GLU A OE1 1 
ATOM   981  O OE2 . GLU A 1 125 ? -6.813  -9.445  -24.220 1.00 30.36 ? 125 GLU A OE2 1 
ATOM   982  N N   . ALA A 1 126 ? -3.291  -7.860  -20.262 1.00 18.83 ? 126 ALA A N   1 
ATOM   983  C CA  . ALA A 1 126 ? -2.131  -8.446  -19.604 1.00 17.75 ? 126 ALA A CA  1 
ATOM   984  C C   . ALA A 1 126 ? -2.599  -9.559  -18.672 1.00 16.18 ? 126 ALA A C   1 
ATOM   985  O O   . ALA A 1 126 ? -3.725  -9.534  -18.189 1.00 15.87 ? 126 ALA A O   1 
ATOM   986  C CB  . ALA A 1 126 ? -1.392  -7.379  -18.813 1.00 13.79 ? 126 ALA A CB  1 
ATOM   987  N N   . GLU A 1 127 ? -1.743  -10.546 -18.445 1.00 16.89 ? 127 GLU A N   1 
ATOM   988  C CA  . GLU A 1 127 ? -2.077  -11.640 -17.544 1.00 19.94 ? 127 GLU A CA  1 
ATOM   989  C C   . GLU A 1 127 ? -1.826  -11.114 -16.137 1.00 19.18 ? 127 GLU A C   1 
ATOM   990  O O   . GLU A 1 127 ? -0.908  -10.322 -15.914 1.00 19.45 ? 127 GLU A O   1 
ATOM   991  C CB  . GLU A 1 127 ? -1.178  -12.854 -17.811 1.00 24.19 ? 127 GLU A CB  1 
ATOM   992  C CG  . GLU A 1 127 ? -1.456  -14.056 -16.901 1.00 31.56 ? 127 GLU A CG  1 
ATOM   993  C CD  . GLU A 1 127 ? -2.733  -14.812 -17.272 1.00 33.71 ? 127 GLU A CD  1 
ATOM   994  O OE1 . GLU A 1 127 ? -3.661  -14.186 -17.834 1.00 35.39 ? 127 GLU A OE1 1 
ATOM   995  O OE2 . GLU A 1 127 ? -2.813  -16.028 -16.982 1.00 33.72 ? 127 GLU A OE2 1 
ATOM   996  N N   . VAL A 1 128 ? -2.648  -11.524 -15.185 1.00 19.07 ? 128 VAL A N   1 
ATOM   997  C CA  . VAL A 1 128 ? -2.452  -11.066 -13.816 1.00 17.14 ? 128 VAL A CA  1 
ATOM   998  C C   . VAL A 1 128 ? -2.176  -12.256 -12.907 1.00 14.82 ? 128 VAL A C   1 
ATOM   999  O O   . VAL A 1 128 ? -2.876  -13.257 -12.955 1.00 14.90 ? 128 VAL A O   1 
ATOM   1000 C CB  . VAL A 1 128 ? -3.694  -10.286 -13.297 1.00 19.06 ? 128 VAL A CB  1 
ATOM   1001 C CG1 . VAL A 1 128 ? -3.502  -9.895  -11.839 1.00 16.02 ? 128 VAL A CG1 1 
ATOM   1002 C CG2 . VAL A 1 128 ? -3.910  -9.036  -14.143 1.00 19.82 ? 128 VAL A CG2 1 
ATOM   1003 N N   . VAL A 1 129 ? -1.134  -12.150 -12.095 1.00 15.63 ? 129 VAL A N   1 
ATOM   1004 C CA  . VAL A 1 129 ? -0.793  -13.216 -11.167 1.00 15.60 ? 129 VAL A CA  1 
ATOM   1005 C C   . VAL A 1 129 ? -0.811  -12.615 -9.760  1.00 16.78 ? 129 VAL A C   1 
ATOM   1006 O O   . VAL A 1 129 ? 0.081   -11.849 -9.386  1.00 15.50 ? 129 VAL A O   1 
ATOM   1007 C CB  . VAL A 1 129 ? 0.603   -13.809 -11.476 1.00 14.99 ? 129 VAL A CB  1 
ATOM   1008 C CG1 . VAL A 1 129 ? 0.873   -15.005 -10.581 1.00 14.36 ? 129 VAL A CG1 1 
ATOM   1009 C CG2 . VAL A 1 129 ? 0.676   -14.239 -12.948 1.00 16.22 ? 129 VAL A CG2 1 
ATOM   1010 N N   . ALA A 1 130 ? -1.848  -12.958 -8.998  1.00 16.03 ? 130 ALA A N   1 
ATOM   1011 C CA  . ALA A 1 130 ? -2.026  -12.462 -7.637  1.00 16.50 ? 130 ALA A CA  1 
ATOM   1012 C C   . ALA A 1 130 ? -1.724  -13.539 -6.591  1.00 15.17 ? 130 ALA A C   1 
ATOM   1013 O O   . ALA A 1 130 ? -2.091  -14.709 -6.754  1.00 15.39 ? 130 ALA A O   1 
ATOM   1014 C CB  . ALA A 1 130 ? -3.460  -11.943 -7.457  1.00 16.83 ? 130 ALA A CB  1 
ATOM   1015 N N   . LYS A 1 131 ? -1.078  -13.131 -5.504  1.00 12.04 ? 131 LYS A N   1 
ATOM   1016 C CA  . LYS A 1 131 ? -0.702  -14.056 -4.439  1.00 13.41 ? 131 LYS A CA  1 
ATOM   1017 C C   . LYS A 1 131 ? -0.669  -13.356 -3.088  1.00 14.58 ? 131 LYS A C   1 
ATOM   1018 O O   . LYS A 1 131 ? -0.372  -12.160 -3.006  1.00 15.29 ? 131 LYS A O   1 
ATOM   1019 C CB  . LYS A 1 131 ? 0.684   -14.657 -4.733  1.00 11.92 ? 131 LYS A CB  1 
ATOM   1020 C CG  . LYS A 1 131 ? 0.660   -16.078 -5.315  1.00 17.05 ? 131 LYS A CG  1 
ATOM   1021 C CD  . LYS A 1 131 ? 0.519   -17.120 -4.197  1.00 21.03 ? 131 LYS A CD  1 
ATOM   1022 C CE  . LYS A 1 131 ? 0.024   -18.449 -4.717  1.00 24.54 ? 131 LYS A CE  1 
ATOM   1023 N NZ  . LYS A 1 131 ? -0.295  -19.395 -3.610  1.00 31.60 ? 131 LYS A NZ  1 
ATOM   1024 N N   . HIS A 1 132 ? -0.982  -14.106 -2.033  1.00 15.28 ? 132 HIS A N   1 
ATOM   1025 C CA  . HIS A 1 132 ? -0.952  -13.558 -0.683  1.00 15.11 ? 132 HIS A CA  1 
ATOM   1026 C C   . HIS A 1 132 ? 0.502   -13.227 -0.408  1.00 14.95 ? 132 HIS A C   1 
ATOM   1027 O O   . HIS A 1 132 ? 1.392   -13.996 -0.790  1.00 10.47 ? 132 HIS A O   1 
ATOM   1028 C CB  . HIS A 1 132 ? -1.437  -14.578 0.348   1.00 14.15 ? 132 HIS A CB  1 
ATOM   1029 C CG  . HIS A 1 132 ? -2.856  -15.007 0.162   1.00 20.98 ? 132 HIS A CG  1 
ATOM   1030 N ND1 . HIS A 1 132 ? -3.866  -14.127 -0.173  1.00 23.06 ? 132 HIS A ND1 1 
ATOM   1031 C CD2 . HIS A 1 132 ? -3.449  -16.217 0.309   1.00 21.82 ? 132 HIS A CD2 1 
ATOM   1032 C CE1 . HIS A 1 132 ? -5.015  -14.776 -0.222  1.00 24.62 ? 132 HIS A CE1 1 
ATOM   1033 N NE2 . HIS A 1 132 ? -4.789  -16.047 0.067   1.00 23.97 ? 132 HIS A NE2 1 
ATOM   1034 N N   . LYS A 1 133 ? 0.733   -12.094 0.259   1.00 15.02 ? 133 LYS A N   1 
ATOM   1035 C CA  . LYS A 1 133 ? 2.086   -11.627 0.568   1.00 17.77 ? 133 LYS A CA  1 
ATOM   1036 C C   . LYS A 1 133 ? 3.039   -11.968 -0.568  1.00 16.98 ? 133 LYS A C   1 
ATOM   1037 O O   . LYS A 1 133 ? 3.953   -12.779 -0.419  1.00 17.60 ? 133 LYS A O   1 
ATOM   1038 C CB  . LYS A 1 133 ? 2.582   -12.231 1.885   1.00 22.45 ? 133 LYS A CB  1 
ATOM   1039 C CG  . LYS A 1 133 ? 2.583   -13.745 1.946   1.00 26.64 ? 133 LYS A CG  1 
ATOM   1040 C CD  . LYS A 1 133 ? 2.750   -14.201 3.381   1.00 30.43 ? 133 LYS A CD  1 
ATOM   1041 C CE  . LYS A 1 133 ? 1.579   -13.719 4.223   1.00 34.57 ? 133 LYS A CE  1 
ATOM   1042 N NZ  . LYS A 1 133 ? 1.867   -13.821 5.674   1.00 34.13 ? 133 LYS A NZ  1 
ATOM   1043 N N   . ALA A 1 134 ? 2.817   -11.330 -1.709  1.00 16.17 ? 134 ALA A N   1 
ATOM   1044 C CA  . ALA A 1 134 ? 3.622   -11.581 -2.892  1.00 18.40 ? 134 ALA A CA  1 
ATOM   1045 C C   . ALA A 1 134 ? 4.972   -10.880 -2.838  1.00 18.11 ? 134 ALA A C   1 
ATOM   1046 O O   . ALA A 1 134 ? 5.819   -11.102 -3.701  1.00 19.18 ? 134 ALA A O   1 
ATOM   1047 C CB  . ALA A 1 134 ? 2.852   -11.144 -4.141  1.00 17.38 ? 134 ALA A CB  1 
ATOM   1048 N N   . ASP A 1 135 ? 5.179   -10.028 -1.840  1.00 18.02 ? 135 ASP A N   1 
ATOM   1049 C CA  . ASP A 1 135 ? 6.448   -9.328  -1.760  1.00 18.83 ? 135 ASP A CA  1 
ATOM   1050 C C   . ASP A 1 135 ? 7.545   -10.252 -1.242  1.00 20.82 ? 135 ASP A C   1 
ATOM   1051 O O   . ASP A 1 135 ? 8.731   -9.933  -1.319  1.00 20.85 ? 135 ASP A O   1 
ATOM   1052 C CB  . ASP A 1 135 ? 6.312   -8.047  -0.919  1.00 14.29 ? 135 ASP A CB  1 
ATOM   1053 C CG  . ASP A 1 135 ? 6.130   -8.311  0.567   1.00 18.55 ? 135 ASP A CG  1 
ATOM   1054 O OD1 . ASP A 1 135 ? 5.881   -9.475  0.987   1.00 14.85 ? 135 ASP A OD1 1 
ATOM   1055 O OD2 . ASP A 1 135 ? 6.234   -7.322  1.324   1.00 13.95 ? 135 ASP A OD2 1 
ATOM   1056 N N   . ASP A 1 136 ? 7.133   -11.417 -0.746  1.00 22.05 ? 136 ASP A N   1 
ATOM   1057 C CA  . ASP A 1 136 ? 8.070   -12.425 -0.238  1.00 24.15 ? 136 ASP A CA  1 
ATOM   1058 C C   . ASP A 1 136 ? 8.279   -13.519 -1.286  1.00 21.72 ? 136 ASP A C   1 
ATOM   1059 O O   . ASP A 1 136 ? 9.170   -14.355 -1.155  1.00 20.72 ? 136 ASP A O   1 
ATOM   1060 C CB  . ASP A 1 136 ? 7.543   -13.075 1.055   1.00 25.24 ? 136 ASP A CB  1 
ATOM   1061 C CG  . ASP A 1 136 ? 7.656   -12.159 2.259   1.00 32.33 ? 136 ASP A CG  1 
ATOM   1062 O OD1 . ASP A 1 136 ? 8.762   -11.632 2.510   1.00 37.20 ? 136 ASP A OD1 1 
ATOM   1063 O OD2 . ASP A 1 136 ? 6.644   -11.967 2.970   1.00 36.39 ? 136 ASP A OD2 1 
ATOM   1064 N N   . ILE A 1 137 ? 7.456   -13.506 -2.328  1.00 19.18 ? 137 ILE A N   1 
ATOM   1065 C CA  . ILE A 1 137 ? 7.555   -14.513 -3.382  1.00 18.74 ? 137 ILE A CA  1 
ATOM   1066 C C   . ILE A 1 137 ? 8.105   -13.949 -4.694  1.00 17.68 ? 137 ILE A C   1 
ATOM   1067 O O   . ILE A 1 137 ? 9.036   -14.509 -5.277  1.00 16.99 ? 137 ILE A O   1 
ATOM   1068 C CB  . ILE A 1 137 ? 6.179   -15.144 -3.681  1.00 17.86 ? 137 ILE A CB  1 
ATOM   1069 C CG1 . ILE A 1 137 ? 5.603   -15.756 -2.405  1.00 15.22 ? 137 ILE A CG1 1 
ATOM   1070 C CG2 . ILE A 1 137 ? 6.321   -16.213 -4.770  1.00 17.38 ? 137 ILE A CG2 1 
ATOM   1071 C CD1 . ILE A 1 137 ? 4.129   -16.063 -2.500  1.00 12.01 ? 137 ILE A CD1 1 
ATOM   1072 N N   . PHE A 1 138 ? 7.504   -12.860 -5.164  1.00 15.69 ? 138 PHE A N   1 
ATOM   1073 C CA  . PHE A 1 138 ? 7.911   -12.220 -6.409  1.00 14.90 ? 138 PHE A CA  1 
ATOM   1074 C C   . PHE A 1 138 ? 8.813   -11.002 -6.179  1.00 13.70 ? 138 PHE A C   1 
ATOM   1075 O O   . PHE A 1 138 ? 8.418   -10.033 -5.542  1.00 12.41 ? 138 PHE A O   1 
ATOM   1076 C CB  . PHE A 1 138 ? 6.677   -11.786 -7.204  1.00 14.21 ? 138 PHE A CB  1 
ATOM   1077 C CG  . PHE A 1 138 ? 5.699   -12.896 -7.473  1.00 15.57 ? 138 PHE A CG  1 
ATOM   1078 C CD1 . PHE A 1 138 ? 4.445   -12.901 -6.866  1.00 14.42 ? 138 PHE A CD1 1 
ATOM   1079 C CD2 . PHE A 1 138 ? 6.024   -13.934 -8.341  1.00 16.83 ? 138 PHE A CD2 1 
ATOM   1080 C CE1 . PHE A 1 138 ? 3.534   -13.923 -7.124  1.00 10.14 ? 138 PHE A CE1 1 
ATOM   1081 C CE2 . PHE A 1 138 ? 5.115   -14.960 -8.604  1.00 14.50 ? 138 PHE A CE2 1 
ATOM   1082 C CZ  . PHE A 1 138 ? 3.869   -14.952 -7.995  1.00 12.30 ? 138 PHE A CZ  1 
ATOM   1083 N N   . PRO A 1 139 ? 10.043  -11.040 -6.709  1.00 13.38 ? 139 PRO A N   1 
ATOM   1084 C CA  . PRO A 1 139 ? 11.005  -9.938  -6.568  1.00 15.10 ? 139 PRO A CA  1 
ATOM   1085 C C   . PRO A 1 139 ? 10.439  -8.621  -7.066  1.00 13.34 ? 139 PRO A C   1 
ATOM   1086 O O   . PRO A 1 139 ? 10.581  -7.585  -6.416  1.00 14.95 ? 139 PRO A O   1 
ATOM   1087 C CB  . PRO A 1 139 ? 12.192  -10.404 -7.413  1.00 13.47 ? 139 PRO A CB  1 
ATOM   1088 C CG  . PRO A 1 139 ? 12.175  -11.867 -7.190  1.00 14.78 ? 139 PRO A CG  1 
ATOM   1089 C CD  . PRO A 1 139 ? 10.687  -12.201 -7.339  1.00 13.44 ? 139 PRO A CD  1 
ATOM   1090 N N   . VAL A 1 140 ? 9.794   -8.668  -8.222  1.00 11.32 ? 140 VAL A N   1 
ATOM   1091 C CA  . VAL A 1 140 ? 9.211   -7.469  -8.795  1.00 12.39 ? 140 VAL A CA  1 
ATOM   1092 C C   . VAL A 1 140 ? 8.201   -6.847  -7.831  1.00 11.99 ? 140 VAL A C   1 
ATOM   1093 O O   . VAL A 1 140 ? 8.132   -5.623  -7.704  1.00 12.68 ? 140 VAL A O   1 
ATOM   1094 C CB  . VAL A 1 140 ? 8.548   -7.768  -10.171 1.00 11.74 ? 140 VAL A CB  1 
ATOM   1095 C CG1 . VAL A 1 140 ? 7.340   -8.671  -9.995  1.00 18.43 ? 140 VAL A CG1 1 
ATOM   1096 C CG2 . VAL A 1 140 ? 8.174   -6.482  -10.851 1.00 16.06 ? 140 VAL A CG2 1 
ATOM   1097 N N   . VAL A 1 141 ? 7.427   -7.689  -7.150  1.00 11.01 ? 141 VAL A N   1 
ATOM   1098 C CA  . VAL A 1 141 ? 6.438   -7.208  -6.190  1.00 10.53 ? 141 VAL A CA  1 
ATOM   1099 C C   . VAL A 1 141 ? 7.117   -6.643  -4.954  1.00 10.20 ? 141 VAL A C   1 
ATOM   1100 O O   . VAL A 1 141 ? 6.624   -5.694  -4.345  1.00 12.09 ? 141 VAL A O   1 
ATOM   1101 C CB  . VAL A 1 141 ? 5.482   -8.335  -5.728  1.00 10.67 ? 141 VAL A CB  1 
ATOM   1102 C CG1 . VAL A 1 141 ? 4.585   -7.825  -4.610  1.00 8.70  ? 141 VAL A CG1 1 
ATOM   1103 C CG2 . VAL A 1 141 ? 4.636   -8.820  -6.900  1.00 6.59  ? 141 VAL A CG2 1 
ATOM   1104 N N   . SER A 1 142 ? 8.239   -7.240  -4.570  1.00 10.90 ? 142 SER A N   1 
ATOM   1105 C CA  . SER A 1 142 ? 8.974   -6.775  -3.403  1.00 9.77  ? 142 SER A CA  1 
ATOM   1106 C C   . SER A 1 142 ? 9.497   -5.378  -3.693  1.00 10.51 ? 142 SER A C   1 
ATOM   1107 O O   . SER A 1 142 ? 9.429   -4.480  -2.836  1.00 9.02  ? 142 SER A O   1 
ATOM   1108 C CB  . SER A 1 142 ? 10.142  -7.709  -3.094  1.00 11.66 ? 142 SER A CB  1 
ATOM   1109 O OG  . SER A 1 142 ? 10.879  -7.221  -1.993  1.00 19.87 ? 142 SER A OG  1 
ATOM   1110 N N   . ALA A 1 143 ? 10.020  -5.188  -4.903  1.00 7.05  ? 143 ALA A N   1 
ATOM   1111 C CA  . ALA A 1 143 ? 10.531  -3.876  -5.287  1.00 8.61  ? 143 ALA A CA  1 
ATOM   1112 C C   . ALA A 1 143 ? 9.424   -2.831  -5.074  1.00 9.44  ? 143 ALA A C   1 
ATOM   1113 O O   . ALA A 1 143 ? 9.672   -1.759  -4.523  1.00 11.57 ? 143 ALA A O   1 
ATOM   1114 C CB  . ALA A 1 143 ? 10.992  -3.891  -6.757  1.00 4.36  ? 143 ALA A CB  1 
ATOM   1115 N N   . ALA A 1 144 ? 8.207   -3.156  -5.507  1.00 7.32  ? 144 ALA A N   1 
ATOM   1116 C CA  . ALA A 1 144 ? 7.056   -2.271  -5.352  1.00 7.59  ? 144 ALA A CA  1 
ATOM   1117 C C   . ALA A 1 144 ? 6.730   -2.049  -3.877  1.00 9.11  ? 144 ALA A C   1 
ATOM   1118 O O   . ALA A 1 144 ? 6.387   -0.942  -3.452  1.00 7.68  ? 144 ALA A O   1 
ATOM   1119 C CB  . ALA A 1 144 ? 5.842   -2.873  -6.059  1.00 9.24  ? 144 ALA A CB  1 
ATOM   1120 N N   . SER A 1 145 ? 6.819   -3.120  -3.097  1.00 9.45  ? 145 SER A N   1 
ATOM   1121 C CA  . SER A 1 145 ? 6.541   -3.036  -1.672  1.00 8.65  ? 145 SER A CA  1 
ATOM   1122 C C   . SER A 1 145 ? 7.446   -1.999  -1.011  1.00 6.10  ? 145 SER A C   1 
ATOM   1123 O O   . SER A 1 145 ? 7.022   -1.273  -0.123  1.00 5.56  ? 145 SER A O   1 
ATOM   1124 C CB  . SER A 1 145 ? 6.750   -4.401  -1.010  1.00 8.16  ? 145 SER A CB  1 
ATOM   1125 O OG  . SER A 1 145 ? 6.520   -4.326  0.381   1.00 10.90 ? 145 SER A OG  1 
ATOM   1126 N N   . ILE A 1 146 ? 8.692   -1.944  -1.462  1.00 7.95  ? 146 ILE A N   1 
ATOM   1127 C CA  . ILE A 1 146 ? 9.698   -1.014  -0.942  1.00 6.61  ? 146 ILE A CA  1 
ATOM   1128 C C   . ILE A 1 146 ? 9.415   0.443   -1.275  1.00 6.50  ? 146 ILE A C   1 
ATOM   1129 O O   . ILE A 1 146 ? 9.624   1.324   -0.445  1.00 8.11  ? 146 ILE A O   1 
ATOM   1130 C CB  . ILE A 1 146 ? 11.116  -1.405  -1.468  1.00 5.90  ? 146 ILE A CB  1 
ATOM   1131 C CG1 . ILE A 1 146 ? 11.485  -2.788  -0.888  1.00 4.62  ? 146 ILE A CG1 1 
ATOM   1132 C CG2 . ILE A 1 146 ? 12.154  -0.340  -1.097  1.00 2.56  ? 146 ILE A CG2 1 
ATOM   1133 C CD1 . ILE A 1 146 ? 12.790  -3.357  -1.395  1.00 2.71  ? 146 ILE A CD1 1 
ATOM   1134 N N   . LEU A 1 147 ? 8.965   0.714   -2.493  1.00 7.28  ? 147 LEU A N   1 
ATOM   1135 C CA  . LEU A 1 147 ? 8.675   2.095   -2.875  1.00 6.25  ? 147 LEU A CA  1 
ATOM   1136 C C   . LEU A 1 147 ? 7.480   2.559   -2.068  1.00 7.59  ? 147 LEU A C   1 
ATOM   1137 O O   . LEU A 1 147 ? 7.383   3.731   -1.704  1.00 6.55  ? 147 LEU A O   1 
ATOM   1138 C CB  . LEU A 1 147 ? 8.340   2.201   -4.366  1.00 7.23  ? 147 LEU A CB  1 
ATOM   1139 C CG  . LEU A 1 147 ? 9.353   1.716   -5.413  1.00 9.04  ? 147 LEU A CG  1 
ATOM   1140 C CD1 . LEU A 1 147 ? 8.976   2.336   -6.779  1.00 5.62  ? 147 LEU A CD1 1 
ATOM   1141 C CD2 . LEU A 1 147 ? 10.769  2.109   -5.035  1.00 6.44  ? 147 LEU A CD2 1 
ATOM   1142 N N   . ALA A 1 148 ? 6.576   1.629   -1.772  1.00 6.51  ? 148 ALA A N   1 
ATOM   1143 C CA  . ALA A 1 148 ? 5.384   1.970   -1.015  1.00 8.41  ? 148 ALA A CA  1 
ATOM   1144 C C   . ALA A 1 148 ? 5.692   2.206   0.465   1.00 10.84 ? 148 ALA A C   1 
ATOM   1145 O O   . ALA A 1 148 ? 5.276   3.215   1.028   1.00 11.19 ? 148 ALA A O   1 
ATOM   1146 C CB  . ALA A 1 148 ? 4.354   0.887   -1.178  1.00 7.39  ? 148 ALA A CB  1 
ATOM   1147 N N   . LYS A 1 149 ? 6.437   1.286   1.075   1.00 10.94 ? 149 LYS A N   1 
ATOM   1148 C CA  . LYS A 1 149 ? 6.797   1.388   2.481   1.00 11.91 ? 149 LYS A CA  1 
ATOM   1149 C C   . LYS A 1 149 ? 7.565   2.671   2.795   1.00 11.61 ? 149 LYS A C   1 
ATOM   1150 O O   . LYS A 1 149 ? 7.250   3.376   3.757   1.00 7.95  ? 149 LYS A O   1 
ATOM   1151 C CB  . LYS A 1 149 ? 7.612   0.159   2.918   1.00 15.12 ? 149 LYS A CB  1 
ATOM   1152 C CG  . LYS A 1 149 ? 8.118   0.209   4.369   1.00 17.94 ? 149 LYS A CG  1 
ATOM   1153 C CD  . LYS A 1 149 ? 8.663   -1.142  4.834   1.00 21.57 ? 149 LYS A CD  1 
ATOM   1154 C CE  . LYS A 1 149 ? 9.355   -1.040  6.197   1.00 23.93 ? 149 LYS A CE  1 
ATOM   1155 N NZ  . LYS A 1 149 ? 8.534   -0.289  7.202   1.00 24.77 ? 149 LYS A NZ  1 
ATOM   1156 N N   . VAL A 1 150 ? 8.569   2.985   1.983   1.00 13.00 ? 150 VAL A N   1 
ATOM   1157 C CA  . VAL A 1 150 ? 9.359   4.197   2.201   1.00 10.80 ? 150 VAL A CA  1 
ATOM   1158 C C   . VAL A 1 150 ? 8.480   5.443   2.117   1.00 11.11 ? 150 VAL A C   1 
ATOM   1159 O O   . VAL A 1 150 ? 8.582   6.343   2.954   1.00 8.13  ? 150 VAL A O   1 
ATOM   1160 C CB  . VAL A 1 150 ? 10.497  4.309   1.169   1.00 11.26 ? 150 VAL A CB  1 
ATOM   1161 C CG1 . VAL A 1 150 ? 11.059  5.731   1.153   1.00 10.49 ? 150 VAL A CG1 1 
ATOM   1162 C CG2 . VAL A 1 150 ? 11.587  3.313   1.510   1.00 10.02 ? 150 VAL A CG2 1 
ATOM   1163 N N   . THR A 1 151 ? 7.616   5.482   1.105   1.00 13.43 ? 151 THR A N   1 
ATOM   1164 C CA  . THR A 1 151 ? 6.710   6.609   0.896   1.00 14.96 ? 151 THR A CA  1 
ATOM   1165 C C   . THR A 1 151 ? 5.797   6.803   2.107   1.00 15.98 ? 151 THR A C   1 
ATOM   1166 O O   . THR A 1 151 ? 5.585   7.930   2.577   1.00 13.26 ? 151 THR A O   1 
ATOM   1167 C CB  . THR A 1 151 ? 5.821   6.382   -0.353  1.00 17.51 ? 151 THR A CB  1 
ATOM   1168 O OG1 . THR A 1 151 ? 6.654   6.197   -1.507  1.00 19.62 ? 151 THR A OG1 1 
ATOM   1169 C CG2 . THR A 1 151 ? 4.908   7.581   -0.585  1.00 16.46 ? 151 THR A CG2 1 
ATOM   1170 N N   . ARG A 1 152 ? 5.264   5.698   2.615   1.00 15.74 ? 152 ARG A N   1 
ATOM   1171 C CA  . ARG A 1 152 ? 4.361   5.760   3.754   1.00 17.61 ? 152 ARG A CA  1 
ATOM   1172 C C   . ARG A 1 152 ? 5.077   6.121   5.067   1.00 19.04 ? 152 ARG A C   1 
ATOM   1173 O O   . ARG A 1 152 ? 4.566   6.931   5.844   1.00 17.00 ? 152 ARG A O   1 
ATOM   1174 C CB  . ARG A 1 152 ? 3.618   4.434   3.917   1.00 17.34 ? 152 ARG A CB  1 
ATOM   1175 C CG  . ARG A 1 152 ? 2.290   4.593   4.648   1.00 21.41 ? 152 ARG A CG  1 
ATOM   1176 C CD  . ARG A 1 152 ? 2.072   3.502   5.674   1.00 22.64 ? 152 ARG A CD  1 
ATOM   1177 N NE  . ARG A 1 152 ? 1.017   3.873   6.603   1.00 26.08 ? 152 ARG A NE  1 
ATOM   1178 C CZ  . ARG A 1 152 ? 0.955   3.465   7.869   1.00 29.93 ? 152 ARG A CZ  1 
ATOM   1179 N NH1 . ARG A 1 152 ? 1.896   2.664   8.367   1.00 28.23 ? 152 ARG A NH1 1 
ATOM   1180 N NH2 . ARG A 1 152 ? -0.044  3.868   8.644   1.00 31.01 ? 152 ARG A NH2 1 
ATOM   1181 N N   . ASP A 1 153 ? 6.247   5.528   5.312   1.00 18.49 ? 153 ASP A N   1 
ATOM   1182 C CA  . ASP A 1 153 ? 6.990   5.823   6.531   1.00 20.43 ? 153 ASP A CA  1 
ATOM   1183 C C   . ASP A 1 153 ? 7.333   7.312   6.628   1.00 22.24 ? 153 ASP A C   1 
ATOM   1184 O O   . ASP A 1 153 ? 7.435   7.860   7.734   1.00 23.95 ? 153 ASP A O   1 
ATOM   1185 C CB  . ASP A 1 153 ? 8.274   4.989   6.615   1.00 21.13 ? 153 ASP A CB  1 
ATOM   1186 C CG  . ASP A 1 153 ? 8.000   3.514   6.924   1.00 23.78 ? 153 ASP A CG  1 
ATOM   1187 O OD1 . ASP A 1 153 ? 6.883   3.184   7.381   1.00 22.63 ? 153 ASP A OD1 1 
ATOM   1188 O OD2 . ASP A 1 153 ? 8.909   2.680   6.723   1.00 26.08 ? 153 ASP A OD2 1 
ATOM   1189 N N   . ARG A 1 154 ? 7.515   7.964   5.479   1.00 19.95 ? 154 ARG A N   1 
ATOM   1190 C CA  . ARG A 1 154 ? 7.820   9.393   5.456   1.00 20.34 ? 154 ARG A CA  1 
ATOM   1191 C C   . ARG A 1 154 ? 6.553   10.161  5.822   1.00 19.95 ? 154 ARG A C   1 
ATOM   1192 O O   . ARG A 1 154 ? 6.595   11.162  6.543   1.00 18.58 ? 154 ARG A O   1 
ATOM   1193 C CB  . ARG A 1 154 ? 8.280   9.841   4.064   1.00 22.39 ? 154 ARG A CB  1 
ATOM   1194 C CG  . ARG A 1 154 ? 9.623   9.294   3.617   1.00 27.46 ? 154 ARG A CG  1 
ATOM   1195 C CD  . ARG A 1 154 ? 9.859   9.572   2.124   1.00 30.14 ? 154 ARG A CD  1 
ATOM   1196 N NE  . ARG A 1 154 ? 11.212  9.199   1.710   1.00 33.83 ? 154 ARG A NE  1 
ATOM   1197 C CZ  . ARG A 1 154 ? 11.611  9.082   0.445   1.00 35.42 ? 154 ARG A CZ  1 
ATOM   1198 N NH1 . ARG A 1 154 ? 10.760  9.306   -0.550  1.00 36.01 ? 154 ARG A NH1 1 
ATOM   1199 N NH2 . ARG A 1 154 ? 12.865  8.744   0.174   1.00 36.17 ? 154 ARG A NH2 1 
ATOM   1200 N N   . ALA A 1 155 ? 5.422   9.685   5.314   1.00 18.23 ? 155 ALA A N   1 
ATOM   1201 C CA  . ALA A 1 155 ? 4.148   10.326  5.586   1.00 17.17 ? 155 ALA A CA  1 
ATOM   1202 C C   . ALA A 1 155 ? 3.832   10.233  7.073   1.00 16.28 ? 155 ALA A C   1 
ATOM   1203 O O   . ALA A 1 155 ? 3.451   11.227  7.690   1.00 15.84 ? 155 ALA A O   1 
ATOM   1204 C CB  . ALA A 1 155 ? 3.048   9.667   4.766   1.00 14.88 ? 155 ALA A CB  1 
ATOM   1205 N N   . VAL A 1 156 ? 3.996   9.037   7.639   1.00 14.83 ? 156 VAL A N   1 
ATOM   1206 C CA  . VAL A 1 156 ? 3.731   8.813   9.051   1.00 14.92 ? 156 VAL A CA  1 
ATOM   1207 C C   . VAL A 1 156 ? 4.628   9.709   9.915   1.00 18.12 ? 156 VAL A C   1 
ATOM   1208 O O   . VAL A 1 156 ? 4.154   10.369  10.838  1.00 17.78 ? 156 VAL A O   1 
ATOM   1209 C CB  . VAL A 1 156 ? 3.966   7.331   9.444   1.00 12.43 ? 156 VAL A CB  1 
ATOM   1210 C CG1 . VAL A 1 156 ? 3.810   7.157   10.961  1.00 11.61 ? 156 VAL A CG1 1 
ATOM   1211 C CG2 . VAL A 1 156 ? 2.968   6.433   8.725   1.00 7.77  ? 156 VAL A CG2 1 
ATOM   1212 N N   . GLU A 1 157 ? 5.916   9.736   9.603   1.00 19.69 ? 157 GLU A N   1 
ATOM   1213 C CA  . GLU A 1 157 ? 6.866   10.549  10.352  1.00 23.63 ? 157 GLU A CA  1 
ATOM   1214 C C   . GLU A 1 157 ? 6.373   11.993  10.380  1.00 22.40 ? 157 GLU A C   1 
ATOM   1215 O O   . GLU A 1 157 ? 6.499   12.687  11.389  1.00 22.24 ? 157 GLU A O   1 
ATOM   1216 C CB  . GLU A 1 157 ? 8.250   10.459  9.697   1.00 27.54 ? 157 GLU A CB  1 
ATOM   1217 C CG  . GLU A 1 157 ? 9.408   10.236  10.662  1.00 37.76 ? 157 GLU A CG  1 
ATOM   1218 C CD  . GLU A 1 157 ? 9.149   9.129   11.687  1.00 43.21 ? 157 GLU A CD  1 
ATOM   1219 O OE1 . GLU A 1 157 ? 8.663   8.042   11.297  1.00 44.10 ? 157 GLU A OE1 1 
ATOM   1220 O OE2 . GLU A 1 157 ? 9.447   9.347   12.888  1.00 46.68 ? 157 GLU A OE2 1 
ATOM   1221 N N   . LYS A 1 158 ? 5.792   12.434  9.272   1.00 21.71 ? 158 LYS A N   1 
ATOM   1222 C CA  . LYS A 1 158 ? 5.261   13.783  9.178   1.00 22.03 ? 158 LYS A CA  1 
ATOM   1223 C C   . LYS A 1 158 ? 4.060   13.958  10.117  1.00 21.72 ? 158 LYS A C   1 
ATOM   1224 O O   . LYS A 1 158 ? 3.911   14.998  10.760  1.00 22.10 ? 158 LYS A O   1 
ATOM   1225 C CB  . LYS A 1 158 ? 4.852   14.080  7.732   1.00 24.18 ? 158 LYS A CB  1 
ATOM   1226 C CG  . LYS A 1 158 ? 3.927   15.269  7.573   1.00 27.38 ? 158 LYS A CG  1 
ATOM   1227 C CD  . LYS A 1 158 ? 3.812   15.689  6.120   1.00 33.03 ? 158 LYS A CD  1 
ATOM   1228 C CE  . LYS A 1 158 ? 2.662   16.669  5.917   1.00 34.52 ? 158 LYS A CE  1 
ATOM   1229 N NZ  . LYS A 1 158 ? 1.337   16.039  6.229   1.00 34.14 ? 158 LYS A NZ  1 
ATOM   1230 N N   . LEU A 1 159 ? 3.222   12.927  10.199  1.00 20.21 ? 159 LEU A N   1 
ATOM   1231 C CA  . LEU A 1 159 ? 2.038   12.950  11.049  1.00 19.07 ? 159 LEU A CA  1 
ATOM   1232 C C   . LEU A 1 159 ? 2.391   13.042  12.535  1.00 19.41 ? 159 LEU A C   1 
ATOM   1233 O O   . LEU A 1 159 ? 1.666   13.661  13.315  1.00 17.08 ? 159 LEU A O   1 
ATOM   1234 C CB  . LEU A 1 159 ? 1.196   11.695  10.813  1.00 15.75 ? 159 LEU A CB  1 
ATOM   1235 C CG  . LEU A 1 159 ? 0.643   11.471  9.400   1.00 20.34 ? 159 LEU A CG  1 
ATOM   1236 C CD1 . LEU A 1 159 ? -0.034  10.115  9.336   1.00 16.23 ? 159 LEU A CD1 1 
ATOM   1237 C CD2 . LEU A 1 159 ? -0.342  12.577  9.028   1.00 17.20 ? 159 LEU A CD2 1 
ATOM   1238 N N   . LYS A 1 160 ? 3.502   12.422  12.918  1.00 20.31 ? 160 LYS A N   1 
ATOM   1239 C CA  . LYS A 1 160 ? 3.942   12.437  14.300  1.00 22.91 ? 160 LYS A CA  1 
ATOM   1240 C C   . LYS A 1 160 ? 4.459   13.812  14.690  1.00 25.92 ? 160 LYS A C   1 
ATOM   1241 O O   . LYS A 1 160 ? 4.390   14.203  15.857  1.00 25.09 ? 160 LYS A O   1 
ATOM   1242 C CB  . LYS A 1 160 ? 5.024   11.378  14.523  1.00 23.00 ? 160 LYS A CB  1 
ATOM   1243 C CG  . LYS A 1 160 ? 4.501   9.960   14.471  1.00 22.43 ? 160 LYS A CG  1 
ATOM   1244 C CD  . LYS A 1 160 ? 5.595   8.940   14.735  1.00 25.12 ? 160 LYS A CD  1 
ATOM   1245 C CE  . LYS A 1 160 ? 5.060   7.511   14.580  1.00 23.57 ? 160 LYS A CE  1 
ATOM   1246 N NZ  . LYS A 1 160 ? 6.178   6.530   14.404  1.00 26.33 ? 160 LYS A NZ  1 
ATOM   1247 N N   . GLU A 1 161 ? 4.967   14.549  13.707  1.00 28.74 ? 161 GLU A N   1 
ATOM   1248 C CA  . GLU A 1 161 ? 5.484   15.890  13.950  1.00 32.53 ? 161 GLU A CA  1 
ATOM   1249 C C   . GLU A 1 161 ? 4.324   16.860  14.129  1.00 31.96 ? 161 GLU A C   1 
ATOM   1250 O O   . GLU A 1 161 ? 4.447   17.861  14.827  1.00 33.22 ? 161 GLU A O   1 
ATOM   1251 C CB  . GLU A 1 161 ? 6.359   16.347  12.777  1.00 37.69 ? 161 GLU A CB  1 
ATOM   1252 C CG  . GLU A 1 161 ? 7.539   15.425  12.504  1.00 45.98 ? 161 GLU A CG  1 
ATOM   1253 C CD  . GLU A 1 161 ? 8.285   15.783  11.230  1.00 50.56 ? 161 GLU A CD  1 
ATOM   1254 O OE1 . GLU A 1 161 ? 7.630   15.964  10.180  1.00 52.94 ? 161 GLU A OE1 1 
ATOM   1255 O OE2 . GLU A 1 161 ? 9.532   15.867  11.271  1.00 53.48 ? 161 GLU A OE2 1 
ATOM   1256 N N   . GLU A 1 162 ? 3.194   16.551  13.501  1.00 29.92 ? 162 GLU A N   1 
ATOM   1257 C CA  . GLU A 1 162 ? 2.025   17.407  13.593  1.00 28.79 ? 162 GLU A CA  1 
ATOM   1258 C C   . GLU A 1 162 ? 1.104   17.079  14.767  1.00 27.56 ? 162 GLU A C   1 
ATOM   1259 O O   . GLU A 1 162 ? 0.657   17.984  15.475  1.00 27.32 ? 162 GLU A O   1 
ATOM   1260 C CB  . GLU A 1 162 ? 1.218   17.333  12.301  1.00 29.54 ? 162 GLU A CB  1 
ATOM   1261 C CG  . GLU A 1 162 ? 1.995   17.682  11.055  1.00 33.49 ? 162 GLU A CG  1 
ATOM   1262 C CD  . GLU A 1 162 ? 1.165   17.498  9.797   1.00 35.37 ? 162 GLU A CD  1 
ATOM   1263 O OE1 . GLU A 1 162 ? 0.155   18.217  9.640   1.00 35.29 ? 162 GLU A OE1 1 
ATOM   1264 O OE2 . GLU A 1 162 ? 1.513   16.620  8.975   1.00 37.09 ? 162 GLU A OE2 1 
ATOM   1265 N N   . TYR A 1 163 ? 0.815   15.793  14.969  1.00 25.16 ? 163 TYR A N   1 
ATOM   1266 C CA  . TYR A 1 163 ? -0.080  15.386  16.052  1.00 23.76 ? 163 TYR A CA  1 
ATOM   1267 C C   . TYR A 1 163 ? 0.614   14.753  17.255  1.00 24.88 ? 163 TYR A C   1 
ATOM   1268 O O   . TYR A 1 163 ? 0.005   14.588  18.315  1.00 25.99 ? 163 TYR A O   1 
ATOM   1269 C CB  . TYR A 1 163 ? -1.154  14.426  15.535  1.00 19.36 ? 163 TYR A CB  1 
ATOM   1270 C CG  . TYR A 1 163 ? -2.040  14.997  14.446  1.00 18.02 ? 163 TYR A CG  1 
ATOM   1271 C CD1 . TYR A 1 163 ? -1.620  15.012  13.116  1.00 16.28 ? 163 TYR A CD1 1 
ATOM   1272 C CD2 . TYR A 1 163 ? -3.316  15.490  14.743  1.00 14.96 ? 163 TYR A CD2 1 
ATOM   1273 C CE1 . TYR A 1 163 ? -2.452  15.494  12.103  1.00 16.40 ? 163 TYR A CE1 1 
ATOM   1274 C CE2 . TYR A 1 163 ? -4.153  15.978  13.743  1.00 15.00 ? 163 TYR A CE2 1 
ATOM   1275 C CZ  . TYR A 1 163 ? -3.712  15.971  12.420  1.00 17.19 ? 163 TYR A CZ  1 
ATOM   1276 O OH  . TYR A 1 163 ? -4.532  16.413  11.406  1.00 17.94 ? 163 TYR A OH  1 
ATOM   1277 N N   . GLY A 1 164 ? 1.883   14.401  17.093  1.00 24.91 ? 164 GLY A N   1 
ATOM   1278 C CA  . GLY A 1 164 ? 2.618   13.803  18.191  1.00 25.10 ? 164 GLY A CA  1 
ATOM   1279 C C   . GLY A 1 164 ? 2.416   12.307  18.371  1.00 25.07 ? 164 GLY A C   1 
ATOM   1280 O O   . GLY A 1 164 ? 2.417   11.542  17.403  1.00 24.40 ? 164 GLY A O   1 
ATOM   1281 N N   . GLU A 1 165 ? 2.243   11.898  19.625  1.00 24.21 ? 165 GLU A N   1 
ATOM   1282 C CA  . GLU A 1 165 ? 2.063   10.495  19.982  1.00 26.99 ? 165 GLU A CA  1 
ATOM   1283 C C   . GLU A 1 165 ? 0.768   9.901   19.425  1.00 25.09 ? 165 GLU A C   1 
ATOM   1284 O O   . GLU A 1 165 ? -0.291  9.992   20.052  1.00 26.03 ? 165 GLU A O   1 
ATOM   1285 C CB  . GLU A 1 165 ? 2.094   10.350  21.508  1.00 31.72 ? 165 GLU A CB  1 
ATOM   1286 C CG  . GLU A 1 165 ? 1.965   8.918   22.023  1.00 42.31 ? 165 GLU A CG  1 
ATOM   1287 C CD  . GLU A 1 165 ? 3.275   8.138   21.975  1.00 47.58 ? 165 GLU A CD  1 
ATOM   1288 O OE1 . GLU A 1 165 ? 4.264   8.576   22.620  1.00 48.95 ? 165 GLU A OE1 1 
ATOM   1289 O OE2 . GLU A 1 165 ? 3.310   7.081   21.302  1.00 50.05 ? 165 GLU A OE2 1 
ATOM   1290 N N   . ILE A 1 166 ? 0.855   9.293   18.246  1.00 21.23 ? 166 ILE A N   1 
ATOM   1291 C CA  . ILE A 1 166 ? -0.316  8.686   17.632  1.00 20.69 ? 166 ILE A CA  1 
ATOM   1292 C C   . ILE A 1 166 ? -0.315  7.158   17.755  1.00 19.68 ? 166 ILE A C   1 
ATOM   1293 O O   . ILE A 1 166 ? -1.281  6.507   17.367  1.00 17.77 ? 166 ILE A O   1 
ATOM   1294 C CB  . ILE A 1 166 ? -0.437  9.077   16.140  1.00 21.09 ? 166 ILE A CB  1 
ATOM   1295 C CG1 . ILE A 1 166 ? 0.868   8.755   15.398  1.00 19.90 ? 166 ILE A CG1 1 
ATOM   1296 C CG2 . ILE A 1 166 ? -0.826  10.555  16.031  1.00 20.06 ? 166 ILE A CG2 1 
ATOM   1297 C CD1 . ILE A 1 166 ? 0.870   9.154   13.921  1.00 17.33 ? 166 ILE A CD1 1 
ATOM   1298 N N   . GLY A 1 167 ? 0.758   6.596   18.308  1.00 18.33 ? 167 GLY A N   1 
ATOM   1299 C CA  . GLY A 1 167 ? 0.843   5.158   18.467  1.00 18.09 ? 167 GLY A CA  1 
ATOM   1300 C C   . GLY A 1 167 ? 1.210   4.458   17.178  1.00 18.20 ? 167 GLY A C   1 
ATOM   1301 O O   . GLY A 1 167 ? 1.778   5.071   16.268  1.00 18.82 ? 167 GLY A O   1 
ATOM   1302 N N   . SER A 1 168 ? 0.895   3.170   17.083  1.00 18.31 ? 168 SER A N   1 
ATOM   1303 C CA  . SER A 1 168 ? 1.215   2.411   15.867  1.00 17.00 ? 168 SER A CA  1 
ATOM   1304 C C   . SER A 1 168 ? 0.158   2.672   14.801  1.00 18.61 ? 168 SER A C   1 
ATOM   1305 O O   . SER A 1 168 ? 0.408   2.490   13.611  1.00 18.71 ? 168 SER A O   1 
ATOM   1306 C CB  . SER A 1 168 ? 1.278   0.912   16.173  1.00 15.26 ? 168 SER A CB  1 
ATOM   1307 O OG  . SER A 1 168 ? 0.037   0.439   16.674  1.00 13.56 ? 168 SER A OG  1 
ATOM   1308 N N   . GLY A 1 169 ? -1.020  3.112   15.242  1.00 20.56 ? 169 GLY A N   1 
ATOM   1309 C CA  . GLY A 1 169 ? -2.097  3.391   14.314  1.00 21.10 ? 169 GLY A CA  1 
ATOM   1310 C C   . GLY A 1 169 ? -3.181  2.331   14.363  1.00 22.76 ? 169 GLY A C   1 
ATOM   1311 O O   . GLY A 1 169 ? -4.258  2.498   13.776  1.00 23.88 ? 169 GLY A O   1 
ATOM   1312 N N   . TYR A 1 170 ? -2.905  1.227   15.053  1.00 22.04 ? 170 TYR A N   1 
ATOM   1313 C CA  . TYR A 1 170 ? -3.887  0.156   15.162  1.00 22.35 ? 170 TYR A CA  1 
ATOM   1314 C C   . TYR A 1 170 ? -4.870  0.439   16.274  1.00 22.33 ? 170 TYR A C   1 
ATOM   1315 O O   . TYR A 1 170 ? -4.495  0.949   17.334  1.00 25.37 ? 170 TYR A O   1 
ATOM   1316 C CB  . TYR A 1 170 ? -3.217  -1.200  15.429  1.00 20.42 ? 170 TYR A CB  1 
ATOM   1317 C CG  . TYR A 1 170 ? -2.426  -1.720  14.260  1.00 20.15 ? 170 TYR A CG  1 
ATOM   1318 C CD1 . TYR A 1 170 ? -1.040  -1.621  14.237  1.00 18.86 ? 170 TYR A CD1 1 
ATOM   1319 C CD2 . TYR A 1 170 ? -3.067  -2.267  13.146  1.00 20.95 ? 170 TYR A CD2 1 
ATOM   1320 C CE1 . TYR A 1 170 ? -0.308  -2.049  13.137  1.00 18.24 ? 170 TYR A CE1 1 
ATOM   1321 C CE2 . TYR A 1 170 ? -2.337  -2.700  12.036  1.00 19.25 ? 170 TYR A CE2 1 
ATOM   1322 C CZ  . TYR A 1 170 ? -0.959  -2.584  12.042  1.00 16.89 ? 170 TYR A CZ  1 
ATOM   1323 O OH  . TYR A 1 170 ? -0.221  -2.980  10.950  1.00 19.45 ? 170 TYR A OH  1 
ATOM   1324 N N   . PRO A 1 171 ? -6.150  0.115   16.041  1.00 22.08 ? 171 PRO A N   1 
ATOM   1325 C CA  . PRO A 1 171 ? -7.194  0.337   17.047  1.00 20.12 ? 171 PRO A CA  1 
ATOM   1326 C C   . PRO A 1 171 ? -6.925  -0.456  18.322  1.00 19.53 ? 171 PRO A C   1 
ATOM   1327 O O   . PRO A 1 171 ? -7.450  -0.137  19.387  1.00 20.67 ? 171 PRO A O   1 
ATOM   1328 C CB  . PRO A 1 171 ? -8.467  -0.106  16.329  1.00 20.03 ? 171 PRO A CB  1 
ATOM   1329 C CG  . PRO A 1 171 ? -7.965  -1.120  15.334  1.00 19.68 ? 171 PRO A CG  1 
ATOM   1330 C CD  . PRO A 1 171 ? -6.713  -0.479  14.814  1.00 18.65 ? 171 PRO A CD  1 
ATOM   1331 N N   . SER A 1 172 ? -6.091  -1.482  18.214  1.00 19.07 ? 172 SER A N   1 
ATOM   1332 C CA  . SER A 1 172 ? -5.755  -2.304  19.371  1.00 19.20 ? 172 SER A CA  1 
ATOM   1333 C C   . SER A 1 172 ? -4.611  -1.691  20.175  1.00 19.27 ? 172 SER A C   1 
ATOM   1334 O O   . SER A 1 172 ? -4.215  -2.223  21.219  1.00 19.79 ? 172 SER A O   1 
ATOM   1335 C CB  . SER A 1 172 ? -5.374  -3.720  18.924  1.00 17.88 ? 172 SER A CB  1 
ATOM   1336 O OG  . SER A 1 172 ? -4.239  -3.701  18.092  1.00 14.28 ? 172 SER A OG  1 
ATOM   1337 N N   . ASP A 1 173 ? -4.089  -0.570  19.683  1.00 18.55 ? 173 ASP A N   1 
ATOM   1338 C CA  . ASP A 1 173 ? -2.989  0.119   20.344  1.00 19.29 ? 173 ASP A CA  1 
ATOM   1339 C C   . ASP A 1 173 ? -3.545  1.192   21.289  1.00 20.39 ? 173 ASP A C   1 
ATOM   1340 O O   . ASP A 1 173 ? -4.136  2.182   20.849  1.00 20.67 ? 173 ASP A O   1 
ATOM   1341 C CB  . ASP A 1 173 ? -2.061  0.744   19.287  1.00 19.04 ? 173 ASP A CB  1 
ATOM   1342 C CG  . ASP A 1 173 ? -0.762  1.271   19.878  1.00 18.84 ? 173 ASP A CG  1 
ATOM   1343 O OD1 . ASP A 1 173 ? 0.232   1.415   19.126  1.00 17.66 ? 173 ASP A OD1 1 
ATOM   1344 O OD2 . ASP A 1 173 ? -0.732  1.550   21.094  1.00 20.22 ? 173 ASP A OD2 1 
ATOM   1345 N N   . PRO A 1 174 ? -3.377  0.991   22.607  1.00 20.24 ? 174 PRO A N   1 
ATOM   1346 C CA  . PRO A 1 174 ? -3.850  1.919   23.642  1.00 19.80 ? 174 PRO A CA  1 
ATOM   1347 C C   . PRO A 1 174 ? -3.416  3.357   23.396  1.00 18.96 ? 174 PRO A C   1 
ATOM   1348 O O   . PRO A 1 174 ? -4.165  4.295   23.656  1.00 15.15 ? 174 PRO A O   1 
ATOM   1349 C CB  . PRO A 1 174 ? -3.233  1.355   24.921  1.00 20.58 ? 174 PRO A CB  1 
ATOM   1350 C CG  . PRO A 1 174 ? -3.212  -0.100  24.654  1.00 22.90 ? 174 PRO A CG  1 
ATOM   1351 C CD  . PRO A 1 174 ? -2.719  -0.175  23.220  1.00 22.11 ? 174 PRO A CD  1 
ATOM   1352 N N   . ARG A 1 175 ? -2.194  3.531   22.914  1.00 19.76 ? 175 ARG A N   1 
ATOM   1353 C CA  . ARG A 1 175 ? -1.689  4.872   22.648  1.00 22.44 ? 175 ARG A CA  1 
ATOM   1354 C C   . ARG A 1 175 ? -2.497  5.507   21.522  1.00 23.06 ? 175 ARG A C   1 
ATOM   1355 O O   . ARG A 1 175 ? -2.828  6.688   21.584  1.00 21.67 ? 175 ARG A O   1 
ATOM   1356 C CB  . ARG A 1 175 ? -0.219  4.816   22.254  1.00 21.42 ? 175 ARG A CB  1 
ATOM   1357 C CG  . ARG A 1 175 ? 0.684   4.317   23.359  1.00 23.00 ? 175 ARG A CG  1 
ATOM   1358 C CD  . ARG A 1 175 ? 2.063   4.066   22.810  1.00 23.68 ? 175 ARG A CD  1 
ATOM   1359 N NE  . ARG A 1 175 ? 2.047   3.020   21.790  1.00 18.92 ? 175 ARG A NE  1 
ATOM   1360 C CZ  . ARG A 1 175 ? 3.030   2.823   20.914  1.00 18.77 ? 175 ARG A CZ  1 
ATOM   1361 N NH1 . ARG A 1 175 ? 4.100   3.607   20.933  1.00 16.20 ? 175 ARG A NH1 1 
ATOM   1362 N NH2 . ARG A 1 175 ? 2.948   1.839   20.027  1.00 16.87 ? 175 ARG A NH2 1 
ATOM   1363 N N   . THR A 1 176 ? -2.816  4.715   20.500  1.00 22.30 ? 176 THR A N   1 
ATOM   1364 C CA  . THR A 1 176 ? -3.584  5.214   19.375  1.00 22.90 ? 176 THR A CA  1 
ATOM   1365 C C   . THR A 1 176 ? -5.007  5.565   19.799  1.00 23.69 ? 176 THR A C   1 
ATOM   1366 O O   . THR A 1 176 ? -5.554  6.565   19.347  1.00 20.76 ? 176 THR A O   1 
ATOM   1367 C CB  . THR A 1 176 ? -3.610  4.189   18.212  1.00 21.48 ? 176 THR A CB  1 
ATOM   1368 O OG1 . THR A 1 176 ? -2.289  4.046   17.671  1.00 19.60 ? 176 THR A OG1 1 
ATOM   1369 C CG2 . THR A 1 176 ? -4.551  4.650   17.110  1.00 19.13 ? 176 THR A CG2 1 
ATOM   1370 N N   . ARG A 1 177 ? -5.602  4.759   20.678  1.00 25.49 ? 177 ARG A N   1 
ATOM   1371 C CA  . ARG A 1 177 ? -6.960  5.043   21.136  1.00 28.59 ? 177 ARG A CA  1 
ATOM   1372 C C   . ARG A 1 177 ? -6.999  6.321   21.974  1.00 27.86 ? 177 ARG A C   1 
ATOM   1373 O O   . ARG A 1 177 ? -7.951  7.102   21.890  1.00 29.19 ? 177 ARG A O   1 
ATOM   1374 C CB  . ARG A 1 177 ? -7.534  3.876   21.949  1.00 32.81 ? 177 ARG A CB  1 
ATOM   1375 C CG  . ARG A 1 177 ? -7.947  2.681   21.109  1.00 39.86 ? 177 ARG A CG  1 
ATOM   1376 C CD  . ARG A 1 177 ? -8.869  1.749   21.891  1.00 45.59 ? 177 ARG A CD  1 
ATOM   1377 N NE  . ARG A 1 177 ? -9.443  0.690   21.055  1.00 50.72 ? 177 ARG A NE  1 
ATOM   1378 C CZ  . ARG A 1 177 ? -10.202 0.901   19.978  1.00 52.80 ? 177 ARG A CZ  1 
ATOM   1379 N NH1 . ARG A 1 177 ? -10.481 2.140   19.592  1.00 53.16 ? 177 ARG A NH1 1 
ATOM   1380 N NH2 . ARG A 1 177 ? -10.695 -0.128  19.291  1.00 52.56 ? 177 ARG A NH2 1 
ATOM   1381 N N   . ALA A 1 178 ? -5.961  6.545   22.771  1.00 24.49 ? 178 ALA A N   1 
ATOM   1382 C CA  . ALA A 1 178 ? -5.907  7.746   23.591  1.00 24.72 ? 178 ALA A CA  1 
ATOM   1383 C C   . ALA A 1 178 ? -5.946  8.942   22.646  1.00 23.17 ? 178 ALA A C   1 
ATOM   1384 O O   . ALA A 1 178 ? -6.791  9.824   22.776  1.00 21.61 ? 178 ALA A O   1 
ATOM   1385 C CB  . ALA A 1 178 ? -4.625  7.766   24.423  1.00 23.72 ? 178 ALA A CB  1 
ATOM   1386 N N   . PHE A 1 179 ? -5.023  8.963   21.691  1.00 23.12 ? 179 PHE A N   1 
ATOM   1387 C CA  . PHE A 1 179 ? -4.958  10.039  20.714  1.00 20.48 ? 179 PHE A CA  1 
ATOM   1388 C C   . PHE A 1 179 ? -6.349  10.335  20.144  1.00 20.91 ? 179 PHE A C   1 
ATOM   1389 O O   . PHE A 1 179 ? -6.799  11.478  20.161  1.00 20.81 ? 179 PHE A O   1 
ATOM   1390 C CB  . PHE A 1 179 ? -3.991  9.657   19.590  1.00 19.31 ? 179 PHE A CB  1 
ATOM   1391 C CG  . PHE A 1 179 ? -4.070  10.555  18.386  1.00 18.37 ? 179 PHE A CG  1 
ATOM   1392 C CD1 . PHE A 1 179 ? -3.736  11.908  18.485  1.00 14.37 ? 179 PHE A CD1 1 
ATOM   1393 C CD2 . PHE A 1 179 ? -4.512  10.050  17.156  1.00 16.42 ? 179 PHE A CD2 1 
ATOM   1394 C CE1 . PHE A 1 179 ? -3.841  12.745  17.387  1.00 14.65 ? 179 PHE A CE1 1 
ATOM   1395 C CE2 . PHE A 1 179 ? -4.625  10.876  16.040  1.00 14.97 ? 179 PHE A CE2 1 
ATOM   1396 C CZ  . PHE A 1 179 ? -4.291  12.226  16.150  1.00 17.54 ? 179 PHE A CZ  1 
ATOM   1397 N N   . LEU A 1 180 ? -7.026  9.302   19.649  1.00 18.85 ? 180 LEU A N   1 
ATOM   1398 C CA  . LEU A 1 180 ? -8.358  9.460   19.079  1.00 20.33 ? 180 LEU A CA  1 
ATOM   1399 C C   . LEU A 1 180 ? -9.374  9.967   20.102  1.00 21.84 ? 180 LEU A C   1 
ATOM   1400 O O   . LEU A 1 180 ? -10.127 10.902  19.820  1.00 20.52 ? 180 LEU A O   1 
ATOM   1401 C CB  . LEU A 1 180 ? -8.839  8.132   18.493  1.00 20.04 ? 180 LEU A CB  1 
ATOM   1402 C CG  . LEU A 1 180 ? -7.985  7.577   17.353  1.00 19.74 ? 180 LEU A CG  1 
ATOM   1403 C CD1 . LEU A 1 180 ? -8.519  6.224   16.909  1.00 21.81 ? 180 LEU A CD1 1 
ATOM   1404 C CD2 . LEU A 1 180 ? -7.977  8.558   16.188  1.00 21.31 ? 180 LEU A CD2 1 
ATOM   1405 N N   . GLU A 1 181 ? -9.395  9.334   21.277  1.00 22.09 ? 181 GLU A N   1 
ATOM   1406 C CA  . GLU A 1 181 ? -10.305 9.714   22.353  1.00 25.13 ? 181 GLU A CA  1 
ATOM   1407 C C   . GLU A 1 181 ? -10.042 11.151  22.814  1.00 26.66 ? 181 GLU A C   1 
ATOM   1408 O O   . GLU A 1 181 ? -10.969 11.948  22.932  1.00 27.41 ? 181 GLU A O   1 
ATOM   1409 C CB  . GLU A 1 181 ? -10.171 8.759   23.557  1.00 23.18 ? 181 GLU A CB  1 
ATOM   1410 C CG  . GLU A 1 181 ? -10.520 7.296   23.261  1.00 25.04 ? 181 GLU A CG  1 
ATOM   1411 C CD  . GLU A 1 181 ? -10.489 6.390   24.503  1.00 23.55 ? 181 GLU A CD  1 
ATOM   1412 O OE1 . GLU A 1 181 ? -9.616  6.582   25.380  1.00 20.22 ? 181 GLU A OE1 1 
ATOM   1413 O OE2 . GLU A 1 181 ? -11.331 5.467   24.584  1.00 22.58 ? 181 GLU A OE2 1 
ATOM   1414 N N   . ASN A 1 182 ? -8.781  11.483  23.072  1.00 28.09 ? 182 ASN A N   1 
ATOM   1415 C CA  . ASN A 1 182 ? -8.450  12.829  23.522  1.00 30.94 ? 182 ASN A CA  1 
ATOM   1416 C C   . ASN A 1 182 ? -8.787  13.882  22.467  1.00 32.03 ? 182 ASN A C   1 
ATOM   1417 O O   . ASN A 1 182 ? -9.238  14.977  22.807  1.00 32.72 ? 182 ASN A O   1 
ATOM   1418 C CB  . ASN A 1 182 ? -6.966  12.932  23.907  1.00 30.16 ? 182 ASN A CB  1 
ATOM   1419 C CG  . ASN A 1 182 ? -6.623  12.123  25.156  1.00 33.13 ? 182 ASN A CG  1 
ATOM   1420 O OD1 . ASN A 1 182 ? -7.354  12.149  26.147  1.00 32.91 ? 182 ASN A OD1 1 
ATOM   1421 N ND2 . ASN A 1 182 ? -5.502  11.409  25.113  1.00 34.09 ? 182 ASN A ND2 1 
ATOM   1422 N N   . TYR A 1 183 ? -8.577  13.558  21.191  1.00 32.36 ? 183 TYR A N   1 
ATOM   1423 C CA  . TYR A 1 183 ? -8.880  14.510  20.124  1.00 33.75 ? 183 TYR A CA  1 
ATOM   1424 C C   . TYR A 1 183 ? -10.382 14.791  20.077  1.00 35.09 ? 183 TYR A C   1 
ATOM   1425 O O   . TYR A 1 183 ? -10.811 15.945  20.075  1.00 33.60 ? 183 TYR A O   1 
ATOM   1426 C CB  . TYR A 1 183 ? -8.432  13.967  18.765  1.00 31.45 ? 183 TYR A CB  1 
ATOM   1427 C CG  . TYR A 1 183 ? -8.533  14.988  17.653  1.00 30.08 ? 183 TYR A CG  1 
ATOM   1428 C CD1 . TYR A 1 183 ? -7.465  15.840  17.363  1.00 30.77 ? 183 TYR A CD1 1 
ATOM   1429 C CD2 . TYR A 1 183 ? -9.707  15.126  16.912  1.00 27.41 ? 183 TYR A CD2 1 
ATOM   1430 C CE1 . TYR A 1 183 ? -7.564  16.804  16.359  1.00 31.33 ? 183 TYR A CE1 1 
ATOM   1431 C CE2 . TYR A 1 183 ? -9.819  16.086  15.912  1.00 28.67 ? 183 TYR A CE2 1 
ATOM   1432 C CZ  . TYR A 1 183 ? -8.748  16.919  15.639  1.00 31.07 ? 183 TYR A CZ  1 
ATOM   1433 O OH  . TYR A 1 183 ? -8.858  17.870  14.650  1.00 33.52 ? 183 TYR A OH  1 
ATOM   1434 N N   . TYR A 1 184 ? -11.174 13.726  20.031  1.00 37.32 ? 184 TYR A N   1 
ATOM   1435 C CA  . TYR A 1 184 ? -12.620 13.854  19.988  1.00 41.97 ? 184 TYR A CA  1 
ATOM   1436 C C   . TYR A 1 184 ? -13.137 14.635  21.193  1.00 43.42 ? 184 TYR A C   1 
ATOM   1437 O O   . TYR A 1 184 ? -14.154 15.322  21.108  1.00 45.62 ? 184 TYR A O   1 
ATOM   1438 C CB  . TYR A 1 184 ? -13.270 12.474  19.962  1.00 44.61 ? 184 TYR A CB  1 
ATOM   1439 C CG  . TYR A 1 184 ? -14.776 12.518  20.019  1.00 49.48 ? 184 TYR A CG  1 
ATOM   1440 C CD1 . TYR A 1 184 ? -15.524 12.950  18.924  1.00 51.75 ? 184 TYR A CD1 1 
ATOM   1441 C CD2 . TYR A 1 184 ? -15.457 12.136  21.175  1.00 51.42 ? 184 TYR A CD2 1 
ATOM   1442 C CE1 . TYR A 1 184 ? -16.915 12.999  18.980  1.00 53.22 ? 184 TYR A CE1 1 
ATOM   1443 C CE2 . TYR A 1 184 ? -16.845 12.181  21.244  1.00 52.97 ? 184 TYR A CE2 1 
ATOM   1444 C CZ  . TYR A 1 184 ? -17.568 12.613  20.144  1.00 54.51 ? 184 TYR A CZ  1 
ATOM   1445 O OH  . TYR A 1 184 ? -18.945 12.650  20.208  1.00 56.10 ? 184 TYR A OH  1 
ATOM   1446 N N   . ARG A 1 185 ? -12.434 14.527  22.313  1.00 42.66 ? 185 ARG A N   1 
ATOM   1447 C CA  . ARG A 1 185 ? -12.830 15.221  23.527  1.00 43.27 ? 185 ARG A CA  1 
ATOM   1448 C C   . ARG A 1 185 ? -12.738 16.741  23.390  1.00 43.66 ? 185 ARG A C   1 
ATOM   1449 O O   . ARG A 1 185 ? -13.673 17.455  23.746  1.00 42.17 ? 185 ARG A O   1 
ATOM   1450 C CB  . ARG A 1 185 ? -11.965 14.766  24.700  1.00 42.45 ? 185 ARG A CB  1 
ATOM   1451 C CG  . ARG A 1 185 ? -12.270 15.482  26.002  1.00 43.50 ? 185 ARG A CG  1 
ATOM   1452 C CD  . ARG A 1 185 ? -11.107 15.350  26.959  1.00 44.10 ? 185 ARG A CD  1 
ATOM   1453 N NE  . ARG A 1 185 ? -10.848 13.960  27.302  1.00 45.28 ? 185 ARG A NE  1 
ATOM   1454 C CZ  . ARG A 1 185 ? -9.636  13.466  27.515  1.00 46.70 ? 185 ARG A CZ  1 
ATOM   1455 N NH1 . ARG A 1 185 ? -8.573  14.257  27.414  1.00 45.46 ? 185 ARG A NH1 1 
ATOM   1456 N NH2 . ARG A 1 185 ? -9.485  12.182  27.828  1.00 46.48 ? 185 ARG A NH2 1 
ATOM   1457 N N   . GLU A 1 186 ? -11.613 17.234  22.876  1.00 44.46 ? 186 GLU A N   1 
ATOM   1458 C CA  . GLU A 1 186 ? -11.410 18.673  22.724  1.00 46.01 ? 186 GLU A CA  1 
ATOM   1459 C C   . GLU A 1 186 ? -11.657 19.158  21.297  1.00 44.68 ? 186 GLU A C   1 
ATOM   1460 O O   . GLU A 1 186 ? -11.064 20.146  20.857  1.00 45.32 ? 186 GLU A O   1 
ATOM   1461 C CB  . GLU A 1 186 ? -9.983  19.045  23.151  1.00 49.57 ? 186 GLU A CB  1 
ATOM   1462 C CG  . GLU A 1 186 ? -9.893  20.334  23.960  1.00 54.35 ? 186 GLU A CG  1 
ATOM   1463 C CD  . GLU A 1 186 ? -10.324 21.560  23.172  1.00 58.15 ? 186 GLU A CD  1 
ATOM   1464 O OE1 . GLU A 1 186 ? -9.540  22.041  22.324  1.00 61.26 ? 186 GLU A OE1 1 
ATOM   1465 O OE2 . GLU A 1 186 ? -11.456 22.040  23.393  1.00 60.92 ? 186 GLU A OE2 1 
ATOM   1466 N N   . HIS A 1 187 ? -12.535 18.462  20.580  1.00 42.31 ? 187 HIS A N   1 
ATOM   1467 C CA  . HIS A 1 187 ? -12.861 18.804  19.195  1.00 39.95 ? 187 HIS A CA  1 
ATOM   1468 C C   . HIS A 1 187 ? -14.235 18.280  18.802  1.00 38.16 ? 187 HIS A C   1 
ATOM   1469 O O   . HIS A 1 187 ? -14.784 18.661  17.770  1.00 39.12 ? 187 HIS A O   1 
ATOM   1470 C CB  . HIS A 1 187 ? -11.823 18.209  18.242  1.00 39.40 ? 187 HIS A CB  1 
ATOM   1471 C CG  . HIS A 1 187 ? -10.552 18.994  18.164  1.00 39.72 ? 187 HIS A CG  1 
ATOM   1472 N ND1 . HIS A 1 187 ? -10.483 20.232  17.575  1.00 41.36 ? 187 HIS A ND1 1 
ATOM   1473 C CD2 . HIS A 1 187 ? -9.300  18.701  18.591  1.00 41.80 ? 187 HIS A CD2 1 
ATOM   1474 C CE1 . HIS A 1 187 ? -9.235  20.676  17.634  1.00 42.32 ? 187 HIS A CE1 1 
ATOM   1475 N NE2 . HIS A 1 187 ? -8.502  19.766  18.245  1.00 42.86 ? 187 HIS A NE2 1 
ATOM   1476 N N   . GLY A 1 188 ? -14.778 17.389  19.619  1.00 36.72 ? 188 GLY A N   1 
ATOM   1477 C CA  . GLY A 1 188 ? -16.081 16.826  19.328  1.00 34.18 ? 188 GLY A CA  1 
ATOM   1478 C C   . GLY A 1 188 ? -16.114 16.059  18.019  1.00 33.74 ? 188 GLY A C   1 
ATOM   1479 O O   . GLY A 1 188 ? -17.184 15.787  17.482  1.00 33.63 ? 188 GLY A O   1 
ATOM   1480 N N   . GLU A 1 189 ? -14.945 15.709  17.496  1.00 31.05 ? 189 GLU A N   1 
ATOM   1481 C CA  . GLU A 1 189 ? -14.875 14.967  16.241  1.00 29.57 ? 189 GLU A CA  1 
ATOM   1482 C C   . GLU A 1 189 ? -13.520 14.296  16.139  1.00 29.06 ? 189 GLU A C   1 
ATOM   1483 O O   . GLU A 1 189 ? -12.605 14.604  16.898  1.00 28.59 ? 189 GLU A O   1 
ATOM   1484 C CB  . GLU A 1 189 ? -15.068 15.906  15.041  1.00 27.73 ? 189 GLU A CB  1 
ATOM   1485 C CG  . GLU A 1 189 ? -13.938 16.923  14.864  1.00 28.24 ? 189 GLU A CG  1 
ATOM   1486 C CD  . GLU A 1 189 ? -14.146 17.864  13.684  1.00 28.70 ? 189 GLU A CD  1 
ATOM   1487 O OE1 . GLU A 1 189 ? -15.130 18.635  13.681  1.00 28.59 ? 189 GLU A OE1 1 
ATOM   1488 O OE2 . GLU A 1 189 ? -13.315 17.837  12.756  1.00 27.64 ? 189 GLU A OE2 1 
ATOM   1489 N N   . PHE A 1 190 ? -13.402 13.378  15.190  1.00 29.62 ? 190 PHE A N   1 
ATOM   1490 C CA  . PHE A 1 190 ? -12.157 12.656  14.968  1.00 29.32 ? 190 PHE A CA  1 
ATOM   1491 C C   . PHE A 1 190 ? -11.181 13.457  14.131  1.00 26.28 ? 190 PHE A C   1 
ATOM   1492 O O   . PHE A 1 190 ? -11.583 14.267  13.293  1.00 27.41 ? 190 PHE A O   1 
ATOM   1493 C CB  . PHE A 1 190 ? -12.438 11.320  14.287  1.00 30.94 ? 190 PHE A CB  1 
ATOM   1494 C CG  . PHE A 1 190 ? -12.859 10.246  15.236  1.00 33.12 ? 190 PHE A CG  1 
ATOM   1495 C CD1 . PHE A 1 190 ? -13.984 9.470   14.977  1.00 33.39 ? 190 PHE A CD1 1 
ATOM   1496 C CD2 . PHE A 1 190 ? -12.123 10.001  16.394  1.00 34.31 ? 190 PHE A CD2 1 
ATOM   1497 C CE1 . PHE A 1 190 ? -14.372 8.465   15.855  1.00 36.44 ? 190 PHE A CE1 1 
ATOM   1498 C CE2 . PHE A 1 190 ? -12.497 8.998   17.282  1.00 36.63 ? 190 PHE A CE2 1 
ATOM   1499 C CZ  . PHE A 1 190 ? -13.627 8.225   17.013  1.00 37.10 ? 190 PHE A CZ  1 
ATOM   1500 N N   . PRO A 1 191 ? -9.878  13.246  14.351  1.00 23.78 ? 191 PRO A N   1 
ATOM   1501 C CA  . PRO A 1 191 ? -8.856  13.973  13.592  1.00 22.55 ? 191 PRO A CA  1 
ATOM   1502 C C   . PRO A 1 191 ? -8.940  13.632  12.100  1.00 21.45 ? 191 PRO A C   1 
ATOM   1503 O O   . PRO A 1 191 ? -9.255  12.501  11.720  1.00 20.00 ? 191 PRO A O   1 
ATOM   1504 C CB  . PRO A 1 191 ? -7.557  13.509  14.237  1.00 20.35 ? 191 PRO A CB  1 
ATOM   1505 C CG  . PRO A 1 191 ? -7.874  12.111  14.636  1.00 23.33 ? 191 PRO A CG  1 
ATOM   1506 C CD  . PRO A 1 191 ? -9.265  12.233  15.225  1.00 22.94 ? 191 PRO A CD  1 
ATOM   1507 N N   . PRO A 1 192 ? -8.650  14.610  11.235  1.00 23.12 ? 192 PRO A N   1 
ATOM   1508 C CA  . PRO A 1 192 ? -8.708  14.396  9.785   1.00 23.51 ? 192 PRO A CA  1 
ATOM   1509 C C   . PRO A 1 192 ? -7.850  13.252  9.248   1.00 24.20 ? 192 PRO A C   1 
ATOM   1510 O O   . PRO A 1 192 ? -8.057  12.802  8.119   1.00 23.49 ? 192 PRO A O   1 
ATOM   1511 C CB  . PRO A 1 192 ? -8.307  15.755  9.221   1.00 24.09 ? 192 PRO A CB  1 
ATOM   1512 C CG  . PRO A 1 192 ? -7.419  16.328  10.294  1.00 24.67 ? 192 PRO A CG  1 
ATOM   1513 C CD  . PRO A 1 192 ? -8.143  15.959  11.554  1.00 22.99 ? 192 PRO A CD  1 
ATOM   1514 N N   . ILE A 1 193 ? -6.907  12.765  10.052  1.00 22.53 ? 193 ILE A N   1 
ATOM   1515 C CA  . ILE A 1 193 ? -6.035  11.678  9.609   1.00 23.41 ? 193 ILE A CA  1 
ATOM   1516 C C   . ILE A 1 193 ? -6.623  10.277  9.776   1.00 25.26 ? 193 ILE A C   1 
ATOM   1517 O O   . ILE A 1 193 ? -6.002  9.291   9.375   1.00 24.56 ? 193 ILE A O   1 
ATOM   1518 C CB  . ILE A 1 193 ? -4.687  11.707  10.343  1.00 22.54 ? 193 ILE A CB  1 
ATOM   1519 C CG1 . ILE A 1 193 ? -4.911  11.449  11.839  1.00 19.05 ? 193 ILE A CG1 1 
ATOM   1520 C CG2 . ILE A 1 193 ? -4.002  13.049  10.109  1.00 20.95 ? 193 ILE A CG2 1 
ATOM   1521 C CD1 . ILE A 1 193 ? -3.651  11.196  12.602  1.00 21.52 ? 193 ILE A CD1 1 
ATOM   1522 N N   . VAL A 1 194 ? -7.802  10.182  10.385  1.00 26.95 ? 194 VAL A N   1 
ATOM   1523 C CA  . VAL A 1 194 ? -8.441  8.883   10.570  1.00 30.42 ? 194 VAL A CA  1 
ATOM   1524 C C   . VAL A 1 194 ? -9.177  8.515   9.289   1.00 30.00 ? 194 VAL A C   1 
ATOM   1525 O O   . VAL A 1 194 ? -9.878  9.343   8.706   1.00 30.03 ? 194 VAL A O   1 
ATOM   1526 C CB  . VAL A 1 194 ? -9.456  8.892   11.734  1.00 32.20 ? 194 VAL A CB  1 
ATOM   1527 C CG1 . VAL A 1 194 ? -8.752  9.202   13.034  1.00 33.62 ? 194 VAL A CG1 1 
ATOM   1528 C CG2 . VAL A 1 194 ? -10.550 9.907   11.462  1.00 34.51 ? 194 VAL A CG2 1 
ATOM   1529 N N   . ARG A 1 195 ? -9.013  7.272   8.854   1.00 29.93 ? 195 ARG A N   1 
ATOM   1530 C CA  . ARG A 1 195 ? -9.647  6.802   7.629   1.00 28.72 ? 195 ARG A CA  1 
ATOM   1531 C C   . ARG A 1 195 ? -11.166 6.795   7.704   1.00 29.61 ? 195 ARG A C   1 
ATOM   1532 O O   . ARG A 1 195 ? -11.757 6.435   8.728   1.00 29.65 ? 195 ARG A O   1 
ATOM   1533 C CB  . ARG A 1 195 ? -9.111  5.413   7.274   1.00 26.98 ? 195 ARG A CB  1 
ATOM   1534 C CG  . ARG A 1 195 ? -7.616  5.459   6.943   1.00 26.23 ? 195 ARG A CG  1 
ATOM   1535 C CD  . ARG A 1 195 ? -6.941  4.100   6.941   1.00 20.95 ? 195 ARG A CD  1 
ATOM   1536 N NE  . ARG A 1 195 ? -5.499  4.253   6.776   1.00 19.42 ? 195 ARG A NE  1 
ATOM   1537 C CZ  . ARG A 1 195 ? -4.674  3.264   6.446   1.00 19.15 ? 195 ARG A CZ  1 
ATOM   1538 N NH1 . ARG A 1 195 ? -5.142  2.030   6.239   1.00 15.45 ? 195 ARG A NH1 1 
ATOM   1539 N NH2 . ARG A 1 195 ? -3.377  3.511   6.319   1.00 15.51 ? 195 ARG A NH2 1 
ATOM   1540 N N   . LYS A 1 196 ? -11.781 7.204   6.597   1.00 28.83 ? 196 LYS A N   1 
ATOM   1541 C CA  . LYS A 1 196 ? -13.228 7.280   6.465   1.00 29.01 ? 196 LYS A CA  1 
ATOM   1542 C C   . LYS A 1 196 ? -13.905 5.964   6.806   1.00 29.31 ? 196 LYS A C   1 
ATOM   1543 O O   . LYS A 1 196 ? -14.885 5.937   7.548   1.00 26.23 ? 196 LYS A O   1 
ATOM   1544 C CB  . LYS A 1 196 ? -13.592 7.690   5.037   1.00 28.30 ? 196 LYS A CB  1 
ATOM   1545 N N   . GLY A 1 197 ? -13.378 4.879   6.249   1.00 32.89 ? 197 GLY A N   1 
ATOM   1546 C CA  . GLY A 1 197 ? -13.936 3.566   6.504   1.00 36.10 ? 197 GLY A CA  1 
ATOM   1547 C C   . GLY A 1 197 ? -13.501 3.017   7.845   1.00 39.73 ? 197 GLY A C   1 
ATOM   1548 O O   . GLY A 1 197 ? -12.633 2.158   7.923   1.00 43.07 ? 197 GLY A O   1 
ATOM   1549 N N   . TRP A 1 198 ? -14.106 3.524   8.908   1.00 42.54 ? 198 TRP A N   1 
ATOM   1550 C CA  . TRP A 1 198 ? -13.805 3.094   10.268  1.00 45.49 ? 198 TRP A CA  1 
ATOM   1551 C C   . TRP A 1 198 ? -14.405 4.127   11.190  1.00 46.67 ? 198 TRP A C   1 
ATOM   1552 O O   . TRP A 1 198 ? -14.938 3.804   12.252  1.00 47.52 ? 198 TRP A O   1 
ATOM   1553 C CB  . TRP A 1 198 ? -12.292 2.999   10.515  1.00 46.32 ? 198 TRP A CB  1 
ATOM   1554 C CG  . TRP A 1 198 ? -11.934 2.845   11.986  1.00 47.26 ? 198 TRP A CG  1 
ATOM   1555 C CD1 . TRP A 1 198 ? -11.536 3.835   12.843  1.00 46.20 ? 198 TRP A CD1 1 
ATOM   1556 C CD2 . TRP A 1 198 ? -11.998 1.640   12.768  1.00 47.58 ? 198 TRP A CD2 1 
ATOM   1557 N NE1 . TRP A 1 198 ? -11.352 3.325   14.103  1.00 47.32 ? 198 TRP A NE1 1 
ATOM   1558 C CE2 . TRP A 1 198 ? -11.625 1.985   14.089  1.00 47.82 ? 198 TRP A CE2 1 
ATOM   1559 C CE3 . TRP A 1 198 ? -12.335 0.309   12.482  1.00 49.30 ? 198 TRP A CE3 1 
ATOM   1560 C CZ2 . TRP A 1 198 ? -11.581 1.037   15.126  1.00 49.11 ? 198 TRP A CZ2 1 
ATOM   1561 C CZ3 . TRP A 1 198 ? -12.292 -0.632  13.515  1.00 50.73 ? 198 TRP A CZ3 1 
ATOM   1562 C CH2 . TRP A 1 198 ? -11.915 -0.259  14.822  1.00 50.52 ? 198 TRP A CH2 1 
ATOM   1563 N N   . LYS A 1 199 ? -14.310 5.382   10.775  1.00 48.76 ? 199 LYS A N   1 
ATOM   1564 C CA  . LYS A 1 199 ? -14.869 6.468   11.554  1.00 52.47 ? 199 LYS A CA  1 
ATOM   1565 C C   . LYS A 1 199 ? -16.372 6.225   11.612  1.00 54.69 ? 199 LYS A C   1 
ATOM   1566 O O   . LYS A 1 199 ? -17.040 6.641   12.557  1.00 55.33 ? 199 LYS A O   1 
ATOM   1567 C CB  . LYS A 1 199 ? -14.549 7.805   10.879  1.00 51.73 ? 199 LYS A CB  1 
ATOM   1568 C CG  . LYS A 1 199 ? -15.003 9.024   11.651  1.00 53.45 ? 199 LYS A CG  1 
ATOM   1569 C CD  . LYS A 1 199 ? -14.050 10.186  11.435  1.00 53.80 ? 199 LYS A CD  1 
ATOM   1570 C CE  . LYS A 1 199 ? -13.875 10.500  9.958   1.00 55.43 ? 199 LYS A CE  1 
ATOM   1571 N NZ  . LYS A 1 199 ? -12.839 11.548  9.712   1.00 55.58 ? 199 LYS A NZ  1 
ATOM   1572 N N   . THR A 1 200 ? -16.882 5.523   10.598  1.00 57.70 ? 200 THR A N   1 
ATOM   1573 C CA  . THR A 1 200 ? -18.303 5.189   10.485  1.00 60.52 ? 200 THR A CA  1 
ATOM   1574 C C   . THR A 1 200 ? -18.502 3.683   10.599  1.00 63.29 ? 200 THR A C   1 
ATOM   1575 O O   . THR A 1 200 ? -19.630 3.201   10.702  1.00 62.14 ? 200 THR A O   1 
ATOM   1576 C CB  . THR A 1 200 ? -18.882 5.635   9.123   1.00 60.53 ? 200 THR A CB  1 
ATOM   1577 O OG1 . THR A 1 200 ? -18.372 4.792   8.082   1.00 57.15 ? 200 THR A OG1 1 
ATOM   1578 C CG2 . THR A 1 200 ? -18.488 7.079   8.825   1.00 61.29 ? 200 THR A CG2 1 
ATOM   1579 N N   . THR A 1 201 ? -17.392 2.952   10.575  1.00 67.52 ? 201 THR A N   1 
ATOM   1580 C CA  . THR A 1 201 ? -17.405 1.496   10.656  1.00 71.55 ? 201 THR A CA  1 
ATOM   1581 C C   . THR A 1 201 ? -17.012 1.008   12.050  1.00 73.99 ? 201 THR A C   1 
ATOM   1582 O O   . THR A 1 201 ? -15.833 1.001   12.402  1.00 74.59 ? 201 THR A O   1 
ATOM   1583 C CB  . THR A 1 201 ? -16.424 0.890   9.631   1.00 72.24 ? 201 THR A CB  1 
ATOM   1584 O OG1 . THR A 1 201 ? -16.727 1.391   8.323   1.00 73.77 ? 201 THR A OG1 1 
ATOM   1585 C CG2 . THR A 1 201 ? -16.526 -0.624  9.627   1.00 72.59 ? 201 THR A CG2 1 
ATOM   1586 N N   . GLN A 1 202 ? -18.010 0.597   12.828  1.00 76.74 ? 202 GLN A N   1 
ATOM   1587 C CA  . GLN A 1 202 ? -17.805 0.094   14.186  1.00 79.53 ? 202 GLN A CA  1 
ATOM   1588 C C   . GLN A 1 202 ? -16.740 0.832   14.982  1.00 80.89 ? 202 GLN A C   1 
ATOM   1589 O O   . GLN A 1 202 ? -15.919 0.214   15.663  1.00 80.51 ? 202 GLN A O   1 
ATOM   1590 C CB  . GLN A 1 202 ? -17.462 -1.399  14.163  1.00 80.90 ? 202 GLN A CB  1 
ATOM   1591 C CG  . GLN A 1 202 ? -18.627 -2.308  13.813  1.00 82.99 ? 202 GLN A CG  1 
ATOM   1592 C CD  . GLN A 1 202 ? -18.258 -3.775  13.875  1.00 84.19 ? 202 GLN A CD  1 
ATOM   1593 O OE1 . GLN A 1 202 ? -17.918 -4.299  14.937  1.00 85.60 ? 202 GLN A OE1 1 
ATOM   1594 N NE2 . GLN A 1 202 ? -18.315 -4.447  12.729  1.00 85.03 ? 202 GLN A NE2 1 
ATOM   1595 N N   . ASP A 1 203 ? -16.746 2.154   14.896  1.00 82.35 ? 203 ASP A N   1 
ATOM   1596 C CA  . ASP A 1 203 ? -15.780 2.938   15.642  1.00 84.53 ? 203 ASP A CA  1 
ATOM   1597 C C   . ASP A 1 203 ? -16.241 2.917   17.097  1.00 85.42 ? 203 ASP A C   1 
ATOM   1598 O O   . ASP A 1 203 ? -16.912 3.840   17.560  1.00 85.98 ? 203 ASP A O   1 
ATOM   1599 C CB  . ASP A 1 203 ? -15.744 4.365   15.112  1.00 85.31 ? 203 ASP A CB  1 
ATOM   1600 C CG  . ASP A 1 203 ? -14.719 5.210   15.817  1.00 86.71 ? 203 ASP A CG  1 
ATOM   1601 O OD1 . ASP A 1 203 ? -14.894 5.460   17.029  1.00 87.12 ? 203 ASP A OD1 1 
ATOM   1602 O OD2 . ASP A 1 203 ? -13.735 5.616   15.162  1.00 88.26 ? 203 ASP A OD2 1 
ATOM   1603 N N   . MET A 1 204 ? -15.875 1.855   17.810  1.00 86.00 ? 204 MET A N   1 
ATOM   1604 C CA  . MET A 1 204 ? -16.276 1.674   19.203  1.00 86.36 ? 204 MET A CA  1 
ATOM   1605 C C   . MET A 1 204 ? -15.526 2.533   20.219  1.00 86.38 ? 204 MET A C   1 
ATOM   1606 O O   . MET A 1 204 ? -15.071 2.030   21.248  1.00 86.34 ? 204 MET A O   1 
ATOM   1607 C CB  . MET A 1 204 ? -16.149 0.197   19.585  1.00 86.96 ? 204 MET A CB  1 
ATOM   1608 C CG  . MET A 1 204 ? -16.803 -0.758  18.590  1.00 88.56 ? 204 MET A CG  1 
ATOM   1609 S SD  . MET A 1 204 ? -18.587 -0.503  18.379  1.00 90.02 ? 204 MET A SD  1 
ATOM   1610 C CE  . MET A 1 204 ? -19.220 -2.127  18.848  1.00 89.06 ? 204 MET A CE  1 
ATOM   1611 N N   . ILE A 1 205 ? -15.404 3.825   19.931  1.00 86.54 ? 205 ILE A N   1 
ATOM   1612 C CA  . ILE A 1 205 ? -14.733 4.750   20.840  1.00 86.59 ? 205 ILE A CA  1 
ATOM   1613 C C   . ILE A 1 205 ? -15.750 5.747   21.391  1.00 87.50 ? 205 ILE A C   1 
ATOM   1614 O O   . ILE A 1 205 ? -16.064 5.728   22.584  1.00 87.74 ? 205 ILE A O   1 
ATOM   1615 C CB  . ILE A 1 205 ? -13.594 5.523   20.133  1.00 85.81 ? 205 ILE A CB  1 
ATOM   1616 C CG1 . ILE A 1 205 ? -12.453 4.562   19.781  1.00 85.28 ? 205 ILE A CG1 1 
ATOM   1617 C CG2 . ILE A 1 205 ? -13.082 6.642   21.032  1.00 85.33 ? 205 ILE A CG2 1 
ATOM   1618 C CD1 . ILE A 1 205 ? -11.247 5.234   19.150  1.00 84.41 ? 205 ILE A CD1 1 
ATOM   1619 N N   . ASN A 1 206 ? -16.268 6.610   20.518  1.00 88.33 ? 206 ASN A N   1 
ATOM   1620 C CA  . ASN A 1 206 ? -17.258 7.608   20.920  1.00 89.28 ? 206 ASN A CA  1 
ATOM   1621 C C   . ASN A 1 206 ? -18.648 6.986   20.891  1.00 88.99 ? 206 ASN A C   1 
ATOM   1622 O O   . ASN A 1 206 ? -19.601 7.532   21.453  1.00 88.08 ? 206 ASN A O   1 
ATOM   1623 C CB  . ASN A 1 206 ? -17.223 8.811   19.976  1.00 90.54 ? 206 ASN A CB  1 
ATOM   1624 C CG  . ASN A 1 206 ? -15.808 9.260   19.653  1.00 92.28 ? 206 ASN A CG  1 
ATOM   1625 O OD1 . ASN A 1 206 ? -14.891 9.103   20.464  1.00 92.48 ? 206 ASN A OD1 1 
ATOM   1626 N ND2 . ASN A 1 206 ? -15.626 9.835   18.467  1.00 92.90 ? 206 ASN A ND2 1 
ATOM   1627 N N   . LYS A 1 207 ? -18.745 5.840   20.224  1.00 89.49 ? 207 LYS A N   1 
ATOM   1628 C CA  . LYS A 1 207 ? -19.998 5.107   20.103  1.00 89.86 ? 207 LYS A CA  1 
ATOM   1629 C C   . LYS A 1 207 ? -20.148 4.136   21.273  1.00 90.51 ? 207 LYS A C   1 
ATOM   1630 O O   . LYS A 1 207 ? -21.159 4.150   21.977  1.00 91.27 ? 207 LYS A O   1 
ATOM   1631 C CB  . LYS A 1 207 ? -20.031 4.328   18.783  1.00 88.63 ? 207 LYS A CB  1 
ATOM   1632 C CG  . LYS A 1 207 ? -19.811 5.183   17.542  1.00 87.55 ? 207 LYS A CG  1 
ATOM   1633 C CD  . LYS A 1 207 ? -19.816 4.334   16.281  1.00 86.78 ? 207 LYS A CD  1 
ATOM   1634 C CE  . LYS A 1 207 ? -19.523 5.175   15.048  1.00 86.59 ? 207 LYS A CE  1 
ATOM   1635 N NZ  . LYS A 1 207 ? -19.518 4.350   13.805  1.00 85.30 ? 207 LYS A NZ  1 
ATOM   1636 N N   . SER A 1 208 ? -19.133 3.300   21.480  1.00 90.87 ? 208 SER A N   1 
ATOM   1637 C CA  . SER A 1 208 ? -19.154 2.315   22.558  1.00 91.16 ? 208 SER A CA  1 
ATOM   1638 C C   . SER A 1 208 ? -20.405 1.438   22.450  1.00 91.76 ? 208 SER A C   1 
ATOM   1639 O O   . SER A 1 208 ? -21.039 1.108   23.454  1.00 92.10 ? 208 SER A O   1 
ATOM   1640 C CB  . SER A 1 208 ? -19.122 3.019   23.919  1.00 90.16 ? 208 SER A CB  1 
ATOM   1641 O OG  . SER A 1 208 ? -17.941 3.789   24.077  1.00 88.31 ? 208 SER A OG  1 
ATOM   1642 N N   . THR A 1 209 ? -20.754 1.075   21.217  1.00 92.25 ? 209 THR A N   1 
ATOM   1643 C CA  . THR A 1 209 ? -21.923 0.241   20.941  1.00 92.74 ? 209 THR A CA  1 
ATOM   1644 C C   . THR A 1 209 ? -21.806 -1.122  21.621  1.00 93.23 ? 209 THR A C   1 
ATOM   1645 O O   . THR A 1 209 ? -22.796 -1.548  22.256  1.00 93.29 ? 209 THR A O   1 
ATOM   1646 C CB  . THR A 1 209 ? -22.107 0.019   19.421  1.00 92.65 ? 209 THR A CB  1 
ATOM   1647 O OG1 . THR A 1 209 ? -22.124 1.286   18.750  1.00 92.47 ? 209 THR A OG1 1 
ATOM   1648 C CG2 . THR A 1 209 ? -23.414 -0.714  19.146  1.00 92.14 ? 209 THR A CG2 1 
ATOM   1649 O OXT . THR A 1 209 ? -20.730 -1.750  21.498  1.00 93.74 ? 209 THR A OXT 1 
HETATM 1650 O O   . HOH B 2 .   ? 3.201   -8.259  0.167   1.00 2.04  ? 210 HOH A O   1 
HETATM 1651 O O   . HOH B 2 .   ? 15.383  -11.002 -3.842  1.00 11.91 ? 211 HOH A O   1 
HETATM 1652 O O   . HOH B 2 .   ? 4.253   -3.581  1.471   1.00 14.01 ? 212 HOH A O   1 
HETATM 1653 O O   . HOH B 2 .   ? 0.700   -8.761  1.718   1.00 6.46  ? 213 HOH A O   1 
HETATM 1654 O O   . HOH B 2 .   ? 1.351   -6.170  1.144   1.00 28.11 ? 214 HOH A O   1 
HETATM 1655 O O   . HOH B 2 .   ? 10.051  -10.724 -9.914  1.00 13.95 ? 215 HOH A O   1 
HETATM 1656 O O   . HOH B 2 .   ? -5.591  5.528   -13.751 1.00 9.07  ? 216 HOH A O   1 
HETATM 1657 O O   . HOH B 2 .   ? 5.020   6.486   -14.962 1.00 20.71 ? 217 HOH A O   1 
HETATM 1658 O O   . HOH B 2 .   ? -5.340  4.610   -19.179 1.00 34.87 ? 218 HOH A O   1 
HETATM 1659 O O   . HOH B 2 .   ? 13.887  -2.233  -17.029 1.00 11.17 ? 219 HOH A O   1 
HETATM 1660 O O   . HOH B 2 .   ? 5.425   2.073   18.287  1.00 11.25 ? 220 HOH A O   1 
HETATM 1661 O O   . HOH B 2 .   ? -9.025  2.364   -13.366 1.00 3.84  ? 221 HOH A O   1 
HETATM 1662 O O   . HOH B 2 .   ? -4.923  -6.715  -2.855  1.00 10.13 ? 222 HOH A O   1 
HETATM 1663 O O   . HOH B 2 .   ? 11.318  -3.009  3.233   1.00 19.79 ? 223 HOH A O   1 
HETATM 1664 O O   . HOH B 2 .   ? 7.874   -13.738 -18.437 1.00 17.91 ? 224 HOH A O   1 
HETATM 1665 O O   . HOH B 2 .   ? 7.227   6.183   10.507  1.00 12.33 ? 225 HOH A O   1 
HETATM 1666 O O   . HOH B 2 .   ? 0.171   4.498   11.597  1.00 6.55  ? 226 HOH A O   1 
HETATM 1667 O O   . HOH B 2 .   ? 19.757  4.230   -9.120  1.00 11.76 ? 227 HOH A O   1 
HETATM 1668 O O   . HOH B 2 .   ? 3.631   10.877  24.383  1.00 16.29 ? 228 HOH A O   1 
HETATM 1669 O O   . HOH B 2 .   ? 2.750   13.364  1.750   1.00 35.87 ? 229 HOH A O   1 
HETATM 1670 O O   . HOH B 2 .   ? -0.420  10.061  -5.342  1.00 23.25 ? 230 HOH A O   1 
HETATM 1671 O O   . HOH B 2 .   ? -2.034  -3.532  22.320  1.00 15.65 ? 231 HOH A O   1 
HETATM 1672 O O   . HOH B 2 .   ? 11.000  -12.497 3.491   1.00 20.18 ? 232 HOH A O   1 
HETATM 1673 O O   . HOH B 2 .   ? -12.161 -0.473  7.426   1.00 19.49 ? 233 HOH A O   1 
HETATM 1674 O O   . HOH B 2 .   ? 12.055  8.978   -10.119 1.00 12.09 ? 234 HOH A O   1 
HETATM 1675 O O   . HOH B 2 .   ? -7.089  -11.025 -26.296 1.00 15.23 ? 235 HOH A O   1 
HETATM 1676 O O   . HOH B 2 .   ? 5.683   10.300  1.763   1.00 24.95 ? 236 HOH A O   1 
HETATM 1677 O O   . HOH B 2 .   ? 12.219  -10.900 -22.110 1.00 28.54 ? 237 HOH A O   1 
HETATM 1678 O O   . HOH B 2 .   ? -14.467 11.372  3.267   1.00 15.79 ? 238 HOH A O   1 
HETATM 1679 O O   . HOH B 2 .   ? 11.347  6.678   4.414   1.00 25.00 ? 239 HOH A O   1 
HETATM 1680 O O   . HOH B 2 .   ? 13.202  5.368   -12.355 1.00 22.98 ? 240 HOH A O   1 
HETATM 1681 O O   . HOH B 2 .   ? 4.316   7.989   -9.381  1.00 28.03 ? 241 HOH A O   1 
HETATM 1682 O O   . HOH B 2 .   ? -7.114  -18.518 -5.986  1.00 18.42 ? 242 HOH A O   1 
HETATM 1683 O O   . HOH B 2 .   ? -11.877 3.715   16.594  1.00 23.64 ? 243 HOH A O   1 
HETATM 1684 O O   . HOH B 2 .   ? 7.604   8.394   -2.578  1.00 13.21 ? 244 HOH A O   1 
HETATM 1685 O O   . HOH B 2 .   ? 1.254   -16.585 -0.249  1.00 23.00 ? 245 HOH A O   1 
HETATM 1686 O O   . HOH B 2 .   ? -9.997  16.082  2.437   1.00 28.10 ? 246 HOH A O   1 
HETATM 1687 O O   . HOH B 2 .   ? -2.341  -17.015 -8.552  1.00 13.13 ? 247 HOH A O   1 
HETATM 1688 O O   . HOH B 2 .   ? 14.667  -10.802 -10.044 1.00 27.21 ? 248 HOH A O   1 
HETATM 1689 O O   . HOH B 2 .   ? -7.772  12.574  3.979   1.00 33.30 ? 249 HOH A O   1 
HETATM 1690 O O   . HOH B 2 .   ? 12.149  4.418   -18.715 1.00 11.55 ? 250 HOH A O   1 
HETATM 1691 O O   . HOH B 2 .   ? -13.492 13.928  11.093  1.00 31.48 ? 251 HOH A O   1 
HETATM 1692 O O   . HOH B 2 .   ? 4.059   7.356   18.754  1.00 38.73 ? 252 HOH A O   1 
HETATM 1693 O O   . HOH B 2 .   ? 11.209  2.479   5.269   1.00 25.18 ? 253 HOH A O   1 
HETATM 1694 O O   . HOH B 2 .   ? 12.375  -8.959  4.113   1.00 37.92 ? 254 HOH A O   1 
HETATM 1695 O O   . HOH B 2 .   ? -1.741  -11.022 0.898   1.00 30.60 ? 255 HOH A O   1 
HETATM 1696 O O   . HOH B 2 .   ? -9.838  4.808   -7.631  1.00 42.85 ? 256 HOH A O   1 
HETATM 1697 O O   . HOH B 2 .   ? -4.505  9.909   -4.581  1.00 18.39 ? 257 HOH A O   1 
HETATM 1698 O O   . HOH B 2 .   ? -4.319  8.023   -6.969  1.00 33.41 ? 258 HOH A O   1 
HETATM 1699 O O   . HOH B 2 .   ? 2.497   0.985   12.220  1.00 22.57 ? 259 HOH A O   1 
HETATM 1700 O O   . HOH B 2 .   ? -18.549 14.867  15.888  1.00 29.75 ? 260 HOH A O   1 
HETATM 1701 O O   . HOH B 2 .   ? -15.990 -0.431  4.728   1.00 40.77 ? 261 HOH A O   1 
HETATM 1702 O O   . HOH B 2 .   ? 1.464   -15.352 7.466   1.00 21.54 ? 262 HOH A O   1 
HETATM 1703 O O   . HOH B 2 .   ? -12.285 1.020   4.532   1.00 38.65 ? 263 HOH A O   1 
HETATM 1704 O O   . HOH B 2 .   ? -16.914 -7.670  -2.688  1.00 41.87 ? 264 HOH A O   1 
HETATM 1705 O O   . HOH B 2 .   ? 14.370  -1.319  -20.943 1.00 17.09 ? 265 HOH A O   1 
HETATM 1706 O O   . HOH B 2 .   ? -0.218  -2.568  7.215   1.00 32.33 ? 266 HOH A O   1 
HETATM 1707 O O   . HOH B 2 .   ? -17.838 8.764   6.395   1.00 33.46 ? 267 HOH A O   1 
HETATM 1708 O O   . HOH B 2 .   ? -3.363  -15.013 -9.566  1.00 18.10 ? 268 HOH A O   1 
HETATM 1709 O O   . HOH B 2 .   ? 14.827  8.439   -1.670  1.00 21.47 ? 269 HOH A O   1 
HETATM 1710 O O   . HOH B 2 .   ? -11.612 -2.229  -18.228 1.00 21.64 ? 270 HOH A O   1 
HETATM 1711 O O   . HOH B 2 .   ? 4.393   1.787   6.379   1.00 33.97 ? 271 HOH A O   1 
HETATM 1712 O O   . HOH B 2 .   ? 2.237   5.224   13.552  1.00 29.72 ? 272 HOH A O   1 
HETATM 1713 O O   . HOH B 2 .   ? 22.179  4.241   -4.308  1.00 31.90 ? 273 HOH A O   1 
HETATM 1714 O O   . HOH B 2 .   ? 20.652  -4.227  -2.459  1.00 27.02 ? 274 HOH A O   1 
HETATM 1715 O O   . HOH B 2 .   ? -6.554  4.057   25.616  1.00 33.46 ? 275 HOH A O   1 
HETATM 1716 O O   . HOH B 2 .   ? 17.675  6.807   -7.526  1.00 36.12 ? 276 HOH A O   1 
HETATM 1717 O O   . HOH B 2 .   ? -9.929  2.089   -11.122 1.00 16.83 ? 277 HOH A O   1 
HETATM 1718 O O   . HOH B 2 .   ? 10.235  -6.940  -23.727 1.00 47.90 ? 278 HOH A O   1 
HETATM 1719 O O   . HOH B 2 .   ? 5.673   15.975  17.575  1.00 30.38 ? 279 HOH A O   1 
HETATM 1720 O O   . HOH B 2 .   ? 3.355   10.271  -2.193  1.00 41.65 ? 280 HOH A O   1 
HETATM 1721 O O   . HOH B 2 .   ? -13.428 -5.565  -11.801 1.00 46.66 ? 281 HOH A O   1 
HETATM 1722 O O   . HOH B 2 .   ? -8.474  5.081   -13.566 1.00 15.96 ? 282 HOH A O   1 
HETATM 1723 O O   . HOH B 2 .   ? -5.169  -12.848 -15.809 1.00 19.78 ? 283 HOH A O   1 
HETATM 1724 O O   . HOH B 2 .   ? 11.959  -12.602 -10.822 1.00 12.32 ? 284 HOH A O   1 
HETATM 1725 O O   . HOH B 2 .   ? -14.513 -10.147 -0.521  1.00 31.92 ? 285 HOH A O   1 
HETATM 1726 O O   . HOH B 2 .   ? -16.185 1.951   5.470   1.00 74.19 ? 286 HOH A O   1 
HETATM 1727 O O   . HOH B 2 .   ? -10.286 4.418   -10.040 1.00 34.74 ? 287 HOH A O   1 
HETATM 1728 O O   . HOH B 2 .   ? 9.538   -8.834  1.458   1.00 29.68 ? 288 HOH A O   1 
HETATM 1729 O O   . HOH B 2 .   ? 2.532   7.585   -15.205 1.00 26.90 ? 289 HOH A O   1 
HETATM 1730 O O   . HOH B 2 .   ? -3.347  16.427  9.041   1.00 34.57 ? 290 HOH A O   1 
HETATM 1731 O O   . HOH B 2 .   ? 0.707   -2.780  4.560   1.00 28.62 ? 291 HOH A O   1 
HETATM 1732 O O   . HOH B 2 .   ? -6.308  -18.683 -3.545  1.00 27.47 ? 292 HOH A O   1 
HETATM 1733 O O   . HOH B 2 .   ? 14.018  7.466   -11.105 1.00 34.69 ? 293 HOH A O   1 
HETATM 1734 O O   . HOH B 2 .   ? -12.872 0.652   20.652  1.00 38.43 ? 294 HOH A O   1 
HETATM 1735 O O   . HOH B 2 .   ? -10.648 2.575   6.546   1.00 26.25 ? 295 HOH A O   1 
HETATM 1736 O O   . HOH B 2 .   ? -14.722 0.406   6.854   1.00 63.18 ? 296 HOH A O   1 
HETATM 1737 O O   . HOH B 2 .   ? -12.900 -13.299 0.401   1.00 60.58 ? 297 HOH A O   1 
HETATM 1738 O O   . HOH B 2 .   ? 11.239  5.957   -14.717 1.00 35.10 ? 298 HOH A O   1 
HETATM 1739 O O   . HOH B 2 .   ? 0.150   15.083  10.571  1.00 74.35 ? 299 HOH A O   1 
HETATM 1740 O O   . HOH B 2 .   ? 19.298  7.262   0.347   1.00 29.28 ? 300 HOH A O   1 
HETATM 1741 O O   . HOH B 2 .   ? -11.441 10.494  6.773   1.00 31.20 ? 301 HOH A O   1 
HETATM 1742 O O   . HOH B 2 .   ? 23.119  -10.214 -3.935  1.00 30.63 ? 302 HOH A O   1 
HETATM 1743 O O   . HOH B 2 .   ? 16.012  -4.002  -20.298 1.00 31.81 ? 303 HOH A O   1 
HETATM 1744 O O   . HOH B 2 .   ? -11.109 0.849   -14.744 1.00 31.88 ? 304 HOH A O   1 
HETATM 1745 O O   . HOH B 2 .   ? 21.476  2.320   9.165   1.00 26.43 ? 305 HOH A O   1 
HETATM 1746 O O   . HOH B 2 .   ? 10.673  15.978  13.869  1.00 25.70 ? 306 HOH A O   1 
HETATM 1747 O O   . HOH B 2 .   ? 6.759   8.840   -14.774 1.00 26.06 ? 307 HOH A O   1 
HETATM 1748 O O   . HOH B 2 .   ? -11.124 0.319   -20.489 1.00 34.78 ? 308 HOH A O   1 
HETATM 1749 O O   . HOH B 2 .   ? 20.911  0.489   -9.734  1.00 29.27 ? 309 HOH A O   1 
HETATM 1750 O O   . HOH B 2 .   ? -1.187  8.550   22.566  1.00 24.89 ? 310 HOH A O   1 
HETATM 1751 O O   . HOH B 2 .   ? 2.225   13.164  6.242   1.00 31.36 ? 311 HOH A O   1 
HETATM 1752 O O   . HOH B 2 .   ? -15.621 20.377  16.035  1.00 42.19 ? 312 HOH A O   1 
HETATM 1753 O O   . HOH B 2 .   ? 7.257   10.207  -0.386  1.00 44.51 ? 313 HOH A O   1 
HETATM 1754 O O   . HOH B 2 .   ? -11.266 24.263  24.613  1.00 30.04 ? 314 HOH A O   1 
HETATM 1755 O O   . HOH B 2 .   ? 15.363  -13.532 -10.061 1.00 26.57 ? 315 HOH A O   1 
HETATM 1756 O O   . HOH B 2 .   ? -8.586  -8.397  -21.886 1.00 37.38 ? 316 HOH A O   1 
HETATM 1757 O O   . HOH B 2 .   ? -19.606 -1.887  11.091  1.00 50.06 ? 317 HOH A O   1 
HETATM 1758 O O   . HOH B 2 .   ? 12.178  0.021   9.466   1.00 29.18 ? 318 HOH A O   1 
HETATM 1759 O O   . HOH B 2 .   ? 0.040   0.504   11.947  1.00 83.70 ? 319 HOH A O   1 
# 
loop_
_pdbx_poly_seq_scheme.asym_id 
_pdbx_poly_seq_scheme.entity_id 
_pdbx_poly_seq_scheme.seq_id 
_pdbx_poly_seq_scheme.mon_id 
_pdbx_poly_seq_scheme.ndb_seq_num 
_pdbx_poly_seq_scheme.pdb_seq_num 
_pdbx_poly_seq_scheme.auth_seq_num 
_pdbx_poly_seq_scheme.pdb_mon_id 
_pdbx_poly_seq_scheme.auth_mon_id 
_pdbx_poly_seq_scheme.pdb_strand_id 
_pdbx_poly_seq_scheme.pdb_ins_code 
_pdbx_poly_seq_scheme.hetero 
A 1 1   MET 1   1   1   MET MET A . n 
A 1 2   LYS 2   2   2   LYS LYS A . n 
A 1 3   ILE 3   3   3   ILE ILE A . n 
A 1 4   ALA 4   4   4   ALA ALA A . n 
A 1 5   GLY 5   5   5   GLY GLY A . n 
A 1 6   ILE 6   6   6   ILE ILE A . n 
A 1 7   ASP 7   7   7   ASP ASP A . n 
A 1 8   GLU 8   8   8   GLU GLU A . n 
A 1 9   ALA 9   9   9   ALA ALA A . n 
A 1 10  GLY 10  10  10  GLY GLY A . n 
A 1 11  ARG 11  11  11  ARG ARG A . n 
A 1 12  GLY 12  12  12  GLY GLY A . n 
A 1 13  PRO 13  13  13  PRO PRO A . n 
A 1 14  VAL 14  14  14  VAL VAL A . n 
A 1 15  ILE 15  15  15  ILE ILE A . n 
A 1 16  GLY 16  16  16  GLY GLY A . n 
A 1 17  PRO 17  17  17  PRO PRO A . n 
A 1 18  MET 18  18  18  MET MET A . n 
A 1 19  VAL 19  19  19  VAL VAL A . n 
A 1 20  ILE 20  20  20  ILE ILE A . n 
A 1 21  ALA 21  21  21  ALA ALA A . n 
A 1 22  ALA 22  22  22  ALA ALA A . n 
A 1 23  VAL 23  23  23  VAL VAL A . n 
A 1 24  VAL 24  24  24  VAL VAL A . n 
A 1 25  VAL 25  25  25  VAL VAL A . n 
A 1 26  ASP 26  26  26  ASP ASP A . n 
A 1 27  GLU 27  27  27  GLU GLU A . n 
A 1 28  ASN 28  28  28  ASN ASN A . n 
A 1 29  SER 29  29  29  SER SER A . n 
A 1 30  LEU 30  30  30  LEU LEU A . n 
A 1 31  PRO 31  31  31  PRO PRO A . n 
A 1 32  LYS 32  32  32  LYS LYS A . n 
A 1 33  LEU 33  33  33  LEU LEU A . n 
A 1 34  GLU 34  34  34  GLU GLU A . n 
A 1 35  GLU 35  35  35  GLU GLU A . n 
A 1 36  LEU 36  36  36  LEU LEU A . n 
A 1 37  LYS 37  37  37  LYS LYS A . n 
A 1 38  VAL 38  38  38  VAL VAL A . n 
A 1 39  ARG 39  39  39  ARG ARG A . n 
A 1 40  ASP 40  40  40  ASP ASP A . n 
A 1 41  SER 41  41  41  SER SER A . n 
A 1 42  LYS 42  42  42  LYS LYS A . n 
A 1 43  LYS 43  43  43  LYS LYS A . n 
A 1 44  LEU 44  44  44  LEU LEU A . n 
A 1 45  THR 45  45  45  THR THR A . n 
A 1 46  PRO 46  46  46  PRO PRO A . n 
A 1 47  LYS 47  47  47  LYS LYS A . n 
A 1 48  ARG 48  48  48  ARG ARG A . n 
A 1 49  ARG 49  49  49  ARG ARG A . n 
A 1 50  GLU 50  50  50  GLU GLU A . n 
A 1 51  LYS 51  51  51  LYS LYS A . n 
A 1 52  LEU 52  52  52  LEU LEU A . n 
A 1 53  PHE 53  53  53  PHE PHE A . n 
A 1 54  ASN 54  54  54  ASN ASN A . n 
A 1 55  GLU 55  55  55  GLU GLU A . n 
A 1 56  ILE 56  56  56  ILE ILE A . n 
A 1 57  LEU 57  57  57  LEU LEU A . n 
A 1 58  GLY 58  58  58  GLY GLY A . n 
A 1 59  VAL 59  59  59  VAL VAL A . n 
A 1 60  LEU 60  60  60  LEU LEU A . n 
A 1 61  ASP 61  61  61  ASP ASP A . n 
A 1 62  ASP 62  62  62  ASP ASP A . n 
A 1 63  TYR 63  63  63  TYR TYR A . n 
A 1 64  VAL 64  64  64  VAL VAL A . n 
A 1 65  ILE 65  65  65  ILE ILE A . n 
A 1 66  LEU 66  66  66  LEU LEU A . n 
A 1 67  GLU 67  67  67  GLU GLU A . n 
A 1 68  LEU 68  68  68  LEU LEU A . n 
A 1 69  PRO 69  69  69  PRO PRO A . n 
A 1 70  PRO 70  70  70  PRO PRO A . n 
A 1 71  ASP 71  71  71  ASP ASP A . n 
A 1 72  VAL 72  72  72  VAL VAL A . n 
A 1 73  ILE 73  73  73  ILE ILE A . n 
A 1 74  GLY 74  74  74  GLY GLY A . n 
A 1 75  SER 75  75  75  SER SER A . n 
A 1 76  ARG 76  76  76  ARG ARG A . n 
A 1 77  GLU 77  77  77  GLU GLU A . n 
A 1 78  GLY 78  78  78  GLY GLY A . n 
A 1 79  THR 79  79  79  THR THR A . n 
A 1 80  LEU 80  80  80  LEU LEU A . n 
A 1 81  ASN 81  81  81  ASN ASN A . n 
A 1 82  GLU 82  82  82  GLU GLU A . n 
A 1 83  PHE 83  83  83  PHE PHE A . n 
A 1 84  GLU 84  84  84  GLU GLU A . n 
A 1 85  VAL 85  85  85  VAL VAL A . n 
A 1 86  GLU 86  86  86  GLU GLU A . n 
A 1 87  ASN 87  87  87  ASN ASN A . n 
A 1 88  PHE 88  88  88  PHE PHE A . n 
A 1 89  ALA 89  89  89  ALA ALA A . n 
A 1 90  LYS 90  90  90  LYS LYS A . n 
A 1 91  ALA 91  91  91  ALA ALA A . n 
A 1 92  LEU 92  92  92  LEU LEU A . n 
A 1 93  ASN 93  93  93  ASN ASN A . n 
A 1 94  SER 94  94  94  SER SER A . n 
A 1 95  LEU 95  95  95  LEU LEU A . n 
A 1 96  LYS 96  96  96  LYS LYS A . n 
A 1 97  VAL 97  97  97  VAL VAL A . n 
A 1 98  LYS 98  98  98  LYS LYS A . n 
A 1 99  PRO 99  99  99  PRO PRO A . n 
A 1 100 ASP 100 100 100 ASP ASP A . n 
A 1 101 VAL 101 101 101 VAL VAL A . n 
A 1 102 ILE 102 102 102 ILE ILE A . n 
A 1 103 TYR 103 103 103 TYR TYR A . n 
A 1 104 ALA 104 104 104 ALA ALA A . n 
A 1 105 ASP 105 105 105 ASP ASP A . n 
A 1 106 ALA 106 106 106 ALA ALA A . n 
A 1 107 ALA 107 107 107 ALA ALA A . n 
A 1 108 ASP 108 108 108 ASP ASP A . n 
A 1 109 VAL 109 109 109 VAL VAL A . n 
A 1 110 ASP 110 110 110 ASP ASP A . n 
A 1 111 GLU 111 111 111 GLU GLU A . n 
A 1 112 GLU 112 112 112 GLU GLU A . n 
A 1 113 ARG 113 113 113 ARG ARG A . n 
A 1 114 PHE 114 114 114 PHE PHE A . n 
A 1 115 ALA 115 115 115 ALA ALA A . n 
A 1 116 ARG 116 116 116 ARG ARG A . n 
A 1 117 GLU 117 117 117 GLU GLU A . n 
A 1 118 LEU 118 118 118 LEU LEU A . n 
A 1 119 GLY 119 119 119 GLY GLY A . n 
A 1 120 GLU 120 120 120 GLU GLU A . n 
A 1 121 ARG 121 121 121 ARG ARG A . n 
A 1 122 LEU 122 122 122 LEU LEU A . n 
A 1 123 ASN 123 123 123 ASN ASN A . n 
A 1 124 PHE 124 124 124 PHE PHE A . n 
A 1 125 GLU 125 125 125 GLU GLU A . n 
A 1 126 ALA 126 126 126 ALA ALA A . n 
A 1 127 GLU 127 127 127 GLU GLU A . n 
A 1 128 VAL 128 128 128 VAL VAL A . n 
A 1 129 VAL 129 129 129 VAL VAL A . n 
A 1 130 ALA 130 130 130 ALA ALA A . n 
A 1 131 LYS 131 131 131 LYS LYS A . n 
A 1 132 HIS 132 132 132 HIS HIS A . n 
A 1 133 LYS 133 133 133 LYS LYS A . n 
A 1 134 ALA 134 134 134 ALA ALA A . n 
A 1 135 ASP 135 135 135 ASP ASP A . n 
A 1 136 ASP 136 136 136 ASP ASP A . n 
A 1 137 ILE 137 137 137 ILE ILE A . n 
A 1 138 PHE 138 138 138 PHE PHE A . n 
A 1 139 PRO 139 139 139 PRO PRO A . n 
A 1 140 VAL 140 140 140 VAL VAL A . n 
A 1 141 VAL 141 141 141 VAL VAL A . n 
A 1 142 SER 142 142 142 SER SER A . n 
A 1 143 ALA 143 143 143 ALA ALA A . n 
A 1 144 ALA 144 144 144 ALA ALA A . n 
A 1 145 SER 145 145 145 SER SER A . n 
A 1 146 ILE 146 146 146 ILE ILE A . n 
A 1 147 LEU 147 147 147 LEU LEU A . n 
A 1 148 ALA 148 148 148 ALA ALA A . n 
A 1 149 LYS 149 149 149 LYS LYS A . n 
A 1 150 VAL 150 150 150 VAL VAL A . n 
A 1 151 THR 151 151 151 THR THR A . n 
A 1 152 ARG 152 152 152 ARG ARG A . n 
A 1 153 ASP 153 153 153 ASP ASP A . n 
A 1 154 ARG 154 154 154 ARG ARG A . n 
A 1 155 ALA 155 155 155 ALA ALA A . n 
A 1 156 VAL 156 156 156 VAL VAL A . n 
A 1 157 GLU 157 157 157 GLU GLU A . n 
A 1 158 LYS 158 158 158 LYS LYS A . n 
A 1 159 LEU 159 159 159 LEU LEU A . n 
A 1 160 LYS 160 160 160 LYS LYS A . n 
A 1 161 GLU 161 161 161 GLU GLU A . n 
A 1 162 GLU 162 162 162 GLU GLU A . n 
A 1 163 TYR 163 163 163 TYR TYR A . n 
A 1 164 GLY 164 164 164 GLY GLY A . n 
A 1 165 GLU 165 165 165 GLU GLU A . n 
A 1 166 ILE 166 166 166 ILE ILE A . n 
A 1 167 GLY 167 167 167 GLY GLY A . n 
A 1 168 SER 168 168 168 SER SER A . n 
A 1 169 GLY 169 169 169 GLY GLY A . n 
A 1 170 TYR 170 170 170 TYR TYR A . n 
A 1 171 PRO 171 171 171 PRO PRO A . n 
A 1 172 SER 172 172 172 SER SER A . n 
A 1 173 ASP 173 173 173 ASP ASP A . n 
A 1 174 PRO 174 174 174 PRO PRO A . n 
A 1 175 ARG 175 175 175 ARG ARG A . n 
A 1 176 THR 176 176 176 THR THR A . n 
A 1 177 ARG 177 177 177 ARG ARG A . n 
A 1 178 ALA 178 178 178 ALA ALA A . n 
A 1 179 PHE 179 179 179 PHE PHE A . n 
A 1 180 LEU 180 180 180 LEU LEU A . n 
A 1 181 GLU 181 181 181 GLU GLU A . n 
A 1 182 ASN 182 182 182 ASN ASN A . n 
A 1 183 TYR 183 183 183 TYR TYR A . n 
A 1 184 TYR 184 184 184 TYR TYR A . n 
A 1 185 ARG 185 185 185 ARG ARG A . n 
A 1 186 GLU 186 186 186 GLU GLU A . n 
A 1 187 HIS 187 187 187 HIS HIS A . n 
A 1 188 GLY 188 188 188 GLY GLY A . n 
A 1 189 GLU 189 189 189 GLU GLU A . n 
A 1 190 PHE 190 190 190 PHE PHE A . n 
A 1 191 PRO 191 191 191 PRO PRO A . n 
A 1 192 PRO 192 192 192 PRO PRO A . n 
A 1 193 ILE 193 193 193 ILE ILE A . n 
A 1 194 VAL 194 194 194 VAL VAL A . n 
A 1 195 ARG 195 195 195 ARG ARG A . n 
A 1 196 LYS 196 196 196 LYS LYS A . n 
A 1 197 GLY 197 197 197 GLY GLY A . n 
A 1 198 TRP 198 198 198 TRP TRP A . n 
A 1 199 LYS 199 199 199 LYS LYS A . n 
A 1 200 THR 200 200 200 THR THR A . n 
A 1 201 THR 201 201 201 THR THR A . n 
A 1 202 GLN 202 202 202 GLN GLN A . n 
A 1 203 ASP 203 203 203 ASP ASP A . n 
A 1 204 MET 204 204 204 MET MET A . n 
A 1 205 ILE 205 205 205 ILE ILE A . n 
A 1 206 ASN 206 206 206 ASN ASN A . n 
A 1 207 LYS 207 207 207 LYS LYS A . n 
A 1 208 SER 208 208 208 SER SER A . n 
A 1 209 THR 209 209 209 THR THR A . n 
# 
loop_
_pdbx_nonpoly_scheme.asym_id 
_pdbx_nonpoly_scheme.entity_id 
_pdbx_nonpoly_scheme.mon_id 
_pdbx_nonpoly_scheme.ndb_seq_num 
_pdbx_nonpoly_scheme.pdb_seq_num 
_pdbx_nonpoly_scheme.auth_seq_num 
_pdbx_nonpoly_scheme.pdb_mon_id 
_pdbx_nonpoly_scheme.auth_mon_id 
_pdbx_nonpoly_scheme.pdb_strand_id 
_pdbx_nonpoly_scheme.pdb_ins_code 
B 2 HOH 1   210 1   HOH WAT A . 
B 2 HOH 2   211 2   HOH WAT A . 
B 2 HOH 3   212 3   HOH WAT A . 
B 2 HOH 4   213 4   HOH WAT A . 
B 2 HOH 5   214 5   HOH WAT A . 
B 2 HOH 6   215 6   HOH WAT A . 
B 2 HOH 7   216 7   HOH WAT A . 
B 2 HOH 8   217 8   HOH WAT A . 
B 2 HOH 9   218 9   HOH WAT A . 
B 2 HOH 10  219 10  HOH WAT A . 
B 2 HOH 11  220 11  HOH WAT A . 
B 2 HOH 12  221 12  HOH WAT A . 
B 2 HOH 13  222 13  HOH WAT A . 
B 2 HOH 14  223 14  HOH WAT A . 
B 2 HOH 15  224 15  HOH WAT A . 
B 2 HOH 16  225 16  HOH WAT A . 
B 2 HOH 17  226 17  HOH WAT A . 
B 2 HOH 18  227 18  HOH WAT A . 
B 2 HOH 19  228 19  HOH WAT A . 
B 2 HOH 20  229 20  HOH WAT A . 
B 2 HOH 21  230 21  HOH WAT A . 
B 2 HOH 22  231 22  HOH WAT A . 
B 2 HOH 23  232 23  HOH WAT A . 
B 2 HOH 24  233 24  HOH WAT A . 
B 2 HOH 25  234 25  HOH WAT A . 
B 2 HOH 26  235 26  HOH WAT A . 
B 2 HOH 27  236 27  HOH WAT A . 
B 2 HOH 28  237 28  HOH WAT A . 
B 2 HOH 29  238 29  HOH WAT A . 
B 2 HOH 30  239 30  HOH WAT A . 
B 2 HOH 31  240 32  HOH WAT A . 
B 2 HOH 32  241 33  HOH WAT A . 
B 2 HOH 33  242 34  HOH WAT A . 
B 2 HOH 34  243 35  HOH WAT A . 
B 2 HOH 35  244 36  HOH WAT A . 
B 2 HOH 36  245 37  HOH WAT A . 
B 2 HOH 37  246 38  HOH WAT A . 
B 2 HOH 38  247 39  HOH WAT A . 
B 2 HOH 39  248 40  HOH WAT A . 
B 2 HOH 40  249 41  HOH WAT A . 
B 2 HOH 41  250 42  HOH WAT A . 
B 2 HOH 42  251 43  HOH WAT A . 
B 2 HOH 43  252 44  HOH WAT A . 
B 2 HOH 44  253 45  HOH WAT A . 
B 2 HOH 45  254 46  HOH WAT A . 
B 2 HOH 46  255 47  HOH WAT A . 
B 2 HOH 47  256 48  HOH WAT A . 
B 2 HOH 48  257 50  HOH WAT A . 
B 2 HOH 49  258 51  HOH WAT A . 
B 2 HOH 50  259 52  HOH WAT A . 
B 2 HOH 51  260 53  HOH WAT A . 
B 2 HOH 52  261 54  HOH WAT A . 
B 2 HOH 53  262 55  HOH WAT A . 
B 2 HOH 54  263 56  HOH WAT A . 
B 2 HOH 55  264 57  HOH WAT A . 
B 2 HOH 56  265 58  HOH WAT A . 
B 2 HOH 57  266 59  HOH WAT A . 
B 2 HOH 58  267 60  HOH WAT A . 
B 2 HOH 59  268 61  HOH WAT A . 
B 2 HOH 60  269 62  HOH WAT A . 
B 2 HOH 61  270 63  HOH WAT A . 
B 2 HOH 62  271 64  HOH WAT A . 
B 2 HOH 63  272 65  HOH WAT A . 
B 2 HOH 64  273 66  HOH WAT A . 
B 2 HOH 65  274 67  HOH WAT A . 
B 2 HOH 66  275 68  HOH WAT A . 
B 2 HOH 67  276 69  HOH WAT A . 
B 2 HOH 68  277 70  HOH WAT A . 
B 2 HOH 69  278 71  HOH WAT A . 
B 2 HOH 70  279 72  HOH WAT A . 
B 2 HOH 71  280 73  HOH WAT A . 
B 2 HOH 72  281 74  HOH WAT A . 
B 2 HOH 73  282 75  HOH WAT A . 
B 2 HOH 74  283 76  HOH WAT A . 
B 2 HOH 75  284 77  HOH WAT A . 
B 2 HOH 76  285 78  HOH WAT A . 
B 2 HOH 77  286 79  HOH WAT A . 
B 2 HOH 78  287 80  HOH WAT A . 
B 2 HOH 79  288 81  HOH WAT A . 
B 2 HOH 80  289 82  HOH WAT A . 
B 2 HOH 81  290 83  HOH WAT A . 
B 2 HOH 82  291 84  HOH WAT A . 
B 2 HOH 83  292 85  HOH WAT A . 
B 2 HOH 84  293 86  HOH WAT A . 
B 2 HOH 85  294 87  HOH WAT A . 
B 2 HOH 86  295 88  HOH WAT A . 
B 2 HOH 87  296 89  HOH WAT A . 
B 2 HOH 88  297 90  HOH WAT A . 
B 2 HOH 89  298 91  HOH WAT A . 
B 2 HOH 90  299 92  HOH WAT A . 
B 2 HOH 91  300 93  HOH WAT A . 
B 2 HOH 92  301 94  HOH WAT A . 
B 2 HOH 93  302 95  HOH WAT A . 
B 2 HOH 94  303 96  HOH WAT A . 
B 2 HOH 95  304 97  HOH WAT A . 
B 2 HOH 96  305 98  HOH WAT A . 
B 2 HOH 97  306 99  HOH WAT A . 
B 2 HOH 98  307 100 HOH WAT A . 
B 2 HOH 99  308 101 HOH WAT A . 
B 2 HOH 100 309 102 HOH WAT A . 
B 2 HOH 101 310 103 HOH WAT A . 
B 2 HOH 102 311 104 HOH WAT A . 
B 2 HOH 103 312 105 HOH WAT A . 
B 2 HOH 104 313 106 HOH WAT A . 
B 2 HOH 105 314 107 HOH WAT A . 
B 2 HOH 106 315 108 HOH WAT A . 
B 2 HOH 107 316 109 HOH WAT A . 
B 2 HOH 108 317 110 HOH WAT A . 
B 2 HOH 109 318 111 HOH WAT A . 
B 2 HOH 110 319 112 HOH WAT A . 
# 
_pdbx_struct_assembly.id                   1 
_pdbx_struct_assembly.details              author_defined_assembly 
_pdbx_struct_assembly.method_details       ? 
_pdbx_struct_assembly.oligomeric_details   monomeric 
_pdbx_struct_assembly.oligomeric_count     1 
# 
_pdbx_struct_assembly_gen.assembly_id       1 
_pdbx_struct_assembly_gen.oper_expression   1 
_pdbx_struct_assembly_gen.asym_id_list      A,B 
# 
_pdbx_struct_oper_list.id                   1 
_pdbx_struct_oper_list.type                 'identity operation' 
_pdbx_struct_oper_list.name                 1_555 
_pdbx_struct_oper_list.symmetry_operation   x,y,z 
_pdbx_struct_oper_list.matrix[1][1]         1.0000000000 
_pdbx_struct_oper_list.matrix[1][2]         0.0000000000 
_pdbx_struct_oper_list.matrix[1][3]         0.0000000000 
_pdbx_struct_oper_list.vector[1]            0.0000000000 
_pdbx_struct_oper_list.matrix[2][1]         0.0000000000 
_pdbx_struct_oper_list.matrix[2][2]         1.0000000000 
_pdbx_struct_oper_list.matrix[2][3]         0.0000000000 
_pdbx_struct_oper_list.vector[2]            0.0000000000 
_pdbx_struct_oper_list.matrix[3][1]         0.0000000000 
_pdbx_struct_oper_list.matrix[3][2]         0.0000000000 
_pdbx_struct_oper_list.matrix[3][3]         1.0000000000 
_pdbx_struct_oper_list.vector[3]            0.0000000000 
# 
loop_
_pdbx_audit_revision_history.ordinal 
_pdbx_audit_revision_history.data_content_type 
_pdbx_audit_revision_history.major_revision 
_pdbx_audit_revision_history.minor_revision 
_pdbx_audit_revision_history.revision_date 
1 'Structure model' 1 0 2007-03-06 
2 'Structure model' 1 1 2008-04-30 
3 'Structure model' 1 2 2011-07-13 
4 'Structure model' 1 3 2023-10-25 
# 
_pdbx_audit_revision_details.ordinal             1 
_pdbx_audit_revision_details.revision_ordinal    1 
_pdbx_audit_revision_details.data_content_type   'Structure model' 
_pdbx_audit_revision_details.provider            repository 
_pdbx_audit_revision_details.type                'Initial release' 
_pdbx_audit_revision_details.description         ? 
_pdbx_audit_revision_details.details             ? 
# 
loop_
_pdbx_audit_revision_group.ordinal 
_pdbx_audit_revision_group.revision_ordinal 
_pdbx_audit_revision_group.data_content_type 
_pdbx_audit_revision_group.group 
1 2 'Structure model' 'Version format compliance' 
2 3 'Structure model' 'Source and taxonomy'       
3 3 'Structure model' 'Version format compliance' 
4 4 'Structure model' 'Data collection'           
5 4 'Structure model' 'Database references'       
6 4 'Structure model' 'Refinement description'    
# 
loop_
_pdbx_audit_revision_category.ordinal 
_pdbx_audit_revision_category.revision_ordinal 
_pdbx_audit_revision_category.data_content_type 
_pdbx_audit_revision_category.category 
1 4 'Structure model' chem_comp_atom                
2 4 'Structure model' chem_comp_bond                
3 4 'Structure model' database_2                    
4 4 'Structure model' pdbx_initial_refinement_model 
# 
loop_
_pdbx_audit_revision_item.ordinal 
_pdbx_audit_revision_item.revision_ordinal 
_pdbx_audit_revision_item.data_content_type 
_pdbx_audit_revision_item.item 
1 4 'Structure model' '_database_2.pdbx_DOI'                
2 4 'Structure model' '_database_2.pdbx_database_accession' 
# 
loop_
_software.name 
_software.classification 
_software.version 
_software.citation_id 
_software.pdbx_ordinal 
CNS       refinement       1.0 ? 1 
HKL-2000  'data reduction' .   ? 2 
SCALEPACK 'data scaling'   .   ? 3 
MOLREP    phasing          .   ? 4 
# 
_pdbx_database_remark.id     999 
_pdbx_database_remark.text   
;SEQUENCE
The C-terminal 9 residues, TQDMINKST are chameleon
sequencein.
;
# 
loop_
_pdbx_validate_torsion.id 
_pdbx_validate_torsion.PDB_model_num 
_pdbx_validate_torsion.auth_comp_id 
_pdbx_validate_torsion.auth_asym_id 
_pdbx_validate_torsion.auth_seq_id 
_pdbx_validate_torsion.PDB_ins_code 
_pdbx_validate_torsion.label_alt_id 
_pdbx_validate_torsion.phi 
_pdbx_validate_torsion.psi 
1 1 LEU A 80  ? ? -76.14  32.08  
2 1 LYS A 133 ? ? 35.67   66.78  
3 1 GLU A 165 ? ? -65.16  92.86  
4 1 HIS A 187 ? ? -156.22 -13.82 
5 1 TRP A 198 ? ? 165.31  -38.32 
6 1 GLN A 202 ? ? 38.54   43.44  
7 1 MET A 204 ? ? -75.82  47.59  
# 
loop_
_pdbx_unobs_or_zero_occ_atoms.id 
_pdbx_unobs_or_zero_occ_atoms.PDB_model_num 
_pdbx_unobs_or_zero_occ_atoms.polymer_flag 
_pdbx_unobs_or_zero_occ_atoms.occupancy_flag 
_pdbx_unobs_or_zero_occ_atoms.auth_asym_id 
_pdbx_unobs_or_zero_occ_atoms.auth_comp_id 
_pdbx_unobs_or_zero_occ_atoms.auth_seq_id 
_pdbx_unobs_or_zero_occ_atoms.PDB_ins_code 
_pdbx_unobs_or_zero_occ_atoms.auth_atom_id 
_pdbx_unobs_or_zero_occ_atoms.label_alt_id 
_pdbx_unobs_or_zero_occ_atoms.label_asym_id 
_pdbx_unobs_or_zero_occ_atoms.label_comp_id 
_pdbx_unobs_or_zero_occ_atoms.label_seq_id 
_pdbx_unobs_or_zero_occ_atoms.label_atom_id 
1 1 Y 1 A LYS 196 ? CG ? A LYS 196 CG 
2 1 Y 1 A LYS 196 ? CD ? A LYS 196 CD 
3 1 Y 1 A LYS 196 ? CE ? A LYS 196 CE 
4 1 Y 1 A LYS 196 ? NZ ? A LYS 196 NZ 
# 
loop_
_chem_comp_atom.comp_id 
_chem_comp_atom.atom_id 
_chem_comp_atom.type_symbol 
_chem_comp_atom.pdbx_aromatic_flag 
_chem_comp_atom.pdbx_stereo_config 
_chem_comp_atom.pdbx_ordinal 
ALA N    N N N 1   
ALA CA   C N S 2   
ALA C    C N N 3   
ALA O    O N N 4   
ALA CB   C N N 5   
ALA OXT  O N N 6   
ALA H    H N N 7   
ALA H2   H N N 8   
ALA HA   H N N 9   
ALA HB1  H N N 10  
ALA HB2  H N N 11  
ALA HB3  H N N 12  
ALA HXT  H N N 13  
ARG N    N N N 14  
ARG CA   C N S 15  
ARG C    C N N 16  
ARG O    O N N 17  
ARG CB   C N N 18  
ARG CG   C N N 19  
ARG CD   C N N 20  
ARG NE   N N N 21  
ARG CZ   C N N 22  
ARG NH1  N N N 23  
ARG NH2  N N N 24  
ARG OXT  O N N 25  
ARG H    H N N 26  
ARG H2   H N N 27  
ARG HA   H N N 28  
ARG HB2  H N N 29  
ARG HB3  H N N 30  
ARG HG2  H N N 31  
ARG HG3  H N N 32  
ARG HD2  H N N 33  
ARG HD3  H N N 34  
ARG HE   H N N 35  
ARG HH11 H N N 36  
ARG HH12 H N N 37  
ARG HH21 H N N 38  
ARG HH22 H N N 39  
ARG HXT  H N N 40  
ASN N    N N N 41  
ASN CA   C N S 42  
ASN C    C N N 43  
ASN O    O N N 44  
ASN CB   C N N 45  
ASN CG   C N N 46  
ASN OD1  O N N 47  
ASN ND2  N N N 48  
ASN OXT  O N N 49  
ASN H    H N N 50  
ASN H2   H N N 51  
ASN HA   H N N 52  
ASN HB2  H N N 53  
ASN HB3  H N N 54  
ASN HD21 H N N 55  
ASN HD22 H N N 56  
ASN HXT  H N N 57  
ASP N    N N N 58  
ASP CA   C N S 59  
ASP C    C N N 60  
ASP O    O N N 61  
ASP CB   C N N 62  
ASP CG   C N N 63  
ASP OD1  O N N 64  
ASP OD2  O N N 65  
ASP OXT  O N N 66  
ASP H    H N N 67  
ASP H2   H N N 68  
ASP HA   H N N 69  
ASP HB2  H N N 70  
ASP HB3  H N N 71  
ASP HD2  H N N 72  
ASP HXT  H N N 73  
GLN N    N N N 74  
GLN CA   C N S 75  
GLN C    C N N 76  
GLN O    O N N 77  
GLN CB   C N N 78  
GLN CG   C N N 79  
GLN CD   C N N 80  
GLN OE1  O N N 81  
GLN NE2  N N N 82  
GLN OXT  O N N 83  
GLN H    H N N 84  
GLN H2   H N N 85  
GLN HA   H N N 86  
GLN HB2  H N N 87  
GLN HB3  H N N 88  
GLN HG2  H N N 89  
GLN HG3  H N N 90  
GLN HE21 H N N 91  
GLN HE22 H N N 92  
GLN HXT  H N N 93  
GLU N    N N N 94  
GLU CA   C N S 95  
GLU C    C N N 96  
GLU O    O N N 97  
GLU CB   C N N 98  
GLU CG   C N N 99  
GLU CD   C N N 100 
GLU OE1  O N N 101 
GLU OE2  O N N 102 
GLU OXT  O N N 103 
GLU H    H N N 104 
GLU H2   H N N 105 
GLU HA   H N N 106 
GLU HB2  H N N 107 
GLU HB3  H N N 108 
GLU HG2  H N N 109 
GLU HG3  H N N 110 
GLU HE2  H N N 111 
GLU HXT  H N N 112 
GLY N    N N N 113 
GLY CA   C N N 114 
GLY C    C N N 115 
GLY O    O N N 116 
GLY OXT  O N N 117 
GLY H    H N N 118 
GLY H2   H N N 119 
GLY HA2  H N N 120 
GLY HA3  H N N 121 
GLY HXT  H N N 122 
HIS N    N N N 123 
HIS CA   C N S 124 
HIS C    C N N 125 
HIS O    O N N 126 
HIS CB   C N N 127 
HIS CG   C Y N 128 
HIS ND1  N Y N 129 
HIS CD2  C Y N 130 
HIS CE1  C Y N 131 
HIS NE2  N Y N 132 
HIS OXT  O N N 133 
HIS H    H N N 134 
HIS H2   H N N 135 
HIS HA   H N N 136 
HIS HB2  H N N 137 
HIS HB3  H N N 138 
HIS HD1  H N N 139 
HIS HD2  H N N 140 
HIS HE1  H N N 141 
HIS HE2  H N N 142 
HIS HXT  H N N 143 
HOH O    O N N 144 
HOH H1   H N N 145 
HOH H2   H N N 146 
ILE N    N N N 147 
ILE CA   C N S 148 
ILE C    C N N 149 
ILE O    O N N 150 
ILE CB   C N S 151 
ILE CG1  C N N 152 
ILE CG2  C N N 153 
ILE CD1  C N N 154 
ILE OXT  O N N 155 
ILE H    H N N 156 
ILE H2   H N N 157 
ILE HA   H N N 158 
ILE HB   H N N 159 
ILE HG12 H N N 160 
ILE HG13 H N N 161 
ILE HG21 H N N 162 
ILE HG22 H N N 163 
ILE HG23 H N N 164 
ILE HD11 H N N 165 
ILE HD12 H N N 166 
ILE HD13 H N N 167 
ILE HXT  H N N 168 
LEU N    N N N 169 
LEU CA   C N S 170 
LEU C    C N N 171 
LEU O    O N N 172 
LEU CB   C N N 173 
LEU CG   C N N 174 
LEU CD1  C N N 175 
LEU CD2  C N N 176 
LEU OXT  O N N 177 
LEU H    H N N 178 
LEU H2   H N N 179 
LEU HA   H N N 180 
LEU HB2  H N N 181 
LEU HB3  H N N 182 
LEU HG   H N N 183 
LEU HD11 H N N 184 
LEU HD12 H N N 185 
LEU HD13 H N N 186 
LEU HD21 H N N 187 
LEU HD22 H N N 188 
LEU HD23 H N N 189 
LEU HXT  H N N 190 
LYS N    N N N 191 
LYS CA   C N S 192 
LYS C    C N N 193 
LYS O    O N N 194 
LYS CB   C N N 195 
LYS CG   C N N 196 
LYS CD   C N N 197 
LYS CE   C N N 198 
LYS NZ   N N N 199 
LYS OXT  O N N 200 
LYS H    H N N 201 
LYS H2   H N N 202 
LYS HA   H N N 203 
LYS HB2  H N N 204 
LYS HB3  H N N 205 
LYS HG2  H N N 206 
LYS HG3  H N N 207 
LYS HD2  H N N 208 
LYS HD3  H N N 209 
LYS HE2  H N N 210 
LYS HE3  H N N 211 
LYS HZ1  H N N 212 
LYS HZ2  H N N 213 
LYS HZ3  H N N 214 
LYS HXT  H N N 215 
MET N    N N N 216 
MET CA   C N S 217 
MET C    C N N 218 
MET O    O N N 219 
MET CB   C N N 220 
MET CG   C N N 221 
MET SD   S N N 222 
MET CE   C N N 223 
MET OXT  O N N 224 
MET H    H N N 225 
MET H2   H N N 226 
MET HA   H N N 227 
MET HB2  H N N 228 
MET HB3  H N N 229 
MET HG2  H N N 230 
MET HG3  H N N 231 
MET HE1  H N N 232 
MET HE2  H N N 233 
MET HE3  H N N 234 
MET HXT  H N N 235 
PHE N    N N N 236 
PHE CA   C N S 237 
PHE C    C N N 238 
PHE O    O N N 239 
PHE CB   C N N 240 
PHE CG   C Y N 241 
PHE CD1  C Y N 242 
PHE CD2  C Y N 243 
PHE CE1  C Y N 244 
PHE CE2  C Y N 245 
PHE CZ   C Y N 246 
PHE OXT  O N N 247 
PHE H    H N N 248 
PHE H2   H N N 249 
PHE HA   H N N 250 
PHE HB2  H N N 251 
PHE HB3  H N N 252 
PHE HD1  H N N 253 
PHE HD2  H N N 254 
PHE HE1  H N N 255 
PHE HE2  H N N 256 
PHE HZ   H N N 257 
PHE HXT  H N N 258 
PRO N    N N N 259 
PRO CA   C N S 260 
PRO C    C N N 261 
PRO O    O N N 262 
PRO CB   C N N 263 
PRO CG   C N N 264 
PRO CD   C N N 265 
PRO OXT  O N N 266 
PRO H    H N N 267 
PRO HA   H N N 268 
PRO HB2  H N N 269 
PRO HB3  H N N 270 
PRO HG2  H N N 271 
PRO HG3  H N N 272 
PRO HD2  H N N 273 
PRO HD3  H N N 274 
PRO HXT  H N N 275 
SER N    N N N 276 
SER CA   C N S 277 
SER C    C N N 278 
SER O    O N N 279 
SER CB   C N N 280 
SER OG   O N N 281 
SER OXT  O N N 282 
SER H    H N N 283 
SER H2   H N N 284 
SER HA   H N N 285 
SER HB2  H N N 286 
SER HB3  H N N 287 
SER HG   H N N 288 
SER HXT  H N N 289 
THR N    N N N 290 
THR CA   C N S 291 
THR C    C N N 292 
THR O    O N N 293 
THR CB   C N R 294 
THR OG1  O N N 295 
THR CG2  C N N 296 
THR OXT  O N N 297 
THR H    H N N 298 
THR H2   H N N 299 
THR HA   H N N 300 
THR HB   H N N 301 
THR HG1  H N N 302 
THR HG21 H N N 303 
THR HG22 H N N 304 
THR HG23 H N N 305 
THR HXT  H N N 306 
TRP N    N N N 307 
TRP CA   C N S 308 
TRP C    C N N 309 
TRP O    O N N 310 
TRP CB   C N N 311 
TRP CG   C Y N 312 
TRP CD1  C Y N 313 
TRP CD2  C Y N 314 
TRP NE1  N Y N 315 
TRP CE2  C Y N 316 
TRP CE3  C Y N 317 
TRP CZ2  C Y N 318 
TRP CZ3  C Y N 319 
TRP CH2  C Y N 320 
TRP OXT  O N N 321 
TRP H    H N N 322 
TRP H2   H N N 323 
TRP HA   H N N 324 
TRP HB2  H N N 325 
TRP HB3  H N N 326 
TRP HD1  H N N 327 
TRP HE1  H N N 328 
TRP HE3  H N N 329 
TRP HZ2  H N N 330 
TRP HZ3  H N N 331 
TRP HH2  H N N 332 
TRP HXT  H N N 333 
TYR N    N N N 334 
TYR CA   C N S 335 
TYR C    C N N 336 
TYR O    O N N 337 
TYR CB   C N N 338 
TYR CG   C Y N 339 
TYR CD1  C Y N 340 
TYR CD2  C Y N 341 
TYR CE1  C Y N 342 
TYR CE2  C Y N 343 
TYR CZ   C Y N 344 
TYR OH   O N N 345 
TYR OXT  O N N 346 
TYR H    H N N 347 
TYR H2   H N N 348 
TYR HA   H N N 349 
TYR HB2  H N N 350 
TYR HB3  H N N 351 
TYR HD1  H N N 352 
TYR HD2  H N N 353 
TYR HE1  H N N 354 
TYR HE2  H N N 355 
TYR HH   H N N 356 
TYR HXT  H N N 357 
VAL N    N N N 358 
VAL CA   C N S 359 
VAL C    C N N 360 
VAL O    O N N 361 
VAL CB   C N N 362 
VAL CG1  C N N 363 
VAL CG2  C N N 364 
VAL OXT  O N N 365 
VAL H    H N N 366 
VAL H2   H N N 367 
VAL HA   H N N 368 
VAL HB   H N N 369 
VAL HG11 H N N 370 
VAL HG12 H N N 371 
VAL HG13 H N N 372 
VAL HG21 H N N 373 
VAL HG22 H N N 374 
VAL HG23 H N N 375 
VAL HXT  H N N 376 
# 
loop_
_chem_comp_bond.comp_id 
_chem_comp_bond.atom_id_1 
_chem_comp_bond.atom_id_2 
_chem_comp_bond.value_order 
_chem_comp_bond.pdbx_aromatic_flag 
_chem_comp_bond.pdbx_stereo_config 
_chem_comp_bond.pdbx_ordinal 
ALA N   CA   sing N N 1   
ALA N   H    sing N N 2   
ALA N   H2   sing N N 3   
ALA CA  C    sing N N 4   
ALA CA  CB   sing N N 5   
ALA CA  HA   sing N N 6   
ALA C   O    doub N N 7   
ALA C   OXT  sing N N 8   
ALA CB  HB1  sing N N 9   
ALA CB  HB2  sing N N 10  
ALA CB  HB3  sing N N 11  
ALA OXT HXT  sing N N 12  
ARG N   CA   sing N N 13  
ARG N   H    sing N N 14  
ARG N   H2   sing N N 15  
ARG CA  C    sing N N 16  
ARG CA  CB   sing N N 17  
ARG CA  HA   sing N N 18  
ARG C   O    doub N N 19  
ARG C   OXT  sing N N 20  
ARG CB  CG   sing N N 21  
ARG CB  HB2  sing N N 22  
ARG CB  HB3  sing N N 23  
ARG CG  CD   sing N N 24  
ARG CG  HG2  sing N N 25  
ARG CG  HG3  sing N N 26  
ARG CD  NE   sing N N 27  
ARG CD  HD2  sing N N 28  
ARG CD  HD3  sing N N 29  
ARG NE  CZ   sing N N 30  
ARG NE  HE   sing N N 31  
ARG CZ  NH1  sing N N 32  
ARG CZ  NH2  doub N N 33  
ARG NH1 HH11 sing N N 34  
ARG NH1 HH12 sing N N 35  
ARG NH2 HH21 sing N N 36  
ARG NH2 HH22 sing N N 37  
ARG OXT HXT  sing N N 38  
ASN N   CA   sing N N 39  
ASN N   H    sing N N 40  
ASN N   H2   sing N N 41  
ASN CA  C    sing N N 42  
ASN CA  CB   sing N N 43  
ASN CA  HA   sing N N 44  
ASN C   O    doub N N 45  
ASN C   OXT  sing N N 46  
ASN CB  CG   sing N N 47  
ASN CB  HB2  sing N N 48  
ASN CB  HB3  sing N N 49  
ASN CG  OD1  doub N N 50  
ASN CG  ND2  sing N N 51  
ASN ND2 HD21 sing N N 52  
ASN ND2 HD22 sing N N 53  
ASN OXT HXT  sing N N 54  
ASP N   CA   sing N N 55  
ASP N   H    sing N N 56  
ASP N   H2   sing N N 57  
ASP CA  C    sing N N 58  
ASP CA  CB   sing N N 59  
ASP CA  HA   sing N N 60  
ASP C   O    doub N N 61  
ASP C   OXT  sing N N 62  
ASP CB  CG   sing N N 63  
ASP CB  HB2  sing N N 64  
ASP CB  HB3  sing N N 65  
ASP CG  OD1  doub N N 66  
ASP CG  OD2  sing N N 67  
ASP OD2 HD2  sing N N 68  
ASP OXT HXT  sing N N 69  
GLN N   CA   sing N N 70  
GLN N   H    sing N N 71  
GLN N   H2   sing N N 72  
GLN CA  C    sing N N 73  
GLN CA  CB   sing N N 74  
GLN CA  HA   sing N N 75  
GLN C   O    doub N N 76  
GLN C   OXT  sing N N 77  
GLN CB  CG   sing N N 78  
GLN CB  HB2  sing N N 79  
GLN CB  HB3  sing N N 80  
GLN CG  CD   sing N N 81  
GLN CG  HG2  sing N N 82  
GLN CG  HG3  sing N N 83  
GLN CD  OE1  doub N N 84  
GLN CD  NE2  sing N N 85  
GLN NE2 HE21 sing N N 86  
GLN NE2 HE22 sing N N 87  
GLN OXT HXT  sing N N 88  
GLU N   CA   sing N N 89  
GLU N   H    sing N N 90  
GLU N   H2   sing N N 91  
GLU CA  C    sing N N 92  
GLU CA  CB   sing N N 93  
GLU CA  HA   sing N N 94  
GLU C   O    doub N N 95  
GLU C   OXT  sing N N 96  
GLU CB  CG   sing N N 97  
GLU CB  HB2  sing N N 98  
GLU CB  HB3  sing N N 99  
GLU CG  CD   sing N N 100 
GLU CG  HG2  sing N N 101 
GLU CG  HG3  sing N N 102 
GLU CD  OE1  doub N N 103 
GLU CD  OE2  sing N N 104 
GLU OE2 HE2  sing N N 105 
GLU OXT HXT  sing N N 106 
GLY N   CA   sing N N 107 
GLY N   H    sing N N 108 
GLY N   H2   sing N N 109 
GLY CA  C    sing N N 110 
GLY CA  HA2  sing N N 111 
GLY CA  HA3  sing N N 112 
GLY C   O    doub N N 113 
GLY C   OXT  sing N N 114 
GLY OXT HXT  sing N N 115 
HIS N   CA   sing N N 116 
HIS N   H    sing N N 117 
HIS N   H2   sing N N 118 
HIS CA  C    sing N N 119 
HIS CA  CB   sing N N 120 
HIS CA  HA   sing N N 121 
HIS C   O    doub N N 122 
HIS C   OXT  sing N N 123 
HIS CB  CG   sing N N 124 
HIS CB  HB2  sing N N 125 
HIS CB  HB3  sing N N 126 
HIS CG  ND1  sing Y N 127 
HIS CG  CD2  doub Y N 128 
HIS ND1 CE1  doub Y N 129 
HIS ND1 HD1  sing N N 130 
HIS CD2 NE2  sing Y N 131 
HIS CD2 HD2  sing N N 132 
HIS CE1 NE2  sing Y N 133 
HIS CE1 HE1  sing N N 134 
HIS NE2 HE2  sing N N 135 
HIS OXT HXT  sing N N 136 
HOH O   H1   sing N N 137 
HOH O   H2   sing N N 138 
ILE N   CA   sing N N 139 
ILE N   H    sing N N 140 
ILE N   H2   sing N N 141 
ILE CA  C    sing N N 142 
ILE CA  CB   sing N N 143 
ILE CA  HA   sing N N 144 
ILE C   O    doub N N 145 
ILE C   OXT  sing N N 146 
ILE CB  CG1  sing N N 147 
ILE CB  CG2  sing N N 148 
ILE CB  HB   sing N N 149 
ILE CG1 CD1  sing N N 150 
ILE CG1 HG12 sing N N 151 
ILE CG1 HG13 sing N N 152 
ILE CG2 HG21 sing N N 153 
ILE CG2 HG22 sing N N 154 
ILE CG2 HG23 sing N N 155 
ILE CD1 HD11 sing N N 156 
ILE CD1 HD12 sing N N 157 
ILE CD1 HD13 sing N N 158 
ILE OXT HXT  sing N N 159 
LEU N   CA   sing N N 160 
LEU N   H    sing N N 161 
LEU N   H2   sing N N 162 
LEU CA  C    sing N N 163 
LEU CA  CB   sing N N 164 
LEU CA  HA   sing N N 165 
LEU C   O    doub N N 166 
LEU C   OXT  sing N N 167 
LEU CB  CG   sing N N 168 
LEU CB  HB2  sing N N 169 
LEU CB  HB3  sing N N 170 
LEU CG  CD1  sing N N 171 
LEU CG  CD2  sing N N 172 
LEU CG  HG   sing N N 173 
LEU CD1 HD11 sing N N 174 
LEU CD1 HD12 sing N N 175 
LEU CD1 HD13 sing N N 176 
LEU CD2 HD21 sing N N 177 
LEU CD2 HD22 sing N N 178 
LEU CD2 HD23 sing N N 179 
LEU OXT HXT  sing N N 180 
LYS N   CA   sing N N 181 
LYS N   H    sing N N 182 
LYS N   H2   sing N N 183 
LYS CA  C    sing N N 184 
LYS CA  CB   sing N N 185 
LYS CA  HA   sing N N 186 
LYS C   O    doub N N 187 
LYS C   OXT  sing N N 188 
LYS CB  CG   sing N N 189 
LYS CB  HB2  sing N N 190 
LYS CB  HB3  sing N N 191 
LYS CG  CD   sing N N 192 
LYS CG  HG2  sing N N 193 
LYS CG  HG3  sing N N 194 
LYS CD  CE   sing N N 195 
LYS CD  HD2  sing N N 196 
LYS CD  HD3  sing N N 197 
LYS CE  NZ   sing N N 198 
LYS CE  HE2  sing N N 199 
LYS CE  HE3  sing N N 200 
LYS NZ  HZ1  sing N N 201 
LYS NZ  HZ2  sing N N 202 
LYS NZ  HZ3  sing N N 203 
LYS OXT HXT  sing N N 204 
MET N   CA   sing N N 205 
MET N   H    sing N N 206 
MET N   H2   sing N N 207 
MET CA  C    sing N N 208 
MET CA  CB   sing N N 209 
MET CA  HA   sing N N 210 
MET C   O    doub N N 211 
MET C   OXT  sing N N 212 
MET CB  CG   sing N N 213 
MET CB  HB2  sing N N 214 
MET CB  HB3  sing N N 215 
MET CG  SD   sing N N 216 
MET CG  HG2  sing N N 217 
MET CG  HG3  sing N N 218 
MET SD  CE   sing N N 219 
MET CE  HE1  sing N N 220 
MET CE  HE2  sing N N 221 
MET CE  HE3  sing N N 222 
MET OXT HXT  sing N N 223 
PHE N   CA   sing N N 224 
PHE N   H    sing N N 225 
PHE N   H2   sing N N 226 
PHE CA  C    sing N N 227 
PHE CA  CB   sing N N 228 
PHE CA  HA   sing N N 229 
PHE C   O    doub N N 230 
PHE C   OXT  sing N N 231 
PHE CB  CG   sing N N 232 
PHE CB  HB2  sing N N 233 
PHE CB  HB3  sing N N 234 
PHE CG  CD1  doub Y N 235 
PHE CG  CD2  sing Y N 236 
PHE CD1 CE1  sing Y N 237 
PHE CD1 HD1  sing N N 238 
PHE CD2 CE2  doub Y N 239 
PHE CD2 HD2  sing N N 240 
PHE CE1 CZ   doub Y N 241 
PHE CE1 HE1  sing N N 242 
PHE CE2 CZ   sing Y N 243 
PHE CE2 HE2  sing N N 244 
PHE CZ  HZ   sing N N 245 
PHE OXT HXT  sing N N 246 
PRO N   CA   sing N N 247 
PRO N   CD   sing N N 248 
PRO N   H    sing N N 249 
PRO CA  C    sing N N 250 
PRO CA  CB   sing N N 251 
PRO CA  HA   sing N N 252 
PRO C   O    doub N N 253 
PRO C   OXT  sing N N 254 
PRO CB  CG   sing N N 255 
PRO CB  HB2  sing N N 256 
PRO CB  HB3  sing N N 257 
PRO CG  CD   sing N N 258 
PRO CG  HG2  sing N N 259 
PRO CG  HG3  sing N N 260 
PRO CD  HD2  sing N N 261 
PRO CD  HD3  sing N N 262 
PRO OXT HXT  sing N N 263 
SER N   CA   sing N N 264 
SER N   H    sing N N 265 
SER N   H2   sing N N 266 
SER CA  C    sing N N 267 
SER CA  CB   sing N N 268 
SER CA  HA   sing N N 269 
SER C   O    doub N N 270 
SER C   OXT  sing N N 271 
SER CB  OG   sing N N 272 
SER CB  HB2  sing N N 273 
SER CB  HB3  sing N N 274 
SER OG  HG   sing N N 275 
SER OXT HXT  sing N N 276 
THR N   CA   sing N N 277 
THR N   H    sing N N 278 
THR N   H2   sing N N 279 
THR CA  C    sing N N 280 
THR CA  CB   sing N N 281 
THR CA  HA   sing N N 282 
THR C   O    doub N N 283 
THR C   OXT  sing N N 284 
THR CB  OG1  sing N N 285 
THR CB  CG2  sing N N 286 
THR CB  HB   sing N N 287 
THR OG1 HG1  sing N N 288 
THR CG2 HG21 sing N N 289 
THR CG2 HG22 sing N N 290 
THR CG2 HG23 sing N N 291 
THR OXT HXT  sing N N 292 
TRP N   CA   sing N N 293 
TRP N   H    sing N N 294 
TRP N   H2   sing N N 295 
TRP CA  C    sing N N 296 
TRP CA  CB   sing N N 297 
TRP CA  HA   sing N N 298 
TRP C   O    doub N N 299 
TRP C   OXT  sing N N 300 
TRP CB  CG   sing N N 301 
TRP CB  HB2  sing N N 302 
TRP CB  HB3  sing N N 303 
TRP CG  CD1  doub Y N 304 
TRP CG  CD2  sing Y N 305 
TRP CD1 NE1  sing Y N 306 
TRP CD1 HD1  sing N N 307 
TRP CD2 CE2  doub Y N 308 
TRP CD2 CE3  sing Y N 309 
TRP NE1 CE2  sing Y N 310 
TRP NE1 HE1  sing N N 311 
TRP CE2 CZ2  sing Y N 312 
TRP CE3 CZ3  doub Y N 313 
TRP CE3 HE3  sing N N 314 
TRP CZ2 CH2  doub Y N 315 
TRP CZ2 HZ2  sing N N 316 
TRP CZ3 CH2  sing Y N 317 
TRP CZ3 HZ3  sing N N 318 
TRP CH2 HH2  sing N N 319 
TRP OXT HXT  sing N N 320 
TYR N   CA   sing N N 321 
TYR N   H    sing N N 322 
TYR N   H2   sing N N 323 
TYR CA  C    sing N N 324 
TYR CA  CB   sing N N 325 
TYR CA  HA   sing N N 326 
TYR C   O    doub N N 327 
TYR C   OXT  sing N N 328 
TYR CB  CG   sing N N 329 
TYR CB  HB2  sing N N 330 
TYR CB  HB3  sing N N 331 
TYR CG  CD1  doub Y N 332 
TYR CG  CD2  sing Y N 333 
TYR CD1 CE1  sing Y N 334 
TYR CD1 HD1  sing N N 335 
TYR CD2 CE2  doub Y N 336 
TYR CD2 HD2  sing N N 337 
TYR CE1 CZ   doub Y N 338 
TYR CE1 HE1  sing N N 339 
TYR CE2 CZ   sing Y N 340 
TYR CE2 HE2  sing N N 341 
TYR CZ  OH   sing N N 342 
TYR OH  HH   sing N N 343 
TYR OXT HXT  sing N N 344 
VAL N   CA   sing N N 345 
VAL N   H    sing N N 346 
VAL N   H2   sing N N 347 
VAL CA  C    sing N N 348 
VAL CA  CB   sing N N 349 
VAL CA  HA   sing N N 350 
VAL C   O    doub N N 351 
VAL C   OXT  sing N N 352 
VAL CB  CG1  sing N N 353 
VAL CB  CG2  sing N N 354 
VAL CB  HB   sing N N 355 
VAL CG1 HG11 sing N N 356 
VAL CG1 HG12 sing N N 357 
VAL CG1 HG13 sing N N 358 
VAL CG2 HG21 sing N N 359 
VAL CG2 HG22 sing N N 360 
VAL CG2 HG23 sing N N 361 
VAL OXT HXT  sing N N 362 
# 
_pdbx_entity_nonpoly.entity_id   2 
_pdbx_entity_nonpoly.name        water 
_pdbx_entity_nonpoly.comp_id     HOH 
# 
_pdbx_initial_refinement_model.id               1 
_pdbx_initial_refinement_model.entity_id_list   ? 
_pdbx_initial_refinement_model.type             'experimental model' 
_pdbx_initial_refinement_model.source_name      PDB 
_pdbx_initial_refinement_model.accession_code   1IO2 
_pdbx_initial_refinement_model.details          'PDB ENTRY 1IO2' 
# 
